data_8GOA
#
_entry.id   8GOA
#
_cell.length_a   161.470
_cell.length_b   161.470
_cell.length_c   291.907
_cell.angle_alpha   90.00
_cell.angle_beta   90.00
_cell.angle_gamma   90.00
#
_symmetry.space_group_name_H-M   'P 43 21 2'
#
loop_
_entity.id
_entity.type
_entity.pdbx_description
1 polymer 'Glycerol dehydrogenase'
2 non-polymer 'ZINC ION'
3 non-polymer 2-AMINO-2-HYDROXYMETHYL-PROPANE-1,3-DIOL
4 water water
#
_entity_poly.entity_id   1
_entity_poly.type   'polypeptide(L)'
_entity_poly.pdbx_seq_one_letter_code
;MDRIIQSPGKYIQGADVINRLGEYLKPLAERWLVVGDKFVLGFAQSTVEKSFKDAGLVVEIAPFGGECSQNEIDRLRGIA
ETAQCGAILGIGGGKTLDTAKALAHFMGVPVAIAPTIASTDAPCSALSVIYTDEGEFDRYLLLPNNPNMVIVDTKIVAGA
PARLLAAGIGDALATWFEARACSRSGATTMAGGKCTQAALALAELCYNTLLEEGEKAMLAAEQHVVTPALERVIEANTYL
SGVGFESGGLAAAHAVHNGLTAIPDAHHYYHGEKVAFGTLTQLVLENAPVEEIETVAALSHAVGLPITLAQLDIKEDVPA
KMRIVAEAACAEGETIHNMPGGATPDQVYAALLVADQYGQRFLQEWELEHHHHHH
;
_entity_poly.pdbx_strand_id   A,B,C,D
#
# COMPACT_ATOMS: atom_id res chain seq x y z
N MET A 1 32.19 24.98 -4.62
CA MET A 1 31.37 25.90 -3.82
C MET A 1 30.63 25.14 -2.69
N ASP A 2 29.88 25.87 -1.87
CA ASP A 2 28.98 25.22 -0.94
C ASP A 2 27.68 24.87 -1.66
N ARG A 3 27.10 23.75 -1.26
CA ARG A 3 25.77 23.35 -1.73
C ARG A 3 24.74 23.82 -0.72
N ILE A 4 23.72 24.54 -1.19
CA ILE A 4 22.73 25.20 -0.34
C ILE A 4 21.32 24.88 -0.85
N ILE A 5 20.40 24.59 0.07
CA ILE A 5 18.97 24.44 -0.25
C ILE A 5 18.16 25.24 0.76
N GLN A 6 17.34 26.17 0.26
CA GLN A 6 16.44 26.96 1.11
C GLN A 6 15.02 26.42 1.05
N SER A 7 14.20 26.82 2.05
CA SER A 7 12.80 26.41 2.12
C SER A 7 11.99 27.28 3.09
N PRO A 8 10.67 27.43 2.91
CA PRO A 8 9.84 27.95 4.00
C PRO A 8 9.84 26.99 5.17
N GLY A 9 9.63 27.53 6.38
CA GLY A 9 9.77 26.71 7.58
C GLY A 9 8.75 25.60 7.65
N LYS A 10 7.51 25.89 7.28
CA LYS A 10 6.43 24.90 7.35
C LYS A 10 5.55 25.15 6.15
N TYR A 11 5.25 24.07 5.40
CA TYR A 11 4.33 24.11 4.26
C TYR A 11 3.13 23.23 4.60
N ILE A 12 1.93 23.82 4.56
CA ILE A 12 0.68 23.14 4.90
C ILE A 12 -0.29 23.31 3.75
N GLN A 13 -0.93 22.21 3.35
CA GLN A 13 -2.00 22.31 2.36
C GLN A 13 -3.08 21.31 2.70
N GLY A 14 -4.32 21.72 2.43
CA GLY A 14 -5.48 20.92 2.79
C GLY A 14 -6.74 21.66 2.42
N ALA A 15 -7.84 20.91 2.38
CA ALA A 15 -9.12 21.50 2.04
C ALA A 15 -9.75 22.12 3.28
N ASP A 16 -10.22 23.37 3.14
CA ASP A 16 -10.85 24.13 4.23
C ASP A 16 -9.87 24.43 5.36
N VAL A 17 -8.60 24.61 4.99
CA VAL A 17 -7.55 24.78 5.97
C VAL A 17 -7.54 26.18 6.57
N ILE A 18 -8.23 27.15 5.94
CA ILE A 18 -8.29 28.48 6.55
C ILE A 18 -9.11 28.45 7.83
N ASN A 19 -9.90 27.41 8.06
CA ASN A 19 -10.55 27.24 9.35
C ASN A 19 -9.55 26.97 10.47
N ARG A 20 -8.37 26.44 10.13
CA ARG A 20 -7.36 26.09 11.10
C ARG A 20 -6.19 27.07 11.10
N LEU A 21 -6.33 28.20 10.40
CA LEU A 21 -5.26 29.18 10.34
C LEU A 21 -4.77 29.59 11.73
N GLY A 22 -5.69 29.67 12.70
CA GLY A 22 -5.33 30.14 14.03
C GLY A 22 -4.39 29.20 14.77
N GLU A 23 -4.76 27.92 14.88
CA GLU A 23 -3.91 26.99 15.60
C GLU A 23 -2.55 26.85 14.93
N TYR A 24 -2.52 26.86 13.60
CA TYR A 24 -1.24 26.74 12.91
C TYR A 24 -0.36 27.94 13.16
N LEU A 25 -0.95 29.13 13.30
CA LEU A 25 -0.17 30.34 13.44
C LEU A 25 0.10 30.69 14.89
N LYS A 26 -0.60 30.05 15.84
CA LYS A 26 -0.44 30.31 17.27
C LYS A 26 1.00 30.51 17.73
N PRO A 27 1.95 29.60 17.47
CA PRO A 27 3.26 29.73 18.12
C PRO A 27 4.09 30.89 17.60
N LEU A 28 3.64 31.57 16.55
CA LEU A 28 4.47 32.60 15.94
C LEU A 28 4.32 33.95 16.63
N ALA A 29 3.11 34.27 17.09
CA ALA A 29 2.82 35.58 17.61
C ALA A 29 1.39 35.56 18.15
N GLU A 30 1.09 36.51 19.02
CA GLU A 30 -0.28 36.66 19.53
C GLU A 30 -1.09 37.69 18.76
N ARG A 31 -0.46 38.71 18.20
CA ARG A 31 -1.18 39.80 17.56
C ARG A 31 -0.77 39.88 16.09
N TRP A 32 -1.74 39.65 15.21
CA TRP A 32 -1.50 39.50 13.78
C TRP A 32 -2.12 40.65 12.99
N LEU A 33 -1.41 41.05 11.93
CA LEU A 33 -1.96 41.89 10.87
C LEU A 33 -2.26 41.02 9.66
N VAL A 34 -3.51 41.08 9.17
CA VAL A 34 -3.98 40.34 8.01
C VAL A 34 -4.08 41.26 6.79
N VAL A 35 -3.10 41.20 5.88
CA VAL A 35 -3.16 41.92 4.61
C VAL A 35 -3.99 41.12 3.62
N GLY A 36 -5.15 41.64 3.25
CA GLY A 36 -6.03 40.95 2.32
C GLY A 36 -6.56 41.85 1.22
N ASP A 37 -6.58 41.34 0.01
CA ASP A 37 -7.26 42.04 -1.08
C ASP A 37 -8.76 42.13 -0.76
N LYS A 38 -9.41 43.18 -1.30
CA LYS A 38 -10.83 43.40 -1.00
C LYS A 38 -11.69 42.21 -1.42
N PHE A 39 -11.41 41.62 -2.58
CA PHE A 39 -12.16 40.45 -3.03
C PHE A 39 -11.95 39.26 -2.10
N VAL A 40 -10.70 39.00 -1.71
CA VAL A 40 -10.36 37.83 -0.89
C VAL A 40 -11.00 37.91 0.49
N LEU A 41 -10.96 39.08 1.11
CA LEU A 41 -11.61 39.27 2.40
C LEU A 41 -13.12 39.16 2.29
N GLY A 42 -13.66 39.29 1.07
CA GLY A 42 -15.09 39.15 0.90
C GLY A 42 -15.61 37.81 1.37
N PHE A 43 -14.92 36.72 1.04
CA PHE A 43 -15.33 35.37 1.42
C PHE A 43 -14.51 34.82 2.58
N ALA A 44 -13.35 35.41 2.87
CA ALA A 44 -12.43 34.84 3.83
C ALA A 44 -12.41 35.55 5.19
N GLN A 45 -12.69 36.86 5.23
CA GLN A 45 -12.51 37.63 6.45
C GLN A 45 -13.27 37.02 7.62
N SER A 46 -14.58 36.86 7.47
CA SER A 46 -15.40 36.28 8.53
C SER A 46 -14.79 34.98 9.07
N THR A 47 -14.38 34.08 8.16
CA THR A 47 -13.79 32.80 8.59
C THR A 47 -12.44 33.01 9.28
N VAL A 48 -11.61 33.91 8.74
CA VAL A 48 -10.30 34.20 9.33
C VAL A 48 -10.46 34.70 10.75
N GLU A 49 -11.33 35.71 10.95
CA GLU A 49 -11.49 36.28 12.29
C GLU A 49 -11.92 35.24 13.31
N LYS A 50 -12.77 34.28 12.92
CA LYS A 50 -13.18 33.23 13.84
C LYS A 50 -12.05 32.25 14.13
N SER A 51 -11.26 31.91 13.12
CA SER A 51 -10.15 31.00 13.34
C SER A 51 -9.13 31.63 14.28
N PHE A 52 -8.83 32.92 14.08
CA PHE A 52 -7.90 33.60 14.97
C PHE A 52 -8.48 33.74 16.37
N LYS A 53 -9.71 34.23 16.49
CA LYS A 53 -10.29 34.49 17.80
C LYS A 53 -10.39 33.22 18.62
N ASP A 54 -10.85 32.12 18.02
CA ASP A 54 -10.98 30.86 18.76
C ASP A 54 -9.63 30.34 19.24
N ALA A 55 -8.56 30.60 18.48
CA ALA A 55 -7.19 30.22 18.83
C ALA A 55 -6.56 31.14 19.87
N GLY A 56 -7.32 32.09 20.42
CA GLY A 56 -6.76 33.01 21.41
C GLY A 56 -5.86 34.07 20.82
N LEU A 57 -5.94 34.28 19.51
CA LEU A 57 -5.15 35.29 18.81
C LEU A 57 -5.94 36.57 18.65
N VAL A 58 -5.25 37.63 18.24
CA VAL A 58 -5.80 38.97 18.07
C VAL A 58 -5.43 39.45 16.68
N VAL A 59 -6.43 39.89 15.94
CA VAL A 59 -6.26 40.13 14.52
C VAL A 59 -6.61 41.57 14.21
N GLU A 60 -5.89 42.15 13.25
CA GLU A 60 -6.15 43.49 12.72
C GLU A 60 -6.26 43.41 11.21
N ILE A 61 -7.47 43.54 10.67
CA ILE A 61 -7.72 43.32 9.25
C ILE A 61 -7.41 44.59 8.47
N ALA A 62 -6.42 44.53 7.58
CA ALA A 62 -5.97 45.68 6.80
C ALA A 62 -6.16 45.44 5.31
N PRO A 63 -7.20 45.98 4.66
CA PRO A 63 -7.41 45.69 3.23
C PRO A 63 -6.24 46.21 2.38
N PHE A 64 -5.91 45.41 1.36
CA PHE A 64 -4.73 45.63 0.53
C PHE A 64 -5.06 46.56 -0.64
N GLY A 65 -4.14 47.49 -0.92
CA GLY A 65 -4.40 48.48 -1.94
C GLY A 65 -4.49 47.88 -3.34
N GLY A 66 -3.56 46.99 -3.66
CA GLY A 66 -3.62 46.30 -4.93
C GLY A 66 -2.23 46.16 -5.51
N GLU A 67 -1.35 47.10 -5.17
CA GLU A 67 0.01 47.11 -5.73
C GLU A 67 1.04 46.89 -4.64
N CYS A 68 2.16 46.28 -5.02
CA CYS A 68 3.26 46.07 -4.08
C CYS A 68 4.27 47.21 -4.26
N SER A 69 3.93 48.34 -3.62
CA SER A 69 4.70 49.57 -3.66
C SER A 69 5.27 49.87 -2.28
N GLN A 70 6.28 50.76 -2.26
CA GLN A 70 6.83 51.18 -0.98
C GLN A 70 5.82 52.02 -0.20
N ASN A 71 5.02 52.83 -0.90
CA ASN A 71 3.99 53.61 -0.24
C ASN A 71 2.93 52.71 0.39
N GLU A 72 2.63 51.58 -0.25
CA GLU A 72 1.66 50.64 0.33
C GLU A 72 2.28 49.90 1.51
N ILE A 73 3.56 49.55 1.41
CA ILE A 73 4.23 48.88 2.52
C ILE A 73 4.31 49.81 3.73
N ASP A 74 4.65 51.08 3.49
CA ASP A 74 4.72 52.05 4.59
C ASP A 74 3.34 52.28 5.20
N ARG A 75 2.30 52.46 4.36
CA ARG A 75 0.95 52.61 4.89
C ARG A 75 0.54 51.43 5.76
N LEU A 76 0.81 50.21 5.30
CA LEU A 76 0.48 49.03 6.12
C LEU A 76 1.37 48.92 7.35
N ARG A 77 2.63 49.31 7.24
CA ARG A 77 3.53 49.33 8.39
C ARG A 77 2.98 50.21 9.51
N GLY A 78 2.40 51.35 9.15
CA GLY A 78 1.76 52.20 10.15
C GLY A 78 0.65 51.46 10.89
N ILE A 79 -0.32 50.92 10.13
CA ILE A 79 -1.45 50.23 10.75
C ILE A 79 -0.97 49.15 11.71
N ALA A 80 0.05 48.38 11.28
CA ALA A 80 0.55 47.28 12.09
C ALA A 80 1.21 47.77 13.37
N GLU A 81 2.06 48.80 13.26
CA GLU A 81 2.76 49.29 14.44
C GLU A 81 1.80 49.90 15.45
N THR A 82 0.83 50.69 14.97
CA THR A 82 -0.19 51.23 15.86
C THR A 82 -0.95 50.12 16.58
N ALA A 83 -1.30 49.05 15.85
CA ALA A 83 -2.03 47.93 16.43
C ALA A 83 -1.11 46.92 17.13
N GLN A 84 0.19 47.22 17.25
CA GLN A 84 1.15 46.36 17.96
C GLN A 84 1.04 44.91 17.50
N CYS A 85 1.42 44.74 16.25
CA CYS A 85 1.34 43.46 15.57
C CYS A 85 2.68 42.75 15.66
N GLY A 86 2.61 41.45 15.99
CA GLY A 86 3.81 40.63 16.12
C GLY A 86 4.22 39.87 14.88
N ALA A 87 3.28 39.63 13.96
CA ALA A 87 3.56 38.95 12.68
C ALA A 87 2.58 39.44 11.61
N ILE A 88 2.90 39.12 10.36
CA ILE A 88 2.11 39.50 9.18
C ILE A 88 1.56 38.24 8.51
N LEU A 89 0.27 38.24 8.18
CA LEU A 89 -0.36 37.17 7.38
C LEU A 89 -0.93 37.78 6.11
N GLY A 90 -0.33 37.44 4.98
CA GLY A 90 -0.87 37.79 3.67
C GLY A 90 -1.79 36.68 3.18
N ILE A 91 -2.88 37.06 2.54
CA ILE A 91 -3.79 36.04 2.03
C ILE A 91 -4.41 36.54 0.74
N GLY A 92 -4.09 35.88 -0.36
CA GLY A 92 -4.66 36.21 -1.65
C GLY A 92 -3.70 35.82 -2.77
N GLY A 93 -3.62 36.69 -3.77
CA GLY A 93 -2.79 36.45 -4.93
C GLY A 93 -1.36 36.94 -4.75
N GLY A 94 -0.66 37.02 -5.88
CA GLY A 94 0.77 37.26 -5.84
C GLY A 94 1.15 38.59 -5.23
N LYS A 95 0.44 39.66 -5.61
CA LYS A 95 0.82 41.00 -5.15
C LYS A 95 0.61 41.15 -3.64
N THR A 96 -0.53 40.67 -3.14
CA THR A 96 -0.76 40.57 -1.70
C THR A 96 0.37 39.82 -1.01
N LEU A 97 0.70 38.61 -1.50
CA LEU A 97 1.71 37.79 -0.84
C LEU A 97 3.08 38.45 -0.89
N ASP A 98 3.44 39.03 -2.03
CA ASP A 98 4.71 39.73 -2.15
C ASP A 98 4.80 40.91 -1.19
N THR A 99 3.69 41.66 -1.04
CA THR A 99 3.60 42.77 -0.10
C THR A 99 3.80 42.30 1.34
N ALA A 100 3.02 41.28 1.75
CA ALA A 100 3.13 40.72 3.09
C ALA A 100 4.58 40.37 3.42
N LYS A 101 5.26 39.70 2.50
CA LYS A 101 6.61 39.21 2.74
C LYS A 101 7.59 40.34 2.94
N ALA A 102 7.42 41.43 2.16
CA ALA A 102 8.28 42.61 2.29
C ALA A 102 8.00 43.35 3.59
N LEU A 103 6.72 43.56 3.89
CA LEU A 103 6.35 44.26 5.12
C LEU A 103 6.93 43.56 6.35
N ALA A 104 6.77 42.24 6.47
CA ALA A 104 7.32 41.52 7.61
C ALA A 104 8.83 41.69 7.71
N HIS A 105 9.50 41.82 6.57
CA HIS A 105 10.96 41.97 6.58
C HIS A 105 11.39 43.29 7.19
N PHE A 106 10.71 44.38 6.82
CA PHE A 106 11.08 45.68 7.35
C PHE A 106 10.76 45.78 8.83
N MET A 107 9.64 45.21 9.25
CA MET A 107 9.29 45.20 10.67
C MET A 107 10.08 44.16 11.44
N GLY A 108 10.85 43.30 10.78
CA GLY A 108 11.54 42.23 11.47
C GLY A 108 10.64 41.26 12.22
N VAL A 109 9.51 40.88 11.64
CA VAL A 109 8.55 39.99 12.29
C VAL A 109 8.37 38.75 11.40
N PRO A 110 7.80 37.68 11.95
CA PRO A 110 7.47 36.51 11.12
C PRO A 110 6.37 36.82 10.12
N VAL A 111 6.25 35.96 9.12
CA VAL A 111 5.24 36.09 8.07
C VAL A 111 4.61 34.73 7.80
N ALA A 112 3.31 34.75 7.55
CA ALA A 112 2.57 33.58 7.07
C ALA A 112 1.96 33.93 5.72
N ILE A 113 2.02 32.99 4.80
CA ILE A 113 1.65 33.21 3.41
C ILE A 113 0.57 32.19 3.07
N ALA A 114 -0.63 32.68 2.75
CA ALA A 114 -1.80 31.84 2.47
C ALA A 114 -2.24 32.17 1.06
N PRO A 115 -1.77 31.43 0.05
CA PRO A 115 -2.09 31.79 -1.34
C PRO A 115 -3.45 31.22 -1.68
N THR A 116 -4.28 32.03 -2.33
CA THR A 116 -5.61 31.57 -2.70
C THR A 116 -5.65 31.03 -4.12
N ILE A 117 -4.55 31.15 -4.87
CA ILE A 117 -4.42 30.55 -6.18
C ILE A 117 -3.06 29.88 -6.26
N ALA A 118 -2.94 28.88 -7.13
CA ALA A 118 -1.67 28.20 -7.34
C ALA A 118 -1.19 28.47 -8.77
N SER A 119 -0.86 29.72 -9.08
CA SER A 119 -0.54 30.12 -10.46
C SER A 119 0.92 30.43 -10.69
N THR A 120 1.77 30.33 -9.68
CA THR A 120 3.14 30.77 -9.83
C THR A 120 3.96 30.11 -8.73
N ASP A 121 5.28 30.09 -8.91
CA ASP A 121 6.14 29.51 -7.88
C ASP A 121 6.62 30.53 -6.86
N ALA A 122 6.22 31.81 -6.98
CA ALA A 122 6.70 32.86 -6.09
C ALA A 122 6.31 32.69 -4.62
N PRO A 123 5.08 32.28 -4.24
CA PRO A 123 4.86 31.91 -2.82
C PRO A 123 5.84 30.81 -2.47
N CYS A 124 6.40 30.90 -1.25
CA CYS A 124 7.41 29.97 -0.73
C CYS A 124 8.84 30.41 -1.01
N SER A 125 8.99 31.38 -1.92
CA SER A 125 10.33 31.80 -2.29
C SER A 125 10.71 32.92 -1.35
N ALA A 126 12.02 33.12 -1.23
CA ALA A 126 12.57 34.22 -0.44
C ALA A 126 12.98 35.36 -1.33
N LEU A 127 12.03 35.86 -2.12
CA LEU A 127 12.36 36.90 -3.09
C LEU A 127 11.07 37.57 -3.57
N SER A 128 11.23 38.71 -4.22
CA SER A 128 10.21 39.40 -4.99
C SER A 128 10.71 39.51 -6.42
N VAL A 129 9.85 39.88 -7.37
CA VAL A 129 10.27 40.16 -8.75
C VAL A 129 9.87 41.60 -9.06
N ILE A 130 10.91 42.45 -9.40
CA ILE A 130 10.74 43.89 -9.66
C ILE A 130 10.47 44.10 -11.14
N TYR A 131 9.55 45.03 -11.43
CA TYR A 131 9.11 45.31 -12.79
C TYR A 131 9.13 46.81 -13.03
N THR A 132 9.17 47.18 -14.30
CA THR A 132 9.02 48.57 -14.72
C THR A 132 7.52 48.89 -14.71
N ASP A 133 7.15 50.03 -15.28
CA ASP A 133 5.75 50.42 -15.38
C ASP A 133 5.18 50.22 -16.77
N GLU A 134 6.03 49.95 -17.76
CA GLU A 134 5.54 49.49 -19.05
C GLU A 134 5.19 48.00 -19.03
N GLY A 135 5.78 47.23 -18.12
CA GLY A 135 5.48 45.81 -17.98
C GLY A 135 6.66 44.89 -18.13
N GLU A 136 7.86 45.47 -18.31
CA GLU A 136 9.08 44.73 -18.61
C GLU A 136 9.83 44.38 -17.34
N PHE A 137 10.52 43.23 -17.38
CA PHE A 137 11.26 42.73 -16.23
C PHE A 137 12.37 43.71 -15.86
N ASP A 138 12.50 43.95 -14.55
CA ASP A 138 13.54 44.81 -13.99
C ASP A 138 14.64 43.97 -13.34
N ARG A 139 14.33 43.34 -12.21
CA ARG A 139 15.30 42.58 -11.43
C ARG A 139 14.54 41.68 -10.45
N TYR A 140 15.32 40.93 -9.66
CA TYR A 140 14.84 40.21 -8.49
C TYR A 140 15.31 40.92 -7.21
N LEU A 141 14.40 41.13 -6.25
CA LEU A 141 14.74 41.65 -4.93
C LEU A 141 14.79 40.48 -3.93
N LEU A 142 15.98 40.21 -3.38
CA LEU A 142 16.18 39.07 -2.49
C LEU A 142 15.89 39.46 -1.04
N LEU A 143 15.07 38.64 -0.35
CA LEU A 143 14.84 38.68 1.08
C LEU A 143 15.77 37.72 1.79
N PRO A 144 16.03 37.94 3.08
CA PRO A 144 17.01 37.09 3.79
C PRO A 144 16.55 35.67 4.03
N ASN A 145 15.27 35.47 4.27
CA ASN A 145 14.76 34.12 4.54
C ASN A 145 13.43 33.93 3.84
N ASN A 146 13.08 32.66 3.67
CA ASN A 146 11.79 32.26 3.14
C ASN A 146 10.71 32.51 4.21
N PRO A 147 9.44 32.63 3.79
CA PRO A 147 8.32 32.78 4.74
C PRO A 147 8.32 31.71 5.83
N ASN A 148 7.75 32.07 6.98
CA ASN A 148 7.77 31.15 8.11
C ASN A 148 6.77 30.01 7.94
N MET A 149 5.64 30.30 7.31
CA MET A 149 4.62 29.31 7.05
C MET A 149 3.92 29.66 5.76
N VAL A 150 3.69 28.64 4.93
CA VAL A 150 2.87 28.73 3.74
C VAL A 150 1.71 27.77 3.92
N ILE A 151 0.48 28.30 3.94
CA ILE A 151 -0.74 27.51 4.18
C ILE A 151 -1.64 27.65 2.96
N VAL A 152 -1.87 26.54 2.25
CA VAL A 152 -2.61 26.53 0.99
C VAL A 152 -3.92 25.78 1.20
N ASP A 153 -5.03 26.51 1.14
CA ASP A 153 -6.38 25.93 1.14
C ASP A 153 -6.72 25.43 -0.25
N THR A 154 -6.75 24.09 -0.42
CA THR A 154 -6.97 23.49 -1.73
C THR A 154 -8.41 23.72 -2.23
N LYS A 155 -9.39 23.77 -1.32
CA LYS A 155 -10.77 24.10 -1.71
C LYS A 155 -10.88 25.50 -2.26
N ILE A 156 -10.24 26.48 -1.60
CA ILE A 156 -10.20 27.82 -2.15
C ILE A 156 -9.54 27.82 -3.52
N VAL A 157 -8.44 27.09 -3.68
CA VAL A 157 -7.74 27.09 -4.96
C VAL A 157 -8.59 26.42 -6.04
N ALA A 158 -9.37 25.40 -5.68
CA ALA A 158 -10.22 24.77 -6.68
C ALA A 158 -11.31 25.72 -7.15
N GLY A 159 -11.75 26.66 -6.30
CA GLY A 159 -12.75 27.63 -6.73
C GLY A 159 -12.23 28.67 -7.72
N ALA A 160 -10.91 28.87 -7.78
CA ALA A 160 -10.36 29.84 -8.71
C ALA A 160 -10.61 29.41 -10.15
N PRO A 161 -10.42 30.32 -11.10
CA PRO A 161 -10.49 29.93 -12.52
C PRO A 161 -9.47 28.87 -12.85
N ALA A 162 -9.91 27.88 -13.63
CA ALA A 162 -9.01 26.79 -13.98
C ALA A 162 -7.83 27.27 -14.80
N ARG A 163 -7.98 28.34 -15.59
CA ARG A 163 -6.83 28.89 -16.33
C ARG A 163 -5.66 29.20 -15.40
N LEU A 164 -5.95 29.62 -14.16
CA LEU A 164 -4.87 29.93 -13.23
C LEU A 164 -4.12 28.68 -12.78
N LEU A 165 -4.81 27.55 -12.63
CA LEU A 165 -4.10 26.32 -12.27
C LEU A 165 -3.21 25.87 -13.41
N ALA A 166 -3.68 26.04 -14.64
CA ALA A 166 -2.86 25.71 -15.80
C ALA A 166 -1.65 26.63 -15.90
N ALA A 167 -1.81 27.91 -15.52
CA ALA A 167 -0.67 28.81 -15.52
C ALA A 167 0.37 28.36 -14.52
N GLY A 168 -0.08 27.84 -13.36
CA GLY A 168 0.85 27.24 -12.42
C GLY A 168 1.55 26.02 -12.98
N ILE A 169 0.83 25.20 -13.76
CA ILE A 169 1.47 24.06 -14.39
C ILE A 169 2.54 24.52 -15.36
N GLY A 170 2.27 25.59 -16.10
CA GLY A 170 3.27 26.12 -17.01
C GLY A 170 4.52 26.61 -16.31
N ASP A 171 4.35 27.28 -15.16
CA ASP A 171 5.50 27.72 -14.38
C ASP A 171 6.27 26.53 -13.81
N ALA A 172 5.55 25.57 -13.22
CA ALA A 172 6.16 24.40 -12.60
C ALA A 172 6.82 23.47 -13.61
N LEU A 173 6.29 23.42 -14.83
CA LEU A 173 6.83 22.55 -15.88
C LEU A 173 8.28 22.87 -16.20
N ALA A 174 8.73 24.11 -16.00
CA ALA A 174 10.12 24.50 -16.26
C ALA A 174 11.09 24.07 -15.16
N THR A 175 10.59 23.81 -13.95
CA THR A 175 11.45 23.62 -12.78
C THR A 175 12.53 22.56 -13.04
N TRP A 176 12.13 21.41 -13.57
CA TRP A 176 13.07 20.32 -13.74
C TRP A 176 14.09 20.62 -14.83
N PHE A 177 13.66 21.23 -15.93
CA PHE A 177 14.57 21.40 -17.05
C PHE A 177 15.61 22.44 -16.77
N GLU A 178 15.23 23.47 -16.01
CA GLU A 178 16.15 24.53 -15.62
C GLU A 178 17.07 24.08 -14.50
N ALA A 179 16.57 23.32 -13.53
CA ALA A 179 17.47 22.80 -12.50
C ALA A 179 18.42 21.77 -13.07
N ARG A 180 17.94 20.91 -13.97
CA ARG A 180 18.84 19.97 -14.62
C ARG A 180 19.91 20.70 -15.42
N ALA A 181 19.54 21.79 -16.09
CA ALA A 181 20.53 22.58 -16.82
C ALA A 181 21.57 23.16 -15.88
N CYS A 182 21.14 23.73 -14.75
CA CYS A 182 22.07 24.33 -13.79
C CYS A 182 22.99 23.29 -13.19
N SER A 183 22.44 22.13 -12.84
CA SER A 183 23.28 21.04 -12.39
C SER A 183 24.32 20.68 -13.45
N ARG A 184 23.91 20.61 -14.72
CA ARG A 184 24.86 20.23 -15.75
C ARG A 184 25.99 21.23 -15.88
N SER A 185 25.65 22.51 -15.84
CA SER A 185 26.63 23.57 -16.03
C SER A 185 27.38 23.92 -14.76
N GLY A 186 26.89 23.48 -13.60
CA GLY A 186 27.47 23.86 -12.33
C GLY A 186 27.19 25.29 -11.95
N ALA A 187 26.04 25.81 -12.36
CA ALA A 187 25.70 27.19 -12.07
C ALA A 187 25.36 27.35 -10.62
N THR A 188 25.35 28.61 -10.19
CA THR A 188 24.95 28.95 -8.83
C THR A 188 23.45 29.24 -8.80
N THR A 189 22.76 28.56 -7.88
CA THR A 189 21.33 28.73 -7.69
C THR A 189 21.02 30.05 -6.97
N MET A 190 19.75 30.47 -7.05
CA MET A 190 19.33 31.69 -6.36
C MET A 190 19.57 31.61 -4.86
N ALA A 191 19.73 30.40 -4.31
CA ALA A 191 19.98 30.18 -2.90
C ALA A 191 21.45 30.35 -2.55
N GLY A 192 22.29 30.64 -3.54
CA GLY A 192 23.66 31.08 -3.31
C GLY A 192 24.73 30.07 -3.58
N GLY A 193 24.41 28.81 -3.79
CA GLY A 193 25.46 27.84 -4.02
C GLY A 193 25.19 26.90 -5.17
N LYS A 194 25.72 25.69 -5.08
CA LYS A 194 25.51 24.64 -6.06
C LYS A 194 24.27 23.83 -5.69
N CYS A 195 23.76 23.07 -6.65
CA CYS A 195 22.58 22.22 -6.43
C CYS A 195 22.85 21.15 -5.38
N THR A 196 21.94 21.00 -4.43
CA THR A 196 21.96 19.81 -3.59
C THR A 196 21.21 18.66 -4.28
N GLN A 197 21.45 17.45 -3.81
CA GLN A 197 20.68 16.32 -4.30
C GLN A 197 19.19 16.50 -3.95
N ALA A 198 18.91 17.02 -2.75
CA ALA A 198 17.53 17.24 -2.35
C ALA A 198 16.78 18.12 -3.34
N ALA A 199 17.41 19.18 -3.85
CA ALA A 199 16.69 20.09 -4.72
C ALA A 199 16.42 19.48 -6.09
N LEU A 200 17.38 18.71 -6.64
CA LEU A 200 17.15 18.09 -7.93
C LEU A 200 16.06 17.01 -7.87
N ALA A 201 15.96 16.30 -6.73
CA ALA A 201 14.89 15.32 -6.60
C ALA A 201 13.53 16.01 -6.53
N LEU A 202 13.44 17.13 -5.80
CA LEU A 202 12.22 17.90 -5.78
C LEU A 202 11.92 18.52 -7.16
N ALA A 203 12.94 18.97 -7.88
CA ALA A 203 12.71 19.48 -9.22
C ALA A 203 12.16 18.39 -10.13
N GLU A 204 12.79 17.22 -10.14
CA GLU A 204 12.32 16.13 -11.00
C GLU A 204 10.95 15.62 -10.55
N LEU A 205 10.74 15.47 -9.24
CA LEU A 205 9.42 15.09 -8.75
C LEU A 205 8.34 16.04 -9.24
N CYS A 206 8.66 17.33 -9.35
CA CYS A 206 7.70 18.28 -9.88
C CYS A 206 7.28 17.89 -11.29
N TYR A 207 8.27 17.69 -12.18
CA TYR A 207 7.98 17.31 -13.56
C TYR A 207 7.13 16.05 -13.62
N ASN A 208 7.56 14.98 -12.95
CA ASN A 208 6.81 13.72 -13.00
C ASN A 208 5.40 13.88 -12.48
N THR A 209 5.21 14.64 -11.41
CA THR A 209 3.85 14.87 -10.90
C THR A 209 2.97 15.51 -11.96
N LEU A 210 3.45 16.58 -12.62
CA LEU A 210 2.66 17.24 -13.65
C LEU A 210 2.33 16.30 -14.82
N LEU A 211 3.31 15.51 -15.27
CA LEU A 211 3.04 14.48 -16.26
C LEU A 211 1.93 13.54 -15.79
N GLU A 212 2.05 12.98 -14.58
CA GLU A 212 1.14 11.95 -14.12
C GLU A 212 -0.22 12.50 -13.64
N GLU A 213 -0.27 13.70 -13.05
CA GLU A 213 -1.53 14.19 -12.49
C GLU A 213 -2.08 15.42 -13.18
N GLY A 214 -1.34 16.00 -14.14
CA GLY A 214 -1.72 17.30 -14.70
C GLY A 214 -3.12 17.31 -15.29
N GLU A 215 -3.45 16.31 -16.13
CA GLU A 215 -4.75 16.26 -16.77
C GLU A 215 -5.86 15.90 -15.78
N LYS A 216 -5.60 14.95 -14.88
CA LYS A 216 -6.61 14.66 -13.87
C LYS A 216 -6.89 15.89 -13.00
N ALA A 217 -5.87 16.69 -12.71
CA ALA A 217 -6.13 17.88 -11.91
C ALA A 217 -6.95 18.90 -12.69
N MET A 218 -6.65 19.11 -13.97
CA MET A 218 -7.48 20.06 -14.72
C MET A 218 -8.94 19.63 -14.84
N LEU A 219 -9.26 18.33 -14.72
CA LEU A 219 -10.65 17.92 -14.68
C LEU A 219 -11.34 18.46 -13.44
N ALA A 220 -10.71 18.26 -12.27
CA ALA A 220 -11.30 18.73 -11.02
C ALA A 220 -11.27 20.25 -10.90
N ALA A 221 -10.23 20.91 -11.41
CA ALA A 221 -10.20 22.36 -11.39
C ALA A 221 -11.40 22.93 -12.14
N GLU A 222 -11.69 22.39 -13.34
CA GLU A 222 -12.79 22.90 -14.18
C GLU A 222 -14.15 22.62 -13.58
N GLN A 223 -14.25 21.64 -12.69
CA GLN A 223 -15.44 21.45 -11.88
C GLN A 223 -15.36 22.16 -10.53
N HIS A 224 -14.25 22.85 -10.25
CA HIS A 224 -14.01 23.51 -8.96
C HIS A 224 -14.25 22.57 -7.79
N VAL A 225 -13.67 21.38 -7.86
CA VAL A 225 -13.73 20.42 -6.77
C VAL A 225 -12.32 19.93 -6.48
N VAL A 226 -12.15 19.29 -5.32
CA VAL A 226 -10.85 18.85 -4.83
C VAL A 226 -10.74 17.34 -4.98
N THR A 227 -9.75 16.87 -5.75
CA THR A 227 -9.40 15.46 -5.84
C THR A 227 -7.92 15.29 -5.52
N PRO A 228 -7.50 14.09 -5.12
CA PRO A 228 -6.07 13.90 -4.84
C PRO A 228 -5.15 14.37 -5.95
N ALA A 229 -5.58 14.26 -7.21
CA ALA A 229 -4.72 14.73 -8.31
C ALA A 229 -4.57 16.24 -8.29
N LEU A 230 -5.66 16.98 -8.02
CA LEU A 230 -5.56 18.43 -7.87
C LEU A 230 -4.67 18.82 -6.68
N GLU A 231 -4.73 18.06 -5.59
CA GLU A 231 -3.85 18.35 -4.46
C GLU A 231 -2.39 18.11 -4.81
N ARG A 232 -2.08 17.01 -5.49
CA ARG A 232 -0.71 16.78 -5.91
C ARG A 232 -0.21 17.87 -6.84
N VAL A 233 -1.08 18.42 -7.70
CA VAL A 233 -0.61 19.41 -8.65
C VAL A 233 -0.37 20.75 -7.96
N ILE A 234 -1.22 21.09 -6.98
CA ILE A 234 -1.04 22.29 -6.17
C ILE A 234 0.29 22.22 -5.40
N GLU A 235 0.59 21.07 -4.77
CA GLU A 235 1.89 20.89 -4.13
C GLU A 235 3.03 21.04 -5.13
N ALA A 236 2.87 20.51 -6.35
CA ALA A 236 3.91 20.70 -7.36
C ALA A 236 3.97 22.15 -7.82
N ASN A 237 2.82 22.80 -7.95
CA ASN A 237 2.81 24.18 -8.42
C ASN A 237 3.43 25.12 -7.40
N THR A 238 3.33 24.79 -6.10
CA THR A 238 3.72 25.70 -5.03
C THR A 238 5.02 25.31 -4.37
N TYR A 239 5.04 24.17 -3.70
CA TYR A 239 6.23 23.82 -2.94
C TYR A 239 7.35 23.28 -3.84
N LEU A 240 7.05 22.24 -4.65
CA LEU A 240 8.09 21.66 -5.50
C LEU A 240 8.65 22.69 -6.48
N SER A 241 7.77 23.42 -7.17
CA SER A 241 8.21 24.47 -8.07
C SER A 241 8.97 25.57 -7.33
N GLY A 242 8.63 25.83 -6.07
CA GLY A 242 9.28 26.86 -5.27
C GLY A 242 10.70 26.52 -4.85
N VAL A 243 10.85 25.44 -4.07
CA VAL A 243 12.20 25.00 -3.71
C VAL A 243 13.00 24.67 -4.96
N GLY A 244 12.34 24.16 -6.01
CA GLY A 244 13.06 23.66 -7.17
C GLY A 244 13.71 24.76 -7.98
N PHE A 245 13.02 25.87 -8.18
CA PHE A 245 13.60 26.96 -8.95
C PHE A 245 14.60 27.76 -8.11
N GLU A 246 14.34 27.89 -6.80
CA GLU A 246 15.22 28.71 -5.97
C GLU A 246 16.50 27.98 -5.58
N SER A 247 16.41 26.70 -5.19
CA SER A 247 17.58 25.90 -4.84
C SER A 247 17.98 24.89 -5.90
N GLY A 248 17.25 24.81 -7.02
CA GLY A 248 17.73 24.06 -8.17
C GLY A 248 18.26 24.92 -9.30
N GLY A 249 17.87 26.18 -9.37
CA GLY A 249 18.49 27.10 -10.32
C GLY A 249 17.56 27.44 -11.48
N LEU A 250 17.74 28.65 -12.03
CA LEU A 250 17.02 29.05 -13.22
C LEU A 250 17.97 29.04 -14.43
N ALA A 251 17.39 28.89 -15.64
CA ALA A 251 18.18 28.95 -16.87
C ALA A 251 17.43 29.65 -18.00
N ALA A 252 17.36 29.02 -19.18
CA ALA A 252 16.79 29.70 -20.34
C ALA A 252 15.28 29.91 -20.26
N ALA A 253 14.53 29.03 -19.58
CA ALA A 253 13.08 29.17 -19.65
C ALA A 253 12.63 30.52 -19.11
N HIS A 254 12.97 30.83 -17.86
CA HIS A 254 12.54 32.12 -17.31
C HIS A 254 13.25 33.31 -17.96
N ALA A 255 14.51 33.16 -18.39
CA ALA A 255 15.13 34.18 -19.21
C ALA A 255 14.28 34.52 -20.43
N VAL A 256 13.78 33.49 -21.12
CA VAL A 256 12.95 33.74 -22.29
C VAL A 256 11.60 34.29 -21.90
N HIS A 257 11.13 33.97 -20.70
CA HIS A 257 9.92 34.60 -20.19
C HIS A 257 10.11 36.11 -20.06
N ASN A 258 11.22 36.52 -19.43
CA ASN A 258 11.45 37.93 -19.23
C ASN A 258 11.55 38.67 -20.56
N GLY A 259 12.18 38.06 -21.57
CA GLY A 259 12.17 38.64 -22.90
C GLY A 259 10.77 38.90 -23.43
N LEU A 260 9.87 37.92 -23.31
CA LEU A 260 8.52 38.11 -23.82
C LEU A 260 7.81 39.28 -23.15
N THR A 261 8.24 39.69 -21.95
CA THR A 261 7.66 40.88 -21.34
C THR A 261 8.23 42.17 -21.92
N ALA A 262 9.36 42.09 -22.62
CA ALA A 262 9.90 43.26 -23.31
C ALA A 262 9.07 43.70 -24.50
N ILE A 263 8.12 42.89 -24.95
CA ILE A 263 7.22 43.28 -26.04
C ILE A 263 5.81 43.31 -25.45
N PRO A 264 4.91 44.17 -25.95
CA PRO A 264 3.59 44.34 -25.34
C PRO A 264 2.55 43.29 -25.72
N ASP A 265 2.84 42.43 -26.69
CA ASP A 265 1.77 41.60 -27.26
C ASP A 265 1.24 40.60 -26.25
N ALA A 266 2.13 40.03 -25.43
CA ALA A 266 1.75 38.97 -24.50
C ALA A 266 1.41 39.53 -23.14
N HIS A 267 0.85 40.72 -23.07
CA HIS A 267 0.58 41.27 -21.75
C HIS A 267 -0.69 40.69 -21.15
N HIS A 268 -1.65 40.26 -21.98
CA HIS A 268 -2.89 39.73 -21.42
C HIS A 268 -2.74 38.30 -20.89
N TYR A 269 -1.55 37.72 -21.01
CA TYR A 269 -1.28 36.34 -20.63
C TYR A 269 -0.51 36.31 -19.33
N TYR A 270 -0.89 35.37 -18.48
CA TYR A 270 -0.32 35.20 -17.15
C TYR A 270 1.16 34.81 -17.21
N HIS A 271 1.80 34.83 -16.04
CA HIS A 271 3.21 34.52 -15.93
C HIS A 271 3.53 33.13 -16.50
N GLY A 272 2.89 32.09 -15.94
CA GLY A 272 3.17 30.72 -16.34
C GLY A 272 2.89 30.43 -17.80
N GLU A 273 1.96 31.15 -18.43
CA GLU A 273 1.70 30.93 -19.85
C GLU A 273 2.90 31.28 -20.70
N LYS A 274 3.60 32.36 -20.38
CA LYS A 274 4.79 32.75 -21.12
C LYS A 274 5.97 31.89 -20.74
N VAL A 275 6.03 31.41 -19.50
CA VAL A 275 7.07 30.47 -19.14
C VAL A 275 6.93 29.18 -19.92
N ALA A 276 5.69 28.80 -20.25
CA ALA A 276 5.43 27.59 -21.02
C ALA A 276 6.16 27.63 -22.35
N PHE A 277 6.06 28.74 -23.08
CA PHE A 277 6.82 28.84 -24.33
C PHE A 277 8.32 28.96 -24.06
N GLY A 278 8.71 29.58 -22.95
CA GLY A 278 10.12 29.61 -22.59
C GLY A 278 10.72 28.23 -22.39
N THR A 279 9.95 27.29 -21.80
CA THR A 279 10.45 25.93 -21.63
C THR A 279 10.67 25.25 -22.97
N LEU A 280 9.72 25.39 -23.90
CA LEU A 280 9.93 24.85 -25.24
C LEU A 280 11.16 25.48 -25.90
N THR A 281 11.30 26.80 -25.78
CA THR A 281 12.49 27.44 -26.33
C THR A 281 13.76 26.85 -25.72
N GLN A 282 13.79 26.68 -24.39
CA GLN A 282 14.98 26.09 -23.77
C GLN A 282 15.24 24.69 -24.32
N LEU A 283 14.17 23.90 -24.53
CA LEU A 283 14.33 22.53 -25.00
C LEU A 283 14.89 22.49 -26.42
N VAL A 284 14.54 23.46 -27.27
CA VAL A 284 15.20 23.54 -28.56
C VAL A 284 16.66 23.93 -28.37
N LEU A 285 16.91 25.00 -27.61
CA LEU A 285 18.25 25.53 -27.36
C LEU A 285 19.23 24.44 -26.91
N GLU A 286 18.85 23.66 -25.89
CA GLU A 286 19.71 22.60 -25.38
C GLU A 286 19.61 21.32 -26.20
N ASN A 287 18.82 21.33 -27.27
CA ASN A 287 18.65 20.19 -28.17
C ASN A 287 18.17 18.93 -27.42
N ALA A 288 17.03 19.06 -26.76
CA ALA A 288 16.50 17.93 -26.03
C ALA A 288 16.08 16.84 -27.00
N PRO A 289 16.04 15.57 -26.56
CA PRO A 289 15.66 14.48 -27.46
C PRO A 289 14.22 14.66 -27.91
N VAL A 290 13.95 14.18 -29.13
CA VAL A 290 12.65 14.52 -29.72
C VAL A 290 11.49 13.93 -28.92
N GLU A 291 11.71 12.84 -28.18
CA GLU A 291 10.66 12.32 -27.30
C GLU A 291 10.42 13.20 -26.09
N GLU A 292 11.44 13.90 -25.61
CA GLU A 292 11.28 14.79 -24.47
C GLU A 292 10.54 16.08 -24.85
N ILE A 293 10.90 16.68 -25.99
CA ILE A 293 10.21 17.88 -26.45
C ILE A 293 8.73 17.59 -26.66
N GLU A 294 8.41 16.42 -27.26
CA GLU A 294 7.03 16.13 -27.56
C GLU A 294 6.20 15.92 -26.31
N THR A 295 6.77 15.22 -25.32
CA THR A 295 6.03 15.00 -24.09
C THR A 295 5.69 16.32 -23.43
N VAL A 296 6.64 17.26 -23.42
CA VAL A 296 6.37 18.56 -22.82
C VAL A 296 5.36 19.35 -23.66
N ALA A 297 5.52 19.32 -25.00
CA ALA A 297 4.58 20.01 -25.88
C ALA A 297 3.18 19.45 -25.73
N ALA A 298 3.07 18.13 -25.62
CA ALA A 298 1.76 17.48 -25.49
C ALA A 298 1.08 17.86 -24.17
N LEU A 299 1.80 17.74 -23.03
CA LEU A 299 1.22 18.10 -21.74
C LEU A 299 0.79 19.56 -21.70
N SER A 300 1.60 20.45 -22.30
CA SER A 300 1.23 21.86 -22.33
C SER A 300 -0.08 22.06 -23.06
N HIS A 301 -0.16 21.58 -24.28
CA HIS A 301 -1.40 21.68 -25.03
C HIS A 301 -2.54 20.97 -24.30
N ALA A 302 -2.29 19.83 -23.66
CA ALA A 302 -3.36 19.15 -22.93
C ALA A 302 -4.01 20.03 -21.86
N VAL A 303 -3.28 20.99 -21.27
CA VAL A 303 -3.83 21.85 -20.22
C VAL A 303 -4.01 23.30 -20.69
N GLY A 304 -3.89 23.56 -21.99
CA GLY A 304 -4.23 24.86 -22.50
C GLY A 304 -3.08 25.84 -22.56
N LEU A 305 -1.90 25.38 -22.46
CA LEU A 305 -0.81 26.33 -22.44
C LEU A 305 -0.36 26.65 -23.86
N PRO A 306 0.21 27.84 -24.07
CA PRO A 306 0.73 28.19 -25.41
C PRO A 306 1.94 27.35 -25.76
N ILE A 307 1.93 26.80 -26.98
CA ILE A 307 3.12 26.18 -27.56
C ILE A 307 3.53 26.81 -28.88
N THR A 308 2.86 27.88 -29.31
CA THR A 308 3.25 28.71 -30.44
C THR A 308 3.19 30.17 -30.02
N LEU A 309 3.88 31.03 -30.79
CA LEU A 309 3.85 32.46 -30.50
C LEU A 309 2.47 33.07 -30.72
N ALA A 310 1.74 32.63 -31.77
CA ALA A 310 0.40 33.16 -32.00
C ALA A 310 -0.53 32.92 -30.82
N GLN A 311 -0.31 31.85 -30.05
CA GLN A 311 -1.12 31.59 -28.86
C GLN A 311 -0.77 32.52 -27.69
N LEU A 312 0.30 33.29 -27.84
CA LEU A 312 0.64 34.40 -26.95
C LEU A 312 0.34 35.74 -27.62
N ASP A 313 -0.48 35.72 -28.67
CA ASP A 313 -0.90 36.90 -29.41
C ASP A 313 0.24 37.59 -30.13
N ILE A 314 1.39 36.94 -30.25
CA ILE A 314 2.52 37.51 -30.99
C ILE A 314 2.38 37.05 -32.43
N LYS A 315 1.77 37.91 -33.27
CA LYS A 315 1.38 37.50 -34.62
C LYS A 315 1.92 38.37 -35.73
N GLU A 316 2.42 39.58 -35.45
CA GLU A 316 2.85 40.50 -36.49
C GLU A 316 4.28 40.90 -36.20
N ASP A 317 5.06 41.06 -37.27
CA ASP A 317 6.45 41.50 -37.17
C ASP A 317 7.22 40.60 -36.21
N VAL A 318 7.09 39.29 -36.44
CA VAL A 318 7.61 38.34 -35.47
C VAL A 318 9.13 38.36 -35.38
N PRO A 319 9.90 38.35 -36.49
CA PRO A 319 11.36 38.34 -36.33
C PRO A 319 11.90 39.57 -35.61
N ALA A 320 11.22 40.71 -35.76
CA ALA A 320 11.58 41.91 -35.02
C ALA A 320 11.37 41.69 -33.52
N LYS A 321 10.14 41.31 -33.14
CA LYS A 321 9.80 41.13 -31.73
C LYS A 321 10.61 40.03 -31.08
N MET A 322 11.11 39.07 -31.86
CA MET A 322 11.87 38.00 -31.27
C MET A 322 13.30 38.39 -31.03
N ARG A 323 13.87 39.23 -31.90
CA ARG A 323 15.20 39.76 -31.62
C ARG A 323 15.20 40.55 -30.31
N ILE A 324 14.12 41.27 -30.01
CA ILE A 324 14.03 41.96 -28.72
C ILE A 324 14.05 40.96 -27.59
N VAL A 325 13.17 39.94 -27.67
CA VAL A 325 13.11 38.90 -26.65
C VAL A 325 14.47 38.23 -26.48
N ALA A 326 15.15 37.94 -27.59
CA ALA A 326 16.44 37.27 -27.54
C ALA A 326 17.46 38.08 -26.76
N GLU A 327 17.61 39.37 -27.06
CA GLU A 327 18.65 40.16 -26.39
C GLU A 327 18.27 40.44 -24.94
N ALA A 328 16.99 40.68 -24.68
CA ALA A 328 16.48 40.78 -23.32
C ALA A 328 16.83 39.53 -22.50
N ALA A 329 16.59 38.34 -23.06
CA ALA A 329 16.94 37.10 -22.36
C ALA A 329 18.44 36.99 -22.11
N CYS A 330 19.26 37.46 -23.05
CA CYS A 330 20.70 37.33 -22.96
C CYS A 330 21.36 38.46 -22.20
N ALA A 331 20.58 39.43 -21.70
CA ALA A 331 21.12 40.59 -21.01
C ALA A 331 21.98 40.18 -19.82
N GLU A 332 22.71 41.16 -19.28
CA GLU A 332 23.49 40.95 -18.07
C GLU A 332 22.54 40.76 -16.89
N GLY A 333 22.88 39.80 -16.03
CA GLY A 333 22.06 39.50 -14.87
C GLY A 333 20.93 38.51 -15.14
N GLU A 334 20.75 38.08 -16.38
CA GLU A 334 19.77 37.06 -16.72
C GLU A 334 20.37 35.68 -16.57
N THR A 335 19.49 34.71 -16.43
CA THR A 335 19.89 33.34 -16.14
C THR A 335 20.28 32.53 -17.38
N ILE A 336 20.06 33.04 -18.60
CA ILE A 336 20.47 32.33 -19.81
C ILE A 336 21.92 31.84 -19.73
N HIS A 337 22.79 32.52 -18.97
CA HIS A 337 24.20 32.11 -18.85
C HIS A 337 24.37 30.81 -18.05
N ASN A 338 23.33 30.39 -17.29
CA ASN A 338 23.35 29.13 -16.57
C ASN A 338 23.19 27.91 -17.47
N MET A 339 22.91 28.14 -18.76
CA MET A 339 22.83 27.05 -19.73
C MET A 339 24.22 26.45 -19.93
N PRO A 340 24.33 25.13 -20.07
CA PRO A 340 25.62 24.53 -20.43
C PRO A 340 26.16 25.14 -21.71
N GLY A 341 27.38 25.68 -21.61
CA GLY A 341 27.99 26.41 -22.70
C GLY A 341 27.41 27.78 -22.99
N GLY A 342 26.48 28.25 -22.17
CA GLY A 342 25.88 29.57 -22.35
C GLY A 342 25.08 29.66 -23.64
N ALA A 343 24.72 30.88 -23.99
CA ALA A 343 23.89 31.06 -25.16
C ALA A 343 23.99 32.50 -25.64
N THR A 344 24.32 32.69 -26.90
CA THR A 344 24.35 34.00 -27.52
C THR A 344 22.95 34.43 -27.93
N PRO A 345 22.71 35.73 -28.11
CA PRO A 345 21.37 36.15 -28.56
C PRO A 345 21.01 35.59 -29.91
N ASP A 346 21.99 35.31 -30.77
CA ASP A 346 21.70 34.68 -32.04
C ASP A 346 21.15 33.27 -31.84
N GLN A 347 21.73 32.54 -30.87
CA GLN A 347 21.29 31.19 -30.55
C GLN A 347 19.88 31.17 -29.96
N VAL A 348 19.59 32.10 -29.05
CA VAL A 348 18.26 32.17 -28.48
C VAL A 348 17.25 32.58 -29.55
N TYR A 349 17.62 33.50 -30.43
CA TYR A 349 16.75 33.86 -31.54
C TYR A 349 16.44 32.62 -32.38
N ALA A 350 17.46 31.84 -32.73
CA ALA A 350 17.23 30.58 -33.43
C ALA A 350 16.21 29.74 -32.67
N ALA A 351 16.46 29.50 -31.38
CA ALA A 351 15.56 28.65 -30.62
C ALA A 351 14.14 29.20 -30.58
N LEU A 352 13.96 30.52 -30.59
CA LEU A 352 12.59 31.03 -30.49
C LEU A 352 11.80 30.71 -31.76
N LEU A 353 12.36 31.01 -32.93
CA LEU A 353 11.68 30.72 -34.18
C LEU A 353 11.47 29.21 -34.36
N VAL A 354 12.48 28.40 -34.01
CA VAL A 354 12.36 26.97 -34.25
C VAL A 354 11.31 26.35 -33.34
N ALA A 355 11.35 26.68 -32.04
CA ALA A 355 10.31 26.24 -31.12
C ALA A 355 8.92 26.60 -31.62
N ASP A 356 8.75 27.85 -32.09
CA ASP A 356 7.47 28.24 -32.67
C ASP A 356 7.07 27.29 -33.82
N GLN A 357 7.98 27.00 -34.76
CA GLN A 357 7.65 26.09 -35.86
C GLN A 357 7.28 24.70 -35.36
N TYR A 358 8.01 24.21 -34.34
CA TYR A 358 7.69 22.93 -33.72
C TYR A 358 6.26 22.89 -33.17
N GLY A 359 5.85 23.94 -32.46
CA GLY A 359 4.53 23.92 -31.88
C GLY A 359 3.46 24.04 -32.94
N GLN A 360 3.73 24.84 -33.96
CA GLN A 360 2.79 24.96 -35.07
C GLN A 360 2.55 23.61 -35.73
N ARG A 361 3.60 22.80 -35.85
CA ARG A 361 3.44 21.47 -36.45
C ARG A 361 2.77 20.51 -35.48
N PHE A 362 3.15 20.55 -34.20
CA PHE A 362 2.43 19.75 -33.21
C PHE A 362 0.93 20.01 -33.31
N LEU A 363 0.54 21.28 -33.38
CA LEU A 363 -0.87 21.64 -33.48
C LEU A 363 -1.49 21.19 -34.80
N GLN A 364 -0.73 21.28 -35.91
CA GLN A 364 -1.27 20.93 -37.23
C GLN A 364 -1.66 19.45 -37.29
N GLU A 365 -0.83 18.59 -36.71
CA GLU A 365 -1.16 17.18 -36.58
C GLU A 365 -2.19 16.89 -35.47
N TRP A 366 -2.80 17.91 -34.86
CA TRP A 366 -3.98 17.72 -33.99
C TRP A 366 -5.24 17.75 -34.86
N GLU A 367 -5.36 16.70 -35.68
CA GLU A 367 -6.49 16.47 -36.59
C GLU A 367 -6.59 14.97 -36.91
N MET B 1 -6.01 -9.10 13.36
CA MET B 1 -6.98 -10.08 13.86
C MET B 1 -6.90 -11.39 13.09
N ASP B 2 -8.00 -12.16 13.12
CA ASP B 2 -8.06 -13.39 12.36
C ASP B 2 -8.23 -13.10 10.88
N ARG B 3 -7.79 -14.05 10.05
CA ARG B 3 -8.00 -14.02 8.61
C ARG B 3 -9.01 -15.11 8.26
N ILE B 4 -10.07 -14.75 7.55
CA ILE B 4 -11.18 -15.65 7.25
C ILE B 4 -11.50 -15.58 5.76
N ILE B 5 -11.75 -16.76 5.16
CA ILE B 5 -12.27 -16.91 3.81
C ILE B 5 -13.49 -17.81 3.87
N GLN B 6 -14.58 -17.40 3.22
CA GLN B 6 -15.81 -18.18 3.10
C GLN B 6 -16.03 -18.57 1.65
N SER B 7 -16.68 -19.73 1.45
CA SER B 7 -16.94 -20.24 0.11
C SER B 7 -18.17 -21.13 0.15
N PRO B 8 -18.95 -21.21 -0.95
CA PRO B 8 -19.87 -22.33 -1.10
C PRO B 8 -19.10 -23.63 -1.15
N GLY B 9 -19.71 -24.70 -0.58
CA GLY B 9 -19.03 -25.99 -0.50
C GLY B 9 -18.66 -26.58 -1.84
N LYS B 10 -19.46 -26.31 -2.88
CA LYS B 10 -19.21 -26.88 -4.19
C LYS B 10 -19.69 -25.88 -5.24
N TYR B 11 -18.85 -25.60 -6.24
CA TYR B 11 -19.23 -24.77 -7.38
C TYR B 11 -19.05 -25.63 -8.63
N ILE B 12 -20.13 -25.80 -9.37
CA ILE B 12 -20.14 -26.59 -10.60
C ILE B 12 -20.66 -25.71 -11.72
N GLN B 13 -20.00 -25.78 -12.87
CA GLN B 13 -20.52 -25.07 -14.03
C GLN B 13 -20.14 -25.84 -15.27
N GLY B 14 -21.03 -25.81 -16.25
CA GLY B 14 -20.89 -26.63 -17.45
C GLY B 14 -22.12 -26.47 -18.31
N ALA B 15 -21.97 -26.87 -19.58
CA ALA B 15 -23.10 -26.73 -20.50
C ALA B 15 -24.10 -27.87 -20.27
N ASP B 16 -25.39 -27.50 -20.23
CA ASP B 16 -26.49 -28.46 -20.02
C ASP B 16 -26.34 -29.20 -18.70
N VAL B 17 -25.80 -28.52 -17.69
CA VAL B 17 -25.56 -29.18 -16.42
C VAL B 17 -26.86 -29.45 -15.66
N ILE B 18 -27.97 -28.77 -16.02
CA ILE B 18 -29.21 -29.09 -15.34
C ILE B 18 -29.72 -30.48 -15.68
N ASN B 19 -29.19 -31.11 -16.73
CA ASN B 19 -29.45 -32.53 -16.89
C ASN B 19 -28.87 -33.36 -15.75
N ARG B 20 -27.88 -32.84 -15.01
CA ARG B 20 -27.21 -33.61 -13.96
C ARG B 20 -27.52 -33.08 -12.56
N LEU B 21 -28.58 -32.29 -12.40
CA LEU B 21 -28.91 -31.79 -11.08
C LEU B 21 -29.11 -32.93 -10.08
N GLY B 22 -29.74 -34.02 -10.52
CA GLY B 22 -30.08 -35.09 -9.61
C GLY B 22 -28.85 -35.77 -9.03
N GLU B 23 -27.92 -36.16 -9.91
CA GLU B 23 -26.67 -36.79 -9.48
C GLU B 23 -25.85 -35.88 -8.57
N TYR B 24 -25.90 -34.55 -8.78
CA TYR B 24 -25.08 -33.66 -7.97
C TYR B 24 -25.72 -33.35 -6.63
N LEU B 25 -27.05 -33.30 -6.57
CA LEU B 25 -27.76 -32.95 -5.35
C LEU B 25 -28.04 -34.14 -4.44
N LYS B 26 -28.00 -35.38 -4.97
CA LYS B 26 -28.37 -36.53 -4.17
C LYS B 26 -27.61 -36.66 -2.85
N PRO B 27 -26.28 -36.46 -2.78
CA PRO B 27 -25.60 -36.52 -1.47
C PRO B 27 -26.17 -35.58 -0.41
N LEU B 28 -26.84 -34.51 -0.80
CA LEU B 28 -27.26 -33.52 0.18
C LEU B 28 -28.54 -33.93 0.88
N ALA B 29 -29.48 -34.49 0.11
CA ALA B 29 -30.81 -34.80 0.61
C ALA B 29 -31.52 -35.67 -0.42
N GLU B 30 -32.64 -36.26 0.00
CA GLU B 30 -33.44 -37.10 -0.86
C GLU B 30 -34.77 -36.48 -1.27
N ARG B 31 -35.30 -35.57 -0.46
CA ARG B 31 -36.57 -34.89 -0.73
C ARG B 31 -36.31 -33.40 -0.90
N TRP B 32 -36.52 -32.92 -2.13
CA TRP B 32 -36.16 -31.57 -2.52
C TRP B 32 -37.40 -30.76 -2.86
N LEU B 33 -37.44 -29.50 -2.43
CA LEU B 33 -38.35 -28.51 -2.98
C LEU B 33 -37.56 -27.63 -3.93
N VAL B 34 -38.11 -27.40 -5.12
CA VAL B 34 -37.49 -26.56 -6.14
C VAL B 34 -38.28 -25.27 -6.21
N VAL B 35 -37.65 -24.15 -5.84
CA VAL B 35 -38.24 -22.84 -6.00
C VAL B 35 -37.78 -22.30 -7.36
N GLY B 36 -38.61 -22.47 -8.38
CA GLY B 36 -38.23 -22.22 -9.76
C GLY B 36 -38.79 -20.92 -10.34
N ASP B 37 -37.91 -20.18 -11.01
CA ASP B 37 -38.34 -19.04 -11.79
C ASP B 37 -39.35 -19.48 -12.84
N LYS B 38 -40.44 -18.71 -12.97
CA LYS B 38 -41.51 -19.11 -13.88
C LYS B 38 -41.02 -19.24 -15.32
N PHE B 39 -40.17 -18.31 -15.77
CA PHE B 39 -39.61 -18.40 -17.12
C PHE B 39 -38.70 -19.62 -17.27
N VAL B 40 -37.82 -19.87 -16.30
CA VAL B 40 -36.93 -21.02 -16.37
C VAL B 40 -37.71 -22.31 -16.45
N LEU B 41 -38.78 -22.41 -15.66
CA LEU B 41 -39.57 -23.63 -15.60
C LEU B 41 -40.38 -23.85 -16.87
N GLY B 42 -40.87 -22.74 -17.48
CA GLY B 42 -41.64 -22.86 -18.71
C GLY B 42 -40.94 -23.65 -19.80
N PHE B 43 -39.60 -23.64 -19.83
CA PHE B 43 -38.80 -24.26 -20.88
C PHE B 43 -37.94 -25.40 -20.37
N ALA B 44 -37.85 -25.60 -19.06
CA ALA B 44 -36.93 -26.60 -18.56
C ALA B 44 -37.48 -27.46 -17.43
N GLN B 45 -38.72 -27.21 -16.98
CA GLN B 45 -39.23 -28.01 -15.87
C GLN B 45 -39.21 -29.49 -16.19
N SER B 46 -39.63 -29.88 -17.42
CA SER B 46 -39.56 -31.27 -17.85
C SER B 46 -38.18 -31.90 -17.55
N THR B 47 -37.10 -31.22 -17.97
CA THR B 47 -35.79 -31.86 -17.87
C THR B 47 -35.26 -31.84 -16.44
N VAL B 48 -35.70 -30.86 -15.64
CA VAL B 48 -35.33 -30.82 -14.22
C VAL B 48 -35.97 -31.98 -13.47
N GLU B 49 -37.28 -32.21 -13.68
CA GLU B 49 -37.95 -33.34 -13.04
C GLU B 49 -37.36 -34.67 -13.50
N LYS B 50 -37.05 -34.80 -14.80
CA LYS B 50 -36.42 -36.01 -15.27
C LYS B 50 -35.06 -36.20 -14.63
N SER B 51 -34.28 -35.13 -14.47
CA SER B 51 -32.96 -35.29 -13.87
C SER B 51 -33.06 -35.83 -12.47
N PHE B 52 -34.05 -35.34 -11.71
CA PHE B 52 -34.24 -35.78 -10.33
C PHE B 52 -34.74 -37.21 -10.27
N LYS B 53 -35.73 -37.56 -11.10
CA LYS B 53 -36.29 -38.90 -11.06
C LYS B 53 -35.23 -39.94 -11.39
N ASP B 54 -34.42 -39.68 -12.41
CA ASP B 54 -33.43 -40.67 -12.80
C ASP B 54 -32.41 -40.93 -11.69
N ALA B 55 -32.26 -40.01 -10.74
CA ALA B 55 -31.38 -40.17 -9.59
C ALA B 55 -32.12 -40.68 -8.36
N GLY B 56 -33.39 -41.04 -8.51
CA GLY B 56 -34.12 -41.61 -7.39
C GLY B 56 -34.44 -40.62 -6.31
N LEU B 57 -34.68 -39.37 -6.66
CA LEU B 57 -35.04 -38.36 -5.67
C LEU B 57 -36.50 -37.97 -5.88
N VAL B 58 -37.04 -37.24 -4.91
CA VAL B 58 -38.41 -36.74 -4.92
C VAL B 58 -38.36 -35.23 -5.01
N VAL B 59 -39.18 -34.66 -5.91
CA VAL B 59 -39.23 -33.20 -6.08
C VAL B 59 -40.62 -32.65 -5.81
N GLU B 60 -40.63 -31.41 -5.31
CA GLU B 60 -41.84 -30.59 -5.26
C GLU B 60 -41.48 -29.30 -6.01
N ILE B 61 -41.90 -29.22 -7.27
CA ILE B 61 -41.66 -28.03 -8.07
C ILE B 61 -42.62 -26.94 -7.61
N ALA B 62 -42.07 -25.79 -7.24
CA ALA B 62 -42.86 -24.69 -6.70
C ALA B 62 -42.55 -23.43 -7.49
N PRO B 63 -43.40 -23.06 -8.45
CA PRO B 63 -43.20 -21.79 -9.17
C PRO B 63 -43.08 -20.61 -8.22
N PHE B 64 -41.98 -19.85 -8.41
CA PHE B 64 -41.69 -18.69 -7.57
C PHE B 64 -42.67 -17.56 -7.86
N GLY B 65 -43.15 -16.92 -6.79
CA GLY B 65 -44.14 -15.88 -6.95
C GLY B 65 -43.63 -14.66 -7.68
N GLY B 66 -42.33 -14.38 -7.60
CA GLY B 66 -41.77 -13.22 -8.25
C GLY B 66 -41.05 -12.26 -7.32
N GLU B 67 -41.58 -12.06 -6.12
CA GLU B 67 -40.98 -11.15 -5.15
C GLU B 67 -40.38 -11.95 -3.99
N CYS B 68 -39.27 -11.44 -3.45
CA CYS B 68 -38.67 -12.12 -2.30
C CYS B 68 -39.23 -11.59 -0.97
N SER B 69 -40.55 -11.73 -0.80
CA SER B 69 -41.21 -11.22 0.40
C SER B 69 -41.27 -12.29 1.49
N GLN B 70 -41.64 -11.87 2.70
CA GLN B 70 -41.85 -12.86 3.76
C GLN B 70 -43.11 -13.68 3.51
N ASN B 71 -44.14 -13.07 2.90
CA ASN B 71 -45.31 -13.85 2.47
C ASN B 71 -44.88 -15.02 1.62
N GLU B 72 -44.03 -14.75 0.61
CA GLU B 72 -43.61 -15.79 -0.31
C GLU B 72 -42.74 -16.84 0.38
N ILE B 73 -41.88 -16.41 1.29
CA ILE B 73 -41.11 -17.35 2.10
C ILE B 73 -42.04 -18.28 2.88
N ASP B 74 -42.99 -17.69 3.62
CA ASP B 74 -43.95 -18.49 4.39
C ASP B 74 -44.71 -19.46 3.50
N ARG B 75 -45.33 -18.96 2.42
CA ARG B 75 -46.04 -19.82 1.49
C ARG B 75 -45.19 -21.00 1.05
N LEU B 76 -43.95 -20.74 0.62
CA LEU B 76 -43.09 -21.81 0.14
C LEU B 76 -42.73 -22.78 1.25
N ARG B 77 -42.57 -22.29 2.48
CA ARG B 77 -42.18 -23.17 3.61
C ARG B 77 -43.30 -24.18 3.87
N GLY B 78 -44.55 -23.72 3.82
CA GLY B 78 -45.66 -24.66 3.94
C GLY B 78 -45.60 -25.79 2.93
N ILE B 79 -45.40 -25.46 1.65
CA ILE B 79 -45.24 -26.49 0.63
C ILE B 79 -44.09 -27.44 1.00
N ALA B 80 -42.97 -26.86 1.44
CA ALA B 80 -41.79 -27.67 1.70
C ALA B 80 -42.01 -28.62 2.87
N GLU B 81 -42.72 -28.15 3.91
CA GLU B 81 -43.00 -28.98 5.08
C GLU B 81 -44.01 -30.07 4.78
N THR B 82 -45.14 -29.70 4.19
CA THR B 82 -46.12 -30.68 3.76
C THR B 82 -45.47 -31.80 2.98
N ALA B 83 -44.51 -31.47 2.11
CA ALA B 83 -43.83 -32.50 1.33
C ALA B 83 -42.64 -33.13 2.06
N GLN B 84 -42.29 -32.62 3.24
CA GLN B 84 -41.18 -33.14 4.05
C GLN B 84 -39.88 -33.10 3.26
N CYS B 85 -39.54 -31.88 2.83
CA CYS B 85 -38.34 -31.63 2.04
C CYS B 85 -37.16 -31.35 2.96
N GLY B 86 -36.03 -31.99 2.67
CA GLY B 86 -34.82 -31.84 3.46
C GLY B 86 -33.79 -30.86 2.95
N ALA B 87 -34.02 -30.23 1.80
CA ALA B 87 -33.12 -29.28 1.16
C ALA B 87 -33.91 -28.51 0.11
N ILE B 88 -33.50 -27.26 -0.14
CA ILE B 88 -34.13 -26.40 -1.14
C ILE B 88 -33.17 -26.22 -2.31
N LEU B 89 -33.72 -26.22 -3.52
CA LEU B 89 -32.98 -25.82 -4.71
C LEU B 89 -33.68 -24.59 -5.30
N GLY B 90 -32.94 -23.48 -5.41
CA GLY B 90 -33.43 -22.31 -6.12
C GLY B 90 -32.76 -22.25 -7.49
N ILE B 91 -33.58 -21.99 -8.51
CA ILE B 91 -33.08 -21.93 -9.90
C ILE B 91 -33.75 -20.75 -10.60
N GLY B 92 -32.93 -19.85 -11.16
CA GLY B 92 -33.44 -18.67 -11.83
C GLY B 92 -32.66 -17.39 -11.57
N GLY B 93 -33.37 -16.26 -11.52
CA GLY B 93 -32.74 -14.97 -11.29
C GLY B 93 -32.43 -14.73 -9.82
N GLY B 94 -32.02 -13.50 -9.54
CA GLY B 94 -31.54 -13.19 -8.20
C GLY B 94 -32.63 -13.26 -7.14
N LYS B 95 -33.81 -12.71 -7.45
CA LYS B 95 -34.90 -12.76 -6.48
C LYS B 95 -35.28 -14.21 -6.16
N THR B 96 -35.29 -15.08 -7.17
CA THR B 96 -35.50 -16.50 -6.93
C THR B 96 -34.45 -17.05 -5.96
N LEU B 97 -33.17 -16.83 -6.25
CA LEU B 97 -32.12 -17.44 -5.46
C LEU B 97 -32.08 -16.89 -4.04
N ASP B 98 -32.31 -15.57 -3.88
CA ASP B 98 -32.40 -14.97 -2.55
C ASP B 98 -33.51 -15.58 -1.72
N THR B 99 -34.66 -15.88 -2.32
CA THR B 99 -35.75 -16.56 -1.62
C THR B 99 -35.34 -17.96 -1.17
N ALA B 100 -34.82 -18.77 -2.09
CA ALA B 100 -34.38 -20.11 -1.71
C ALA B 100 -33.42 -20.07 -0.54
N LYS B 101 -32.51 -19.10 -0.52
CA LYS B 101 -31.52 -19.03 0.55
C LYS B 101 -32.18 -18.68 1.88
N ALA B 102 -33.11 -17.73 1.86
CA ALA B 102 -33.87 -17.38 3.07
C ALA B 102 -34.71 -18.55 3.56
N LEU B 103 -35.39 -19.24 2.64
CA LEU B 103 -36.23 -20.38 3.01
C LEU B 103 -35.43 -21.46 3.73
N ALA B 104 -34.33 -21.93 3.11
CA ALA B 104 -33.54 -22.99 3.69
C ALA B 104 -32.91 -22.60 5.03
N HIS B 105 -32.64 -21.31 5.21
CA HIS B 105 -32.16 -20.85 6.52
C HIS B 105 -33.22 -21.05 7.59
N PHE B 106 -34.43 -20.54 7.34
CA PHE B 106 -35.49 -20.68 8.33
C PHE B 106 -35.83 -22.13 8.59
N MET B 107 -35.69 -22.99 7.58
CA MET B 107 -35.96 -24.41 7.76
C MET B 107 -34.74 -25.19 8.25
N GLY B 108 -33.58 -24.53 8.38
CA GLY B 108 -32.35 -25.22 8.76
C GLY B 108 -32.00 -26.42 7.91
N VAL B 109 -32.15 -26.30 6.59
CA VAL B 109 -31.85 -27.37 5.65
C VAL B 109 -30.81 -26.85 4.66
N PRO B 110 -30.03 -27.72 4.04
CA PRO B 110 -29.05 -27.23 3.04
C PRO B 110 -29.75 -26.62 1.83
N VAL B 111 -29.04 -25.71 1.14
CA VAL B 111 -29.57 -25.01 -0.01
C VAL B 111 -28.67 -25.27 -1.24
N ALA B 112 -29.30 -25.39 -2.40
CA ALA B 112 -28.60 -25.37 -3.68
C ALA B 112 -29.08 -24.18 -4.50
N ILE B 113 -28.13 -23.47 -5.12
CA ILE B 113 -28.40 -22.28 -5.91
C ILE B 113 -27.95 -22.56 -7.34
N ALA B 114 -28.86 -22.36 -8.30
CA ALA B 114 -28.61 -22.56 -9.74
C ALA B 114 -28.99 -21.30 -10.50
N PRO B 115 -28.07 -20.32 -10.62
CA PRO B 115 -28.39 -19.09 -11.33
C PRO B 115 -28.57 -19.37 -12.81
N THR B 116 -29.56 -18.70 -13.41
CA THR B 116 -29.74 -18.80 -14.85
C THR B 116 -29.31 -17.53 -15.59
N ILE B 117 -28.77 -16.55 -14.86
CA ILE B 117 -28.13 -15.38 -15.46
C ILE B 117 -26.87 -15.10 -14.64
N ALA B 118 -25.84 -14.57 -15.31
CA ALA B 118 -24.61 -14.21 -14.62
C ALA B 118 -24.52 -12.69 -14.51
N SER B 119 -25.42 -12.09 -13.71
CA SER B 119 -25.54 -10.63 -13.69
C SER B 119 -25.12 -9.97 -12.39
N THR B 120 -25.00 -10.71 -11.28
CA THR B 120 -24.45 -10.15 -10.04
C THR B 120 -23.54 -11.19 -9.39
N ASP B 121 -22.82 -10.77 -8.34
CA ASP B 121 -21.96 -11.65 -7.56
C ASP B 121 -22.69 -12.27 -6.37
N ALA B 122 -23.98 -12.07 -6.27
CA ALA B 122 -24.75 -12.51 -5.11
C ALA B 122 -24.85 -14.03 -4.93
N PRO B 123 -24.98 -14.84 -5.99
CA PRO B 123 -25.32 -16.26 -5.79
C PRO B 123 -24.49 -16.99 -4.75
N CYS B 124 -23.17 -17.03 -4.92
CA CYS B 124 -22.31 -17.77 -4.01
C CYS B 124 -22.26 -17.18 -2.61
N SER B 125 -22.76 -15.99 -2.41
CA SER B 125 -22.45 -15.33 -1.16
C SER B 125 -23.45 -15.74 -0.07
N ALA B 126 -23.06 -15.51 1.17
CA ALA B 126 -23.91 -15.75 2.32
C ALA B 126 -24.65 -14.48 2.73
N LEU B 127 -25.23 -13.79 1.76
CA LEU B 127 -25.68 -12.42 1.96
C LEU B 127 -27.06 -12.22 1.37
N SER B 128 -27.50 -10.97 1.41
CA SER B 128 -28.80 -10.54 0.94
C SER B 128 -28.80 -9.02 1.11
N VAL B 129 -29.15 -8.27 0.05
CA VAL B 129 -29.27 -6.80 0.13
C VAL B 129 -30.75 -6.49 0.36
N ILE B 130 -31.06 -5.87 1.51
CA ILE B 130 -32.42 -5.49 1.87
C ILE B 130 -32.71 -4.10 1.30
N TYR B 131 -33.86 -3.95 0.65
CA TYR B 131 -34.19 -2.73 -0.08
C TYR B 131 -35.56 -2.20 0.37
N THR B 132 -35.63 -0.89 0.56
CA THR B 132 -36.91 -0.24 0.78
C THR B 132 -37.74 -0.34 -0.50
N ASP B 133 -39.05 -0.09 -0.36
CA ASP B 133 -39.95 -0.18 -1.50
C ASP B 133 -39.84 1.01 -2.46
N GLU B 134 -38.96 1.97 -2.17
CA GLU B 134 -38.71 3.11 -3.04
C GLU B 134 -37.56 2.87 -4.02
N GLY B 135 -36.87 1.73 -3.91
CA GLY B 135 -35.73 1.45 -4.76
C GLY B 135 -34.40 1.90 -4.22
N GLU B 136 -34.32 2.25 -2.93
CA GLU B 136 -33.12 2.78 -2.29
C GLU B 136 -32.53 1.75 -1.34
N PHE B 137 -31.19 1.73 -1.25
CA PHE B 137 -30.50 0.77 -0.39
C PHE B 137 -30.93 0.93 1.06
N ASP B 138 -30.86 -0.18 1.81
CA ASP B 138 -31.15 -0.17 3.24
C ASP B 138 -30.02 -0.81 4.04
N ARG B 139 -29.80 -2.12 3.84
CA ARG B 139 -28.83 -2.84 4.66
C ARG B 139 -28.44 -4.15 3.97
N TYR B 140 -27.25 -4.63 4.35
CA TYR B 140 -26.84 -6.00 4.01
C TYR B 140 -27.36 -6.95 5.09
N LEU B 141 -28.03 -8.01 4.65
CA LEU B 141 -28.59 -9.05 5.52
C LEU B 141 -27.73 -10.31 5.42
N LEU B 142 -27.05 -10.68 6.51
CA LEU B 142 -26.09 -11.78 6.49
C LEU B 142 -26.76 -13.12 6.88
N LEU B 143 -26.09 -14.20 6.48
CA LEU B 143 -26.54 -15.56 6.71
C LEU B 143 -25.40 -16.35 7.33
N PRO B 144 -25.71 -17.38 8.11
CA PRO B 144 -24.65 -18.11 8.83
C PRO B 144 -23.71 -18.90 7.94
N ASN B 145 -24.10 -19.22 6.71
CA ASN B 145 -23.21 -19.97 5.84
C ASN B 145 -23.60 -19.76 4.38
N ASN B 146 -22.65 -20.04 3.50
CA ASN B 146 -22.83 -19.87 2.07
C ASN B 146 -23.65 -21.04 1.54
N PRO B 147 -24.16 -20.93 0.31
CA PRO B 147 -24.90 -22.06 -0.26
C PRO B 147 -24.03 -23.32 -0.26
N ASN B 148 -24.70 -24.47 -0.17
CA ASN B 148 -23.92 -25.70 -0.13
C ASN B 148 -23.36 -26.01 -1.50
N MET B 149 -24.17 -25.79 -2.54
CA MET B 149 -23.78 -26.03 -3.92
C MET B 149 -24.29 -24.89 -4.79
N VAL B 150 -23.44 -24.45 -5.72
CA VAL B 150 -23.84 -23.54 -6.78
C VAL B 150 -23.64 -24.27 -8.10
N ILE B 151 -24.67 -24.27 -8.95
CA ILE B 151 -24.65 -25.02 -10.20
C ILE B 151 -25.05 -24.07 -11.31
N VAL B 152 -24.13 -23.82 -12.25
CA VAL B 152 -24.35 -22.85 -13.33
C VAL B 152 -24.37 -23.58 -14.66
N ASP B 153 -25.53 -23.53 -15.33
CA ASP B 153 -25.66 -24.06 -16.69
C ASP B 153 -25.28 -22.95 -17.67
N THR B 154 -24.10 -23.09 -18.29
CA THR B 154 -23.55 -22.05 -19.16
C THR B 154 -24.38 -21.89 -20.43
N LYS B 155 -25.11 -22.94 -20.86
CA LYS B 155 -25.94 -22.81 -22.04
C LYS B 155 -27.21 -22.04 -21.74
N ILE B 156 -27.83 -22.28 -20.59
CA ILE B 156 -28.97 -21.47 -20.18
C ILE B 156 -28.56 -20.01 -20.08
N VAL B 157 -27.41 -19.74 -19.43
CA VAL B 157 -26.94 -18.38 -19.21
C VAL B 157 -26.69 -17.69 -20.54
N ALA B 158 -26.11 -18.41 -21.51
CA ALA B 158 -25.87 -17.80 -22.80
C ALA B 158 -27.16 -17.36 -23.49
N GLY B 159 -28.32 -17.85 -23.04
CA GLY B 159 -29.55 -17.48 -23.70
C GLY B 159 -30.08 -16.13 -23.29
N ALA B 160 -29.67 -15.64 -22.12
CA ALA B 160 -30.17 -14.38 -21.63
C ALA B 160 -29.73 -13.24 -22.55
N PRO B 161 -30.41 -12.11 -22.48
CA PRO B 161 -29.88 -10.88 -23.09
C PRO B 161 -28.43 -10.64 -22.69
N ALA B 162 -27.62 -10.22 -23.67
CA ALA B 162 -26.23 -9.93 -23.38
C ALA B 162 -26.06 -8.80 -22.38
N ARG B 163 -27.04 -7.88 -22.27
CA ARG B 163 -26.97 -6.81 -21.29
C ARG B 163 -26.83 -7.35 -19.87
N LEU B 164 -27.46 -8.48 -19.59
CA LEU B 164 -27.32 -9.06 -18.27
C LEU B 164 -25.90 -9.56 -18.03
N LEU B 165 -25.28 -10.20 -19.03
CA LEU B 165 -23.90 -10.65 -18.84
C LEU B 165 -22.99 -9.45 -18.58
N ALA B 166 -23.19 -8.35 -19.32
CA ALA B 166 -22.37 -7.14 -19.12
C ALA B 166 -22.58 -6.55 -17.73
N ALA B 167 -23.81 -6.58 -17.21
CA ALA B 167 -24.04 -6.08 -15.86
C ALA B 167 -23.29 -6.92 -14.83
N GLY B 168 -23.20 -8.23 -15.06
CA GLY B 168 -22.34 -9.05 -14.24
C GLY B 168 -20.87 -8.67 -14.35
N ILE B 169 -20.40 -8.40 -15.57
CA ILE B 169 -19.04 -7.89 -15.76
C ILE B 169 -18.86 -6.60 -14.97
N GLY B 170 -19.87 -5.74 -14.96
CA GLY B 170 -19.77 -4.51 -14.20
C GLY B 170 -19.66 -4.74 -12.70
N ASP B 171 -20.50 -5.63 -12.17
CA ASP B 171 -20.44 -5.94 -10.75
C ASP B 171 -19.11 -6.61 -10.38
N ALA B 172 -18.52 -7.39 -11.31
CA ALA B 172 -17.28 -8.12 -11.07
C ALA B 172 -16.05 -7.26 -11.32
N LEU B 173 -16.15 -6.24 -12.19
CA LEU B 173 -15.04 -5.35 -12.43
C LEU B 173 -14.59 -4.65 -11.15
N ALA B 174 -15.53 -4.43 -10.22
CA ALA B 174 -15.23 -3.78 -8.94
C ALA B 174 -14.44 -4.66 -7.98
N THR B 175 -14.53 -5.99 -8.09
CA THR B 175 -14.02 -6.92 -7.08
C THR B 175 -12.58 -6.59 -6.69
N TRP B 176 -11.67 -6.61 -7.66
CA TRP B 176 -10.26 -6.39 -7.38
C TRP B 176 -10.01 -5.02 -6.73
N PHE B 177 -10.66 -3.98 -7.26
CA PHE B 177 -10.35 -2.64 -6.76
C PHE B 177 -10.84 -2.43 -5.33
N GLU B 178 -11.99 -3.00 -4.98
CA GLU B 178 -12.47 -2.85 -3.61
C GLU B 178 -11.73 -3.78 -2.65
N ALA B 179 -11.41 -5.01 -3.08
CA ALA B 179 -10.63 -5.87 -2.19
C ALA B 179 -9.23 -5.30 -1.98
N ARG B 180 -8.65 -4.74 -3.05
CA ARG B 180 -7.29 -4.21 -2.96
C ARG B 180 -7.22 -3.05 -1.99
N ALA B 181 -8.23 -2.16 -2.03
CA ALA B 181 -8.31 -1.06 -1.07
C ALA B 181 -8.52 -1.57 0.36
N CYS B 182 -9.33 -2.62 0.56
CA CYS B 182 -9.45 -3.17 1.89
C CYS B 182 -8.15 -3.76 2.39
N SER B 183 -7.37 -4.39 1.51
CA SER B 183 -6.05 -4.87 1.89
C SER B 183 -5.13 -3.71 2.26
N ARG B 184 -5.14 -2.62 1.47
CA ARG B 184 -4.29 -1.46 1.75
C ARG B 184 -4.63 -0.81 3.09
N SER B 185 -5.92 -0.77 3.43
CA SER B 185 -6.44 -0.03 4.58
C SER B 185 -6.59 -0.90 5.80
N GLY B 186 -6.28 -2.19 5.68
CA GLY B 186 -6.48 -3.09 6.79
C GLY B 186 -7.93 -3.22 7.22
N ALA B 187 -8.86 -3.03 6.28
CA ALA B 187 -10.29 -3.13 6.57
C ALA B 187 -10.69 -4.58 6.82
N THR B 188 -11.86 -4.75 7.45
CA THR B 188 -12.44 -6.06 7.70
C THR B 188 -13.39 -6.44 6.57
N THR B 189 -13.25 -7.67 6.08
CA THR B 189 -14.15 -8.17 5.05
C THR B 189 -15.49 -8.58 5.64
N MET B 190 -16.42 -8.86 4.75
CA MET B 190 -17.76 -9.30 5.14
C MET B 190 -17.75 -10.69 5.74
N ALA B 191 -16.67 -11.46 5.52
CA ALA B 191 -16.51 -12.74 6.17
C ALA B 191 -16.13 -12.59 7.65
N GLY B 192 -15.78 -11.37 8.07
CA GLY B 192 -15.50 -11.06 9.46
C GLY B 192 -14.04 -10.97 9.85
N GLY B 193 -13.12 -11.12 8.91
CA GLY B 193 -11.72 -11.09 9.23
C GLY B 193 -10.94 -10.19 8.29
N LYS B 194 -9.61 -10.27 8.39
CA LYS B 194 -8.70 -9.63 7.44
C LYS B 194 -8.64 -10.46 6.16
N CYS B 195 -7.98 -9.91 5.14
CA CYS B 195 -7.86 -10.59 3.85
C CYS B 195 -6.99 -11.83 3.98
N THR B 196 -7.43 -12.94 3.36
CA THR B 196 -6.49 -14.02 3.15
C THR B 196 -5.70 -13.77 1.85
N GLN B 197 -4.57 -14.47 1.72
CA GLN B 197 -3.87 -14.44 0.44
C GLN B 197 -4.75 -15.04 -0.66
N ALA B 198 -5.54 -16.06 -0.33
CA ALA B 198 -6.39 -16.71 -1.32
C ALA B 198 -7.43 -15.74 -1.89
N ALA B 199 -8.19 -15.03 -1.02
CA ALA B 199 -9.24 -14.16 -1.53
C ALA B 199 -8.68 -13.08 -2.47
N LEU B 200 -7.56 -12.45 -2.08
CA LEU B 200 -6.98 -11.42 -2.94
C LEU B 200 -6.52 -11.98 -4.27
N ALA B 201 -6.02 -13.23 -4.29
CA ALA B 201 -5.71 -13.92 -5.54
C ALA B 201 -6.92 -14.06 -6.44
N LEU B 202 -8.05 -14.51 -5.88
CA LEU B 202 -9.25 -14.67 -6.69
C LEU B 202 -9.78 -13.32 -7.18
N ALA B 203 -9.78 -12.31 -6.31
CA ALA B 203 -10.21 -10.98 -6.74
C ALA B 203 -9.33 -10.47 -7.87
N GLU B 204 -8.02 -10.69 -7.81
CA GLU B 204 -7.19 -10.22 -8.92
C GLU B 204 -7.34 -11.10 -10.16
N LEU B 205 -7.60 -12.39 -9.95
CA LEU B 205 -7.90 -13.27 -11.07
C LEU B 205 -9.16 -12.83 -11.79
N CYS B 206 -10.18 -12.46 -11.01
CA CYS B 206 -11.41 -11.92 -11.57
C CYS B 206 -11.14 -10.73 -12.51
N TYR B 207 -10.43 -9.71 -12.00
CA TYR B 207 -10.15 -8.54 -12.84
C TYR B 207 -9.43 -8.93 -14.13
N ASN B 208 -8.39 -9.75 -14.02
CA ASN B 208 -7.64 -10.10 -15.22
C ASN B 208 -8.47 -10.93 -16.18
N THR B 209 -9.31 -11.82 -15.66
CA THR B 209 -10.17 -12.60 -16.54
C THR B 209 -11.09 -11.70 -17.35
N LEU B 210 -11.65 -10.66 -16.71
CA LEU B 210 -12.53 -9.76 -17.44
C LEU B 210 -11.76 -8.96 -18.49
N LEU B 211 -10.53 -8.54 -18.20
CA LEU B 211 -9.72 -7.84 -19.19
C LEU B 211 -9.46 -8.72 -20.42
N GLU B 212 -9.13 -9.98 -20.21
CA GLU B 212 -8.70 -10.86 -21.30
C GLU B 212 -9.85 -11.50 -22.06
N GLU B 213 -11.02 -11.67 -21.43
CA GLU B 213 -12.10 -12.42 -22.06
C GLU B 213 -13.43 -11.66 -22.08
N GLY B 214 -13.48 -10.44 -21.57
CA GLY B 214 -14.75 -9.73 -21.51
C GLY B 214 -15.37 -9.47 -22.86
N GLU B 215 -14.58 -8.93 -23.79
CA GLU B 215 -15.11 -8.63 -25.12
C GLU B 215 -15.45 -9.89 -25.90
N LYS B 216 -14.63 -10.94 -25.77
CA LYS B 216 -14.88 -12.18 -26.49
C LYS B 216 -16.11 -12.88 -25.95
N ALA B 217 -16.27 -12.87 -24.62
CA ALA B 217 -17.46 -13.47 -24.02
C ALA B 217 -18.72 -12.73 -24.47
N MET B 218 -18.66 -11.40 -24.48
CA MET B 218 -19.77 -10.59 -24.96
C MET B 218 -20.17 -10.98 -26.38
N LEU B 219 -19.21 -11.34 -27.22
CA LEU B 219 -19.52 -11.76 -28.59
C LEU B 219 -20.31 -13.06 -28.60
N ALA B 220 -19.92 -14.03 -27.78
CA ALA B 220 -20.64 -15.30 -27.68
C ALA B 220 -22.03 -15.09 -27.12
N ALA B 221 -22.16 -14.26 -26.07
CA ALA B 221 -23.47 -14.02 -25.46
C ALA B 221 -24.45 -13.40 -26.45
N GLU B 222 -23.99 -12.49 -27.31
CA GLU B 222 -24.89 -11.92 -28.31
C GLU B 222 -25.41 -12.98 -29.28
N GLN B 223 -24.59 -13.98 -29.59
CA GLN B 223 -24.99 -15.13 -30.41
C GLN B 223 -25.65 -16.23 -29.59
N HIS B 224 -25.67 -16.11 -28.26
CA HIS B 224 -26.30 -17.10 -27.39
C HIS B 224 -25.68 -18.48 -27.51
N VAL B 225 -24.35 -18.54 -27.65
CA VAL B 225 -23.61 -19.79 -27.81
C VAL B 225 -22.50 -19.80 -26.77
N VAL B 226 -21.93 -20.96 -26.53
CA VAL B 226 -20.95 -21.13 -25.45
C VAL B 226 -19.57 -21.34 -26.06
N THR B 227 -18.65 -20.46 -25.69
CA THR B 227 -17.24 -20.56 -26.00
C THR B 227 -16.46 -20.55 -24.68
N PRO B 228 -15.18 -20.95 -24.71
CA PRO B 228 -14.39 -20.95 -23.47
C PRO B 228 -14.25 -19.56 -22.86
N ALA B 229 -14.15 -18.51 -23.68
CA ALA B 229 -14.17 -17.16 -23.14
C ALA B 229 -15.43 -16.91 -22.32
N LEU B 230 -16.60 -17.32 -22.84
CA LEU B 230 -17.84 -17.16 -22.08
C LEU B 230 -17.78 -17.93 -20.77
N GLU B 231 -17.25 -19.14 -20.81
CA GLU B 231 -17.17 -19.96 -19.58
C GLU B 231 -16.34 -19.23 -18.54
N ARG B 232 -15.18 -18.70 -18.94
CA ARG B 232 -14.32 -18.03 -17.98
C ARG B 232 -14.98 -16.79 -17.41
N VAL B 233 -15.70 -16.03 -18.23
CA VAL B 233 -16.34 -14.82 -17.75
C VAL B 233 -17.47 -15.16 -16.77
N ILE B 234 -18.20 -16.26 -17.04
CA ILE B 234 -19.27 -16.71 -16.14
C ILE B 234 -18.70 -17.13 -14.78
N GLU B 235 -17.56 -17.83 -14.79
CA GLU B 235 -16.87 -18.17 -13.54
C GLU B 235 -16.38 -16.91 -12.83
N ALA B 236 -15.79 -15.96 -13.58
CA ALA B 236 -15.39 -14.69 -12.97
C ALA B 236 -16.59 -13.94 -12.40
N ASN B 237 -17.71 -13.98 -13.12
CA ASN B 237 -18.88 -13.24 -12.68
C ASN B 237 -19.51 -13.87 -11.44
N THR B 238 -19.35 -15.18 -11.27
CA THR B 238 -20.09 -15.88 -10.22
C THR B 238 -19.19 -16.30 -9.07
N TYR B 239 -18.30 -17.26 -9.30
CA TYR B 239 -17.46 -17.72 -8.20
C TYR B 239 -16.42 -16.67 -7.80
N LEU B 240 -15.63 -16.16 -8.77
CA LEU B 240 -14.51 -15.28 -8.43
C LEU B 240 -14.99 -13.99 -7.78
N SER B 241 -15.97 -13.33 -8.42
CA SER B 241 -16.52 -12.09 -7.89
C SER B 241 -17.28 -12.31 -6.57
N GLY B 242 -17.92 -13.47 -6.41
CA GLY B 242 -18.58 -13.78 -5.16
C GLY B 242 -17.62 -13.97 -4.01
N VAL B 243 -16.64 -14.87 -4.16
CA VAL B 243 -15.68 -15.07 -3.08
C VAL B 243 -14.81 -13.84 -2.90
N GLY B 244 -14.53 -13.12 -3.98
CA GLY B 244 -13.68 -11.93 -3.90
C GLY B 244 -14.28 -10.83 -3.06
N PHE B 245 -15.53 -10.46 -3.33
CA PHE B 245 -16.10 -9.34 -2.59
C PHE B 245 -16.41 -9.73 -1.15
N GLU B 246 -16.87 -10.95 -0.93
CA GLU B 246 -17.25 -11.34 0.43
C GLU B 246 -16.02 -11.48 1.33
N SER B 247 -14.96 -12.10 0.83
CA SER B 247 -13.79 -12.42 1.64
C SER B 247 -12.60 -11.52 1.32
N GLY B 248 -12.78 -10.49 0.49
CA GLY B 248 -11.75 -9.50 0.21
C GLY B 248 -12.16 -8.08 0.58
N GLY B 249 -13.45 -7.84 0.73
CA GLY B 249 -13.90 -6.57 1.25
C GLY B 249 -14.60 -5.73 0.19
N LEU B 250 -15.59 -4.95 0.63
CA LEU B 250 -16.21 -3.93 -0.19
C LEU B 250 -15.64 -2.56 0.20
N ALA B 251 -15.73 -1.61 -0.74
CA ALA B 251 -15.22 -0.26 -0.49
C ALA B 251 -16.06 0.83 -1.16
N ALA B 252 -15.41 1.73 -1.91
CA ALA B 252 -16.10 2.89 -2.46
C ALA B 252 -17.09 2.52 -3.58
N ALA B 253 -16.75 1.58 -4.45
CA ALA B 253 -17.61 1.33 -5.61
C ALA B 253 -19.03 0.97 -5.19
N HIS B 254 -19.19 -0.02 -4.31
CA HIS B 254 -20.51 -0.39 -3.85
C HIS B 254 -21.17 0.65 -2.97
N ALA B 255 -20.40 1.46 -2.23
CA ALA B 255 -21.03 2.56 -1.51
C ALA B 255 -21.62 3.58 -2.49
N VAL B 256 -20.90 3.85 -3.57
CA VAL B 256 -21.42 4.76 -4.59
C VAL B 256 -22.63 4.14 -5.28
N HIS B 257 -22.64 2.82 -5.47
CA HIS B 257 -23.82 2.17 -6.02
C HIS B 257 -25.03 2.35 -5.11
N ASN B 258 -24.84 2.08 -3.82
CA ASN B 258 -25.93 2.33 -2.87
C ASN B 258 -26.33 3.80 -2.88
N GLY B 259 -25.36 4.70 -3.03
CA GLY B 259 -25.70 6.11 -3.12
C GLY B 259 -26.52 6.43 -4.35
N LEU B 260 -26.25 5.75 -5.47
CA LEU B 260 -26.98 6.05 -6.69
C LEU B 260 -28.45 5.62 -6.58
N THR B 261 -28.76 4.61 -5.75
CA THR B 261 -30.15 4.21 -5.58
C THR B 261 -30.96 5.23 -4.79
N ALA B 262 -30.31 6.15 -4.08
CA ALA B 262 -31.03 7.17 -3.32
C ALA B 262 -31.65 8.25 -4.20
N ILE B 263 -31.48 8.17 -5.52
CA ILE B 263 -32.19 9.07 -6.44
C ILE B 263 -32.93 8.17 -7.41
N PRO B 264 -34.08 8.60 -7.93
CA PRO B 264 -34.89 7.73 -8.78
C PRO B 264 -34.45 7.69 -10.24
N ASP B 265 -33.45 8.46 -10.64
CA ASP B 265 -33.13 8.56 -12.07
C ASP B 265 -32.63 7.24 -12.63
N ALA B 266 -31.84 6.52 -11.85
CA ALA B 266 -31.21 5.32 -12.38
C ALA B 266 -31.88 4.08 -11.84
N HIS B 267 -33.13 4.20 -11.39
CA HIS B 267 -33.84 3.03 -10.89
C HIS B 267 -33.98 1.95 -11.96
N HIS B 268 -34.19 2.34 -13.21
CA HIS B 268 -34.41 1.36 -14.28
C HIS B 268 -33.10 0.75 -14.83
N TYR B 269 -32.01 0.76 -14.06
CA TYR B 269 -30.73 0.20 -14.49
C TYR B 269 -30.31 -0.91 -13.53
N TYR B 270 -29.53 -1.85 -14.05
CA TYR B 270 -29.17 -3.02 -13.26
C TYR B 270 -28.12 -2.68 -12.20
N HIS B 271 -27.98 -3.59 -11.24
CA HIS B 271 -26.93 -3.47 -10.22
C HIS B 271 -25.59 -3.16 -10.87
N GLY B 272 -25.08 -4.09 -11.69
CA GLY B 272 -23.73 -3.98 -12.24
C GLY B 272 -23.47 -2.73 -13.04
N GLU B 273 -24.51 -2.16 -13.65
CA GLU B 273 -24.33 -0.92 -14.40
C GLU B 273 -24.06 0.24 -13.46
N LYS B 274 -24.70 0.26 -12.29
CA LYS B 274 -24.42 1.33 -11.34
C LYS B 274 -23.08 1.10 -10.67
N VAL B 275 -22.78 -0.16 -10.31
CA VAL B 275 -21.47 -0.49 -9.79
C VAL B 275 -20.38 -0.11 -10.78
N ALA B 276 -20.62 -0.27 -12.09
CA ALA B 276 -19.62 0.10 -13.10
C ALA B 276 -19.20 1.55 -12.94
N PHE B 277 -20.15 2.45 -12.68
CA PHE B 277 -19.80 3.84 -12.46
C PHE B 277 -19.19 4.05 -11.08
N GLY B 278 -19.67 3.33 -10.06
CA GLY B 278 -18.99 3.33 -8.77
C GLY B 278 -17.53 2.91 -8.81
N THR B 279 -17.18 1.94 -9.68
CA THR B 279 -15.76 1.60 -9.79
C THR B 279 -14.98 2.80 -10.30
N LEU B 280 -15.45 3.39 -11.40
CA LEU B 280 -14.82 4.60 -11.95
C LEU B 280 -14.76 5.72 -10.93
N THR B 281 -15.81 5.89 -10.12
CA THR B 281 -15.76 6.89 -9.06
C THR B 281 -14.70 6.54 -8.02
N GLN B 282 -14.58 5.24 -7.68
CA GLN B 282 -13.53 4.85 -6.73
C GLN B 282 -12.13 5.13 -7.29
N LEU B 283 -11.94 4.95 -8.60
CA LEU B 283 -10.62 5.17 -9.16
C LEU B 283 -10.22 6.64 -9.10
N VAL B 284 -11.18 7.56 -9.27
CA VAL B 284 -10.85 8.98 -9.08
C VAL B 284 -10.56 9.25 -7.60
N LEU B 285 -11.45 8.79 -6.72
CA LEU B 285 -11.33 8.99 -5.28
C LEU B 285 -9.94 8.61 -4.76
N GLU B 286 -9.44 7.43 -5.16
CA GLU B 286 -8.14 6.92 -4.76
C GLU B 286 -7.02 7.32 -5.72
N ASN B 287 -7.30 8.22 -6.66
CA ASN B 287 -6.30 8.77 -7.58
C ASN B 287 -5.47 7.69 -8.26
N ALA B 288 -6.17 6.68 -8.78
CA ALA B 288 -5.53 5.63 -9.56
C ALA B 288 -4.71 6.23 -10.71
N PRO B 289 -3.66 5.54 -11.15
CA PRO B 289 -2.86 6.00 -12.29
C PRO B 289 -3.70 6.15 -13.55
N VAL B 290 -3.31 7.09 -14.40
CA VAL B 290 -4.08 7.35 -15.62
C VAL B 290 -4.21 6.09 -16.48
N GLU B 291 -3.15 5.25 -16.55
CA GLU B 291 -3.27 4.01 -17.33
C GLU B 291 -4.30 3.05 -16.74
N GLU B 292 -4.40 2.96 -15.42
CA GLU B 292 -5.39 2.07 -14.80
C GLU B 292 -6.81 2.54 -15.09
N ILE B 293 -7.07 3.83 -14.94
CA ILE B 293 -8.44 4.28 -15.16
C ILE B 293 -8.81 4.17 -16.64
N GLU B 294 -7.87 4.40 -17.55
CA GLU B 294 -8.19 4.29 -18.97
C GLU B 294 -8.53 2.85 -19.36
N THR B 295 -7.87 1.88 -18.74
CA THR B 295 -8.16 0.48 -19.03
C THR B 295 -9.55 0.12 -18.56
N VAL B 296 -9.87 0.45 -17.30
CA VAL B 296 -11.19 0.16 -16.76
C VAL B 296 -12.28 0.88 -17.54
N ALA B 297 -12.07 2.17 -17.85
CA ALA B 297 -13.03 2.89 -18.68
C ALA B 297 -13.18 2.25 -20.05
N ALA B 298 -12.10 1.72 -20.63
CA ALA B 298 -12.20 1.19 -21.98
C ALA B 298 -12.94 -0.14 -22.01
N LEU B 299 -12.67 -1.02 -21.04
CA LEU B 299 -13.38 -2.30 -20.98
C LEU B 299 -14.85 -2.09 -20.67
N SER B 300 -15.15 -1.18 -19.73
CA SER B 300 -16.53 -0.87 -19.41
C SER B 300 -17.32 -0.42 -20.64
N HIS B 301 -16.77 0.53 -21.41
CA HIS B 301 -17.43 0.99 -22.62
C HIS B 301 -17.50 -0.10 -23.68
N ALA B 302 -16.54 -1.03 -23.66
CA ALA B 302 -16.48 -2.07 -24.67
C ALA B 302 -17.58 -3.11 -24.50
N VAL B 303 -18.18 -3.20 -23.31
CA VAL B 303 -19.25 -4.13 -23.05
C VAL B 303 -20.57 -3.40 -22.79
N GLY B 304 -20.61 -2.09 -23.01
CA GLY B 304 -21.84 -1.35 -22.91
C GLY B 304 -22.17 -0.81 -21.54
N LEU B 305 -21.22 -0.81 -20.63
CA LEU B 305 -21.49 -0.31 -19.31
C LEU B 305 -21.44 1.22 -19.30
N PRO B 306 -22.18 1.86 -18.39
CA PRO B 306 -22.17 3.32 -18.34
C PRO B 306 -20.85 3.81 -17.76
N ILE B 307 -20.24 4.80 -18.41
CA ILE B 307 -19.08 5.47 -17.84
C ILE B 307 -19.31 6.97 -17.65
N THR B 308 -20.52 7.45 -17.92
CA THR B 308 -20.94 8.80 -17.61
C THR B 308 -22.31 8.75 -16.93
N LEU B 309 -22.66 9.86 -16.25
CA LEU B 309 -23.92 9.91 -15.49
C LEU B 309 -25.14 9.95 -16.41
N ALA B 310 -25.04 10.62 -17.56
CA ALA B 310 -26.14 10.57 -18.54
C ALA B 310 -26.45 9.14 -19.00
N GLN B 311 -25.44 8.26 -19.04
CA GLN B 311 -25.69 6.87 -19.41
C GLN B 311 -26.47 6.10 -18.35
N LEU B 312 -26.65 6.69 -17.16
CA LEU B 312 -27.61 6.18 -16.19
C LEU B 312 -28.83 7.09 -16.07
N ASP B 313 -29.08 7.90 -17.11
CA ASP B 313 -30.22 8.81 -17.22
C ASP B 313 -30.23 9.90 -16.13
N ILE B 314 -29.08 10.18 -15.55
CA ILE B 314 -28.93 11.30 -14.64
C ILE B 314 -28.49 12.49 -15.49
N LYS B 315 -29.44 13.35 -15.88
CA LYS B 315 -29.15 14.43 -16.81
C LYS B 315 -29.55 15.83 -16.33
N GLU B 316 -30.47 15.99 -15.37
CA GLU B 316 -30.87 17.29 -14.87
C GLU B 316 -30.63 17.37 -13.37
N ASP B 317 -30.31 18.59 -12.89
CA ASP B 317 -30.03 18.80 -11.47
C ASP B 317 -28.92 17.87 -11.01
N VAL B 318 -27.89 17.74 -11.84
CA VAL B 318 -26.82 16.81 -11.52
C VAL B 318 -26.15 17.16 -10.19
N PRO B 319 -25.71 18.41 -9.94
CA PRO B 319 -25.06 18.70 -8.66
C PRO B 319 -25.91 18.38 -7.45
N ALA B 320 -27.14 18.90 -7.40
CA ALA B 320 -28.06 18.55 -6.31
C ALA B 320 -28.16 17.05 -6.13
N LYS B 321 -28.30 16.30 -7.23
CA LYS B 321 -28.43 14.85 -7.14
C LYS B 321 -27.16 14.20 -6.61
N MET B 322 -26.01 14.65 -7.08
CA MET B 322 -24.74 14.10 -6.60
C MET B 322 -24.45 14.43 -5.14
N ARG B 323 -25.02 15.51 -4.58
CA ARG B 323 -24.89 15.67 -3.14
C ARG B 323 -25.64 14.57 -2.39
N ILE B 324 -26.83 14.22 -2.85
CA ILE B 324 -27.60 13.15 -2.22
C ILE B 324 -26.88 11.81 -2.37
N VAL B 325 -26.39 11.53 -3.57
CA VAL B 325 -25.63 10.31 -3.84
C VAL B 325 -24.40 10.24 -2.93
N ALA B 326 -23.69 11.36 -2.80
CA ALA B 326 -22.48 11.39 -2.00
C ALA B 326 -22.77 11.22 -0.52
N GLU B 327 -23.77 11.93 0.02
CA GLU B 327 -24.09 11.77 1.43
C GLU B 327 -24.52 10.34 1.73
N ALA B 328 -25.35 9.76 0.85
CA ALA B 328 -25.77 8.37 1.00
C ALA B 328 -24.58 7.42 1.05
N ALA B 329 -23.60 7.63 0.15
CA ALA B 329 -22.43 6.76 0.13
C ALA B 329 -21.67 6.79 1.45
N CYS B 330 -21.59 7.97 2.07
CA CYS B 330 -20.78 8.16 3.28
C CYS B 330 -21.55 7.88 4.56
N ALA B 331 -22.75 7.32 4.47
CA ALA B 331 -23.56 7.11 5.66
C ALA B 331 -22.87 6.17 6.65
N GLU B 332 -23.43 6.09 7.85
CA GLU B 332 -22.86 5.23 8.88
C GLU B 332 -23.06 3.77 8.55
N GLY B 333 -21.98 2.98 8.74
CA GLY B 333 -21.98 1.59 8.36
C GLY B 333 -21.73 1.32 6.90
N GLU B 334 -21.54 2.36 6.08
CA GLU B 334 -21.26 2.13 4.68
C GLU B 334 -19.81 1.71 4.47
N THR B 335 -19.55 1.09 3.32
CA THR B 335 -18.22 0.56 3.04
C THR B 335 -17.23 1.61 2.53
N ILE B 336 -17.68 2.84 2.21
CA ILE B 336 -16.75 3.89 1.75
C ILE B 336 -15.62 4.12 2.75
N HIS B 337 -15.89 3.92 4.03
CA HIS B 337 -14.92 4.10 5.09
C HIS B 337 -13.78 3.07 5.06
N ASN B 338 -13.92 1.99 4.30
CA ASN B 338 -12.82 1.06 4.13
C ASN B 338 -11.78 1.58 3.15
N MET B 339 -12.03 2.73 2.51
CA MET B 339 -11.03 3.29 1.63
C MET B 339 -9.80 3.65 2.47
N PRO B 340 -8.61 3.49 1.93
CA PRO B 340 -7.42 4.01 2.60
C PRO B 340 -7.54 5.50 2.86
N GLY B 341 -7.50 5.89 4.14
CA GLY B 341 -7.71 7.25 4.55
C GLY B 341 -9.16 7.63 4.79
N GLY B 342 -10.12 6.91 4.21
CA GLY B 342 -11.51 7.26 4.36
C GLY B 342 -12.01 8.19 3.27
N ALA B 343 -13.26 8.62 3.42
CA ALA B 343 -13.81 9.57 2.47
C ALA B 343 -14.94 10.35 3.13
N THR B 344 -14.97 11.61 2.83
CA THR B 344 -15.91 12.64 3.21
C THR B 344 -16.91 12.87 2.09
N PRO B 345 -18.13 13.30 2.44
CA PRO B 345 -19.11 13.60 1.39
C PRO B 345 -18.62 14.64 0.40
N ASP B 346 -17.79 15.60 0.84
CA ASP B 346 -17.20 16.49 -0.15
C ASP B 346 -16.28 15.75 -1.10
N GLN B 347 -15.59 14.73 -0.60
CA GLN B 347 -14.64 14.02 -1.45
C GLN B 347 -15.36 13.10 -2.45
N VAL B 348 -16.39 12.38 -1.99
CA VAL B 348 -17.16 11.52 -2.88
C VAL B 348 -17.90 12.35 -3.92
N TYR B 349 -18.49 13.49 -3.51
CA TYR B 349 -19.13 14.40 -4.45
C TYR B 349 -18.16 14.85 -5.55
N ALA B 350 -16.92 15.19 -5.16
CA ALA B 350 -15.93 15.58 -6.17
C ALA B 350 -15.69 14.44 -7.15
N ALA B 351 -15.39 13.25 -6.65
CA ALA B 351 -15.11 12.12 -7.52
C ALA B 351 -16.28 11.81 -8.46
N LEU B 352 -17.53 11.93 -7.99
CA LEU B 352 -18.66 11.71 -8.89
C LEU B 352 -18.56 12.63 -10.11
N LEU B 353 -18.48 13.94 -9.90
CA LEU B 353 -18.43 14.88 -11.02
C LEU B 353 -17.19 14.67 -11.89
N VAL B 354 -16.06 14.29 -11.30
CA VAL B 354 -14.83 14.16 -12.07
C VAL B 354 -14.82 12.85 -12.85
N ALA B 355 -15.28 11.75 -12.23
CA ALA B 355 -15.46 10.52 -12.98
C ALA B 355 -16.32 10.77 -14.21
N ASP B 356 -17.43 11.50 -14.02
CA ASP B 356 -18.33 11.82 -15.13
C ASP B 356 -17.62 12.63 -16.20
N GLN B 357 -16.89 13.69 -15.81
CA GLN B 357 -16.15 14.47 -16.79
C GLN B 357 -15.12 13.62 -17.53
N TYR B 358 -14.49 12.68 -16.82
CA TYR B 358 -13.55 11.79 -17.47
C TYR B 358 -14.26 10.87 -18.45
N GLY B 359 -15.41 10.30 -18.07
CA GLY B 359 -16.16 9.46 -18.98
C GLY B 359 -16.58 10.18 -20.24
N GLN B 360 -16.95 11.45 -20.12
CA GLN B 360 -17.38 12.22 -21.27
C GLN B 360 -16.24 12.47 -22.25
N ARG B 361 -15.04 12.72 -21.75
CA ARG B 361 -13.90 12.91 -22.64
C ARG B 361 -13.54 11.61 -23.35
N PHE B 362 -13.60 10.48 -22.64
CA PHE B 362 -13.28 9.20 -23.25
C PHE B 362 -14.21 8.90 -24.42
N LEU B 363 -15.52 9.17 -24.25
CA LEU B 363 -16.47 8.98 -25.33
C LEU B 363 -16.21 9.95 -26.49
N GLN B 364 -15.65 11.12 -26.21
CA GLN B 364 -15.32 12.03 -27.31
C GLN B 364 -14.08 11.56 -28.05
N GLU B 365 -13.00 11.22 -27.31
CA GLU B 365 -11.76 10.76 -27.95
C GLU B 365 -11.94 9.43 -28.69
N TRP B 366 -12.90 8.58 -28.27
CA TRP B 366 -13.21 7.34 -28.98
C TRP B 366 -13.75 7.59 -30.40
N GLU B 367 -14.23 8.82 -30.69
CA GLU B 367 -14.64 9.21 -32.04
C GLU B 367 -13.56 10.02 -32.78
N MET C 1 -6.98 14.71 6.00
CA MET C 1 -6.21 15.60 6.88
C MET C 1 -5.36 16.58 6.06
N ASP C 2 -4.69 17.51 6.73
CA ASP C 2 -3.75 18.38 6.04
C ASP C 2 -2.46 17.61 5.80
N ARG C 3 -1.76 17.99 4.75
CA ARG C 3 -0.43 17.45 4.51
C ARG C 3 0.57 18.56 4.82
N ILE C 4 1.60 18.22 5.60
CA ILE C 4 2.57 19.20 6.10
C ILE C 4 3.97 18.67 5.88
N ILE C 5 4.85 19.55 5.41
CA ILE C 5 6.28 19.30 5.39
C ILE C 5 6.98 20.45 6.11
N GLN C 6 7.91 20.12 7.01
CA GLN C 6 8.75 21.06 7.75
C GLN C 6 10.20 20.94 7.30
N SER C 7 10.89 22.09 7.22
CA SER C 7 12.29 22.11 6.81
C SER C 7 13.01 23.24 7.54
N PRO C 8 14.32 23.11 7.81
CA PRO C 8 15.15 24.27 8.17
C PRO C 8 15.19 25.31 7.05
N GLY C 9 15.39 26.57 7.44
CA GLY C 9 15.34 27.65 6.47
C GLY C 9 16.46 27.60 5.45
N LYS C 10 17.64 27.16 5.86
CA LYS C 10 18.79 27.11 4.98
C LYS C 10 19.65 25.93 5.44
N TYR C 11 20.04 25.09 4.49
CA TYR C 11 20.96 23.99 4.75
C TYR C 11 22.17 24.26 3.87
N ILE C 12 23.34 24.41 4.48
CA ILE C 12 24.57 24.74 3.79
C ILE C 12 25.56 23.65 4.11
N GLN C 13 26.39 23.31 3.13
CA GLN C 13 27.21 22.12 3.23
C GLN C 13 28.42 22.31 2.31
N GLY C 14 29.61 22.13 2.86
CA GLY C 14 30.81 22.39 2.09
C GLY C 14 32.03 22.17 2.95
N ALA C 15 33.17 22.00 2.26
CA ALA C 15 34.44 21.85 2.96
C ALA C 15 34.99 23.20 3.38
N ASP C 16 35.54 23.24 4.60
CA ASP C 16 36.05 24.47 5.22
C ASP C 16 34.98 25.56 5.23
N VAL C 17 33.75 25.17 5.56
CA VAL C 17 32.65 26.12 5.54
C VAL C 17 32.60 26.98 6.81
N ILE C 18 33.16 26.53 7.94
CA ILE C 18 33.17 27.40 9.12
C ILE C 18 33.93 28.69 8.86
N ASN C 19 34.89 28.67 7.93
CA ASN C 19 35.53 29.91 7.55
C ASN C 19 34.54 30.94 7.03
N ARG C 20 33.32 30.53 6.62
CA ARG C 20 32.33 31.45 6.10
C ARG C 20 31.09 31.55 6.97
N LEU C 21 31.16 31.02 8.20
CA LEU C 21 30.07 31.15 9.17
C LEU C 21 29.64 32.60 9.39
N GLY C 22 30.61 33.52 9.41
CA GLY C 22 30.28 34.91 9.63
C GLY C 22 29.37 35.47 8.55
N GLU C 23 29.77 35.31 7.29
CA GLU C 23 28.95 35.89 6.23
C GLU C 23 27.63 35.12 6.04
N TYR C 24 27.58 33.84 6.41
CA TYR C 24 26.31 33.14 6.31
C TYR C 24 25.35 33.58 7.41
N LEU C 25 25.85 33.73 8.64
CA LEU C 25 24.99 34.04 9.79
C LEU C 25 24.70 35.54 9.94
N LYS C 26 25.50 36.40 9.27
CA LYS C 26 25.37 37.86 9.44
C LYS C 26 23.97 38.40 9.24
N PRO C 27 23.21 38.00 8.21
CA PRO C 27 21.87 38.62 8.02
C PRO C 27 20.85 38.22 9.09
N LEU C 28 21.17 37.27 9.97
CA LEU C 28 20.23 36.84 11.00
C LEU C 28 20.31 37.71 12.24
N ALA C 29 21.52 38.00 12.71
CA ALA C 29 21.75 38.73 13.94
C ALA C 29 23.20 39.20 13.96
N GLU C 30 23.49 40.19 14.82
CA GLU C 30 24.84 40.73 14.96
C GLU C 30 25.56 40.23 16.22
N ARG C 31 24.83 40.03 17.32
CA ARG C 31 25.41 39.51 18.56
C ARG C 31 25.00 38.05 18.72
N TRP C 32 25.98 37.17 18.82
CA TRP C 32 25.78 35.72 18.78
C TRP C 32 26.35 35.04 20.02
N LEU C 33 25.62 34.10 20.58
CA LEU C 33 26.12 33.25 21.65
C LEU C 33 26.58 31.93 21.06
N VAL C 34 27.87 31.62 21.20
CA VAL C 34 28.43 30.40 20.63
C VAL C 34 28.51 29.34 21.73
N VAL C 35 27.61 28.34 21.68
CA VAL C 35 27.61 27.22 22.62
C VAL C 35 28.43 26.07 22.04
N GLY C 36 29.34 25.51 22.86
CA GLY C 36 30.10 24.33 22.46
C GLY C 36 30.93 23.69 23.56
N ASP C 37 31.16 22.37 23.51
CA ASP C 37 31.96 21.73 24.55
C ASP C 37 33.46 22.04 24.36
N LYS C 38 34.27 21.57 25.32
CA LYS C 38 35.70 21.86 25.28
C LYS C 38 36.34 21.31 24.02
N PHE C 39 36.04 20.04 23.68
CA PHE C 39 36.70 19.41 22.53
C PHE C 39 36.43 20.19 21.26
N VAL C 40 35.15 20.52 21.01
CA VAL C 40 34.80 21.18 19.75
C VAL C 40 35.39 22.57 19.69
N LEU C 41 35.16 23.37 20.76
CA LEU C 41 35.74 24.70 20.85
C LEU C 41 37.27 24.67 20.80
N GLY C 42 37.86 23.53 21.15
CA GLY C 42 39.30 23.39 21.09
C GLY C 42 39.86 23.55 19.69
N PHE C 43 39.18 23.01 18.68
CA PHE C 43 39.64 23.15 17.30
C PHE C 43 38.85 24.16 16.49
N ALA C 44 37.69 24.62 16.96
CA ALA C 44 36.87 25.52 16.17
C ALA C 44 36.84 26.97 16.65
N GLN C 45 37.20 27.25 17.92
CA GLN C 45 36.91 28.56 18.49
C GLN C 45 37.64 29.68 17.75
N SER C 46 38.96 29.52 17.57
CA SER C 46 39.75 30.52 16.86
C SER C 46 39.17 30.84 15.49
N THR C 47 38.73 29.80 14.76
CA THR C 47 38.20 30.01 13.41
C THR C 47 36.85 30.71 13.44
N VAL C 48 35.97 30.29 14.36
CA VAL C 48 34.71 30.98 14.51
C VAL C 48 34.94 32.47 14.79
N GLU C 49 35.83 32.76 15.77
CA GLU C 49 36.06 34.16 16.14
C GLU C 49 36.60 34.99 14.98
N LYS C 50 37.52 34.42 14.19
CA LYS C 50 38.01 35.12 13.02
C LYS C 50 36.88 35.43 12.04
N SER C 51 36.11 34.40 11.66
CA SER C 51 35.07 34.59 10.66
C SER C 51 34.05 35.62 11.14
N PHE C 52 33.64 35.53 12.41
CA PHE C 52 32.67 36.48 12.94
C PHE C 52 33.26 37.89 13.01
N LYS C 53 34.53 38.03 13.42
CA LYS C 53 35.15 39.35 13.47
C LYS C 53 35.20 40.00 12.10
N ASP C 54 35.73 39.28 11.09
CA ASP C 54 35.87 39.88 9.77
C ASP C 54 34.51 40.27 9.20
N ALA C 55 33.45 39.54 9.58
CA ALA C 55 32.09 39.84 9.13
C ALA C 55 31.44 40.97 9.91
N GLY C 56 32.07 41.44 10.98
CA GLY C 56 31.51 42.52 11.76
C GLY C 56 30.53 42.09 12.82
N LEU C 57 30.62 40.84 13.26
CA LEU C 57 29.70 40.30 14.26
C LEU C 57 30.38 40.19 15.62
N VAL C 58 29.56 40.19 16.66
CA VAL C 58 30.00 40.13 18.04
C VAL C 58 29.79 38.70 18.54
N VAL C 59 30.80 38.12 19.17
CA VAL C 59 30.70 36.76 19.68
C VAL C 59 30.72 36.77 21.21
N GLU C 60 29.93 35.88 21.80
CA GLU C 60 30.01 35.58 23.23
C GLU C 60 30.18 34.07 23.37
N ILE C 61 31.38 33.62 23.73
CA ILE C 61 31.64 32.18 23.86
C ILE C 61 31.03 31.66 25.16
N ALA C 62 30.37 30.51 25.07
CA ALA C 62 29.63 29.96 26.21
C ALA C 62 29.87 28.45 26.25
N PRO C 63 30.89 28.01 26.98
CA PRO C 63 31.18 26.58 27.03
C PRO C 63 30.02 25.75 27.57
N PHE C 64 29.81 24.59 26.94
CA PHE C 64 28.61 23.80 27.14
C PHE C 64 28.75 22.86 28.33
N GLY C 65 27.75 22.89 29.21
CA GLY C 65 27.78 22.05 30.39
C GLY C 65 27.98 20.57 30.11
N GLY C 66 27.54 20.10 28.96
CA GLY C 66 27.61 18.69 28.63
C GLY C 66 26.27 18.00 28.56
N GLU C 67 25.21 18.54 29.12
CA GLU C 67 23.93 17.86 29.08
C GLU C 67 22.86 18.75 28.46
N CYS C 68 21.89 18.15 27.77
CA CYS C 68 20.75 18.92 27.31
C CYS C 68 19.61 18.78 28.32
N SER C 69 19.79 19.49 29.42
CA SER C 69 18.83 19.54 30.51
C SER C 69 18.12 20.88 30.54
N GLN C 70 17.03 20.92 31.30
CA GLN C 70 16.30 22.16 31.44
C GLN C 70 17.12 23.18 32.19
N ASN C 71 17.81 22.73 33.24
CA ASN C 71 18.65 23.63 34.02
C ASN C 71 19.83 24.16 33.22
N GLU C 72 20.37 23.37 32.27
CA GLU C 72 21.45 23.88 31.43
C GLU C 72 20.94 24.87 30.39
N ILE C 73 19.70 24.73 29.92
CA ILE C 73 19.12 25.73 29.02
C ILE C 73 18.88 27.03 29.77
N ASP C 74 18.34 26.92 30.98
CA ASP C 74 18.13 28.10 31.83
C ASP C 74 19.43 28.83 32.14
N ARG C 75 20.50 28.08 32.46
CA ARG C 75 21.79 28.71 32.70
C ARG C 75 22.29 29.47 31.47
N LEU C 76 22.22 28.83 30.30
CA LEU C 76 22.66 29.51 29.10
C LEU C 76 21.74 30.69 28.77
N ARG C 77 20.48 30.62 29.18
CA ARG C 77 19.58 31.76 29.00
C ARG C 77 20.10 32.98 29.73
N GLY C 78 20.40 32.83 31.03
CA GLY C 78 20.96 33.96 31.77
C GLY C 78 22.21 34.54 31.11
N ILE C 79 23.16 33.68 30.74
CA ILE C 79 24.37 34.15 30.06
C ILE C 79 24.00 34.91 28.80
N ALA C 80 23.05 34.38 28.03
CA ALA C 80 22.73 34.98 26.73
C ALA C 80 21.96 36.29 26.88
N GLU C 81 21.15 36.43 27.95
CA GLU C 81 20.47 37.71 28.22
C GLU C 81 21.45 38.77 28.69
N THR C 82 22.44 38.38 29.48
CA THR C 82 23.41 39.35 29.99
C THR C 82 24.27 39.91 28.87
N ALA C 83 24.66 39.08 27.90
CA ALA C 83 25.40 39.57 26.74
C ALA C 83 24.51 40.12 25.64
N GLN C 84 23.18 40.19 25.85
CA GLN C 84 22.23 40.70 24.86
C GLN C 84 22.46 40.08 23.49
N CYS C 85 22.49 38.74 23.45
CA CYS C 85 22.67 38.03 22.19
C CYS C 85 21.41 38.10 21.37
N GLY C 86 21.56 38.37 20.08
CA GLY C 86 20.44 38.33 19.15
C GLY C 86 20.16 36.98 18.49
N ALA C 87 21.09 36.02 18.60
CA ALA C 87 20.93 34.69 18.02
C ALA C 87 21.83 33.71 18.75
N ILE C 88 21.61 32.43 18.54
CA ILE C 88 22.36 31.35 19.19
C ILE C 88 23.00 30.48 18.11
N LEU C 89 24.30 30.24 18.22
CA LEU C 89 25.00 29.27 17.38
C LEU C 89 25.47 28.11 18.26
N GLY C 90 24.94 26.92 18.01
CA GLY C 90 25.44 25.70 18.60
C GLY C 90 26.33 24.98 17.59
N ILE C 91 27.48 24.51 18.07
CA ILE C 91 28.47 23.87 17.22
C ILE C 91 28.98 22.63 17.95
N GLY C 92 29.02 21.50 17.24
CA GLY C 92 29.45 20.24 17.82
C GLY C 92 28.50 19.08 17.60
N GLY C 93 28.16 18.36 18.68
CA GLY C 93 27.39 17.14 18.59
C GLY C 93 25.97 17.31 19.08
N GLY C 94 25.27 16.18 19.18
CA GLY C 94 23.84 16.20 19.43
C GLY C 94 23.40 17.04 20.61
N LYS C 95 23.89 16.70 21.80
CA LYS C 95 23.39 17.36 23.02
C LYS C 95 23.62 18.87 22.97
N THR C 96 24.73 19.31 22.37
CA THR C 96 24.94 20.73 22.17
C THR C 96 23.90 21.32 21.23
N LEU C 97 23.81 20.79 20.02
CA LEU C 97 22.90 21.34 19.01
C LEU C 97 21.46 21.35 19.50
N ASP C 98 21.05 20.30 20.22
CA ASP C 98 19.73 20.24 20.83
C ASP C 98 19.53 21.34 21.87
N THR C 99 20.57 21.62 22.66
CA THR C 99 20.51 22.69 23.66
C THR C 99 20.41 24.05 23.00
N ALA C 100 21.19 24.28 21.94
CA ALA C 100 21.11 25.56 21.24
C ALA C 100 19.75 25.75 20.57
N LYS C 101 19.17 24.68 20.02
CA LYS C 101 17.84 24.75 19.42
C LYS C 101 16.78 25.17 20.44
N ALA C 102 16.73 24.49 21.59
CA ALA C 102 15.71 24.84 22.59
C ALA C 102 15.96 26.21 23.19
N LEU C 103 17.24 26.56 23.42
CA LEU C 103 17.55 27.86 24.00
C LEU C 103 17.02 28.99 23.12
N ALA C 104 17.28 28.92 21.81
CA ALA C 104 16.82 29.97 20.92
C ALA C 104 15.28 30.02 20.84
N HIS C 105 14.61 28.89 21.09
CA HIS C 105 13.15 28.90 21.11
C HIS C 105 12.63 29.74 22.28
N PHE C 106 13.09 29.43 23.50
CA PHE C 106 12.65 30.15 24.68
C PHE C 106 13.12 31.60 24.67
N MET C 107 14.16 31.93 23.92
CA MET C 107 14.58 33.31 23.84
C MET C 107 14.03 34.04 22.62
N GLY C 108 13.32 33.33 21.72
CA GLY C 108 12.72 33.98 20.56
C GLY C 108 13.71 34.62 19.60
N VAL C 109 14.81 33.92 19.35
CA VAL C 109 15.90 34.38 18.50
C VAL C 109 16.21 33.29 17.48
N PRO C 110 16.74 33.66 16.31
CA PRO C 110 17.27 32.67 15.36
C PRO C 110 18.27 31.73 16.01
N VAL C 111 18.43 30.55 15.38
CA VAL C 111 19.45 29.58 15.78
C VAL C 111 20.18 29.07 14.55
N ALA C 112 21.49 28.91 14.66
CA ALA C 112 22.28 28.21 13.66
C ALA C 112 22.80 26.92 14.26
N ILE C 113 22.86 25.88 13.45
CA ILE C 113 23.31 24.57 13.90
C ILE C 113 24.49 24.17 13.01
N ALA C 114 25.63 23.91 13.64
CA ALA C 114 26.88 23.55 12.97
C ALA C 114 27.32 22.19 13.47
N PRO C 115 26.80 21.10 12.90
CA PRO C 115 27.24 19.76 13.35
C PRO C 115 28.68 19.51 12.91
N THR C 116 29.47 18.95 13.81
CA THR C 116 30.83 18.52 13.50
C THR C 116 30.91 17.02 13.25
N ILE C 117 29.78 16.31 13.38
CA ILE C 117 29.69 14.90 13.03
C ILE C 117 28.35 14.69 12.32
N ALA C 118 28.26 13.61 11.55
CA ALA C 118 26.99 13.32 10.87
C ALA C 118 26.43 11.99 11.35
N SER C 119 26.19 11.85 12.65
CA SER C 119 25.91 10.54 13.22
C SER C 119 24.44 10.26 13.46
N THR C 120 23.57 11.28 13.39
CA THR C 120 22.12 11.12 13.53
C THR C 120 21.44 12.10 12.59
N ASP C 121 20.12 11.95 12.48
CA ASP C 121 19.28 12.87 11.72
C ASP C 121 18.73 14.02 12.57
N ALA C 122 19.19 14.13 13.83
CA ALA C 122 18.69 15.16 14.73
C ALA C 122 18.91 16.61 14.27
N PRO C 123 20.09 17.00 13.74
CA PRO C 123 20.36 18.45 13.55
C PRO C 123 19.24 19.22 12.88
N CYS C 124 18.72 18.75 11.75
CA CYS C 124 17.75 19.53 11.00
C CYS C 124 16.37 19.58 11.66
N SER C 125 16.10 18.71 12.62
CA SER C 125 14.76 18.54 13.18
C SER C 125 14.41 19.66 14.16
N ALA C 126 13.11 19.89 14.30
CA ALA C 126 12.57 20.81 15.31
C ALA C 126 12.20 20.05 16.57
N LEU C 127 13.21 19.44 17.19
CA LEU C 127 13.04 18.60 18.37
C LEU C 127 14.33 18.59 19.18
N SER C 128 14.19 18.73 20.50
CA SER C 128 15.29 18.62 21.44
C SER C 128 15.01 17.48 22.41
N VAL C 129 15.97 16.57 22.55
CA VAL C 129 15.84 15.49 23.52
C VAL C 129 16.37 15.98 24.87
N ILE C 130 15.47 16.08 25.86
CA ILE C 130 15.79 16.67 27.16
C ILE C 130 16.11 15.57 28.15
N TYR C 131 17.28 15.66 28.76
CA TYR C 131 17.69 14.74 29.80
C TYR C 131 17.67 15.42 31.15
N THR C 132 17.54 14.64 32.22
CA THR C 132 17.74 15.17 33.56
C THR C 132 19.18 15.61 33.72
N ASP C 133 19.44 16.29 34.84
CA ASP C 133 20.79 16.76 35.11
C ASP C 133 21.76 15.60 35.27
N GLU C 134 21.31 14.48 35.85
CA GLU C 134 22.14 13.29 36.05
C GLU C 134 22.35 12.47 34.80
N GLY C 135 21.57 12.69 33.74
CA GLY C 135 21.81 12.08 32.45
C GLY C 135 20.72 11.15 31.97
N GLU C 136 19.71 10.87 32.79
CA GLU C 136 18.60 10.03 32.38
C GLU C 136 17.65 10.79 31.46
N PHE C 137 16.97 10.05 30.58
CA PHE C 137 15.99 10.68 29.71
C PHE C 137 14.91 11.39 30.52
N ASP C 138 14.38 12.48 29.95
CA ASP C 138 13.31 13.21 30.59
C ASP C 138 12.08 13.35 29.69
N ARG C 139 12.20 14.04 28.55
CA ARG C 139 11.09 14.24 27.62
C ARG C 139 11.62 14.61 26.25
N TYR C 140 10.75 14.45 25.24
CA TYR C 140 10.98 14.96 23.89
C TYR C 140 10.38 16.36 23.79
N LEU C 141 11.20 17.40 23.65
CA LEU C 141 10.68 18.77 23.57
C LEU C 141 10.49 19.15 22.11
N LEU C 142 9.24 19.36 21.73
CA LEU C 142 8.91 19.69 20.34
C LEU C 142 9.02 21.20 20.17
N LEU C 143 9.87 21.61 19.27
CA LEU C 143 9.97 23.05 19.01
C LEU C 143 9.00 23.46 17.91
N PRO C 144 8.57 24.74 17.91
CA PRO C 144 7.65 25.20 16.87
C PRO C 144 8.26 25.43 15.51
N ASN C 145 9.60 25.47 15.40
CA ASN C 145 10.19 25.65 14.08
C ASN C 145 11.55 24.96 14.04
N ASN C 146 11.98 24.63 12.83
CA ASN C 146 13.27 24.00 12.60
C ASN C 146 14.37 25.05 12.70
N PRO C 147 15.62 24.63 12.78
CA PRO C 147 16.73 25.57 12.80
C PRO C 147 16.69 26.53 11.62
N ASN C 148 16.90 27.80 11.91
CA ASN C 148 16.92 28.79 10.84
C ASN C 148 18.02 28.49 9.84
N MET C 149 19.12 27.88 10.28
CA MET C 149 20.26 27.61 9.43
C MET C 149 21.01 26.40 9.94
N VAL C 150 21.36 25.49 9.04
CA VAL C 150 22.20 24.33 9.37
C VAL C 150 23.40 24.37 8.44
N ILE C 151 24.60 24.34 9.03
CA ILE C 151 25.86 24.49 8.30
C ILE C 151 26.76 23.31 8.64
N VAL C 152 27.00 22.44 7.66
CA VAL C 152 27.80 21.24 7.84
C VAL C 152 29.13 21.38 7.10
N ASP C 153 30.23 21.30 7.85
CA ASP C 153 31.59 21.34 7.30
C ASP C 153 32.04 19.92 6.99
N THR C 154 32.15 19.61 5.68
CA THR C 154 32.42 18.22 5.31
C THR C 154 33.82 17.80 5.71
N LYS C 155 34.78 18.73 5.70
CA LYS C 155 36.14 18.38 6.10
C LYS C 155 36.21 18.04 7.59
N ILE C 156 35.56 18.87 8.43
CA ILE C 156 35.45 18.57 9.85
C ILE C 156 34.81 17.21 10.06
N VAL C 157 33.71 16.93 9.34
CA VAL C 157 33.07 15.63 9.45
C VAL C 157 34.00 14.52 8.94
N ALA C 158 34.82 14.80 7.94
CA ALA C 158 35.75 13.77 7.46
C ALA C 158 36.79 13.42 8.53
N GLY C 159 37.21 14.40 9.35
CA GLY C 159 38.18 14.15 10.40
C GLY C 159 37.66 13.31 11.56
N ALA C 160 36.35 13.28 11.77
CA ALA C 160 35.79 12.53 12.88
C ALA C 160 35.96 11.04 12.68
N PRO C 161 35.78 10.27 13.76
CA PRO C 161 35.85 8.79 13.64
C PRO C 161 34.87 8.24 12.62
N ALA C 162 35.39 7.33 11.79
CA ALA C 162 34.54 6.74 10.76
C ALA C 162 33.39 5.95 11.37
N ARG C 163 33.56 5.38 12.56
CA ARG C 163 32.44 4.66 13.17
C ARG C 163 31.23 5.56 13.35
N LEU C 164 31.46 6.86 13.48
CA LEU C 164 30.34 7.78 13.60
C LEU C 164 29.59 7.94 12.29
N LEU C 165 30.32 8.08 11.17
CA LEU C 165 29.64 8.16 9.88
C LEU C 165 28.80 6.91 9.61
N ALA C 166 29.37 5.73 9.90
CA ALA C 166 28.60 4.50 9.77
C ALA C 166 27.36 4.51 10.67
N ALA C 167 27.45 5.14 11.84
CA ALA C 167 26.26 5.24 12.68
C ALA C 167 25.21 6.13 12.03
N GLY C 168 25.64 7.23 11.41
CA GLY C 168 24.73 8.06 10.64
C GLY C 168 24.03 7.30 9.53
N ILE C 169 24.79 6.47 8.80
CA ILE C 169 24.19 5.64 7.76
C ILE C 169 23.15 4.71 8.35
N GLY C 170 23.39 4.20 9.56
CA GLY C 170 22.39 3.38 10.23
C GLY C 170 21.11 4.14 10.52
N ASP C 171 21.24 5.33 11.11
CA ASP C 171 20.06 6.14 11.41
C ASP C 171 19.30 6.53 10.14
N ALA C 172 20.03 6.93 9.08
CA ALA C 172 19.40 7.34 7.82
C ALA C 172 18.75 6.18 7.09
N LEU C 173 19.35 4.99 7.17
CA LEU C 173 18.85 3.83 6.47
C LEU C 173 17.44 3.45 6.91
N ALA C 174 17.01 3.85 8.11
CA ALA C 174 15.63 3.61 8.53
C ALA C 174 14.63 4.58 7.91
N THR C 175 15.10 5.72 7.39
CA THR C 175 14.22 6.80 6.92
C THR C 175 13.17 6.27 5.95
N TRP C 176 13.62 5.69 4.83
CA TRP C 176 12.70 5.30 3.78
C TRP C 176 11.73 4.23 4.27
N PHE C 177 12.21 3.26 5.05
CA PHE C 177 11.30 2.17 5.44
C PHE C 177 10.28 2.63 6.46
N GLU C 178 10.66 3.50 7.38
CA GLU C 178 9.71 3.97 8.37
C GLU C 178 8.67 4.91 7.76
N ALA C 179 9.09 5.80 6.86
CA ALA C 179 8.15 6.72 6.22
C ALA C 179 7.20 6.00 5.27
N ARG C 180 7.72 5.01 4.53
CA ARG C 180 6.86 4.20 3.67
C ARG C 180 5.81 3.46 4.47
N ALA C 181 6.21 2.88 5.61
CA ALA C 181 5.21 2.33 6.54
C ALA C 181 4.15 3.37 6.91
N CYS C 182 4.57 4.56 7.33
CA CYS C 182 3.59 5.58 7.71
C CYS C 182 2.69 5.99 6.56
N SER C 183 3.18 5.89 5.33
CA SER C 183 2.34 6.22 4.17
C SER C 183 1.31 5.14 3.93
N ARG C 184 1.72 3.88 4.01
CA ARG C 184 0.79 2.76 3.84
C ARG C 184 -0.33 2.80 4.87
N SER C 185 -0.01 3.06 6.13
CA SER C 185 -0.96 3.04 7.22
C SER C 185 -1.69 4.36 7.42
N GLY C 186 -1.28 5.41 6.71
CA GLY C 186 -1.87 6.72 6.89
C GLY C 186 -1.56 7.41 8.20
N ALA C 187 -0.39 7.16 8.80
CA ALA C 187 -0.02 7.73 10.08
C ALA C 187 0.20 9.23 10.00
N THR C 188 0.10 9.90 11.15
CA THR C 188 0.40 11.33 11.22
C THR C 188 1.89 11.53 11.52
N THR C 189 2.55 12.33 10.68
CA THR C 189 3.96 12.60 10.90
C THR C 189 4.16 13.55 12.09
N MET C 190 5.39 13.57 12.57
CA MET C 190 5.79 14.51 13.60
C MET C 190 5.61 15.96 13.18
N ALA C 191 5.28 16.21 11.91
CA ALA C 191 4.99 17.56 11.44
C ALA C 191 3.51 17.89 11.56
N GLY C 192 2.71 16.93 12.05
CA GLY C 192 1.32 17.16 12.41
C GLY C 192 0.32 16.81 11.34
N GLY C 193 0.74 16.23 10.22
CA GLY C 193 -0.18 15.92 9.14
C GLY C 193 0.15 14.61 8.48
N LYS C 194 -0.45 14.35 7.30
CA LYS C 194 -0.11 13.17 6.50
C LYS C 194 1.09 13.49 5.60
N CYS C 195 1.54 12.49 4.86
CA CYS C 195 2.75 12.61 4.05
C CYS C 195 2.56 13.57 2.88
N THR C 196 3.49 14.49 2.71
CA THR C 196 3.55 15.14 1.41
C THR C 196 4.30 14.25 0.40
N GLN C 197 4.05 14.50 -0.89
CA GLN C 197 4.82 13.82 -1.92
C GLN C 197 6.30 14.15 -1.82
N ALA C 198 6.60 15.38 -1.37
CA ALA C 198 7.99 15.81 -1.24
C ALA C 198 8.74 15.02 -0.16
N ALA C 199 8.15 14.90 1.04
CA ALA C 199 8.87 14.18 2.11
C ALA C 199 9.21 12.75 1.68
N LEU C 200 8.25 12.05 1.08
CA LEU C 200 8.49 10.67 0.63
C LEU C 200 9.52 10.60 -0.48
N ALA C 201 9.61 11.66 -1.27
CA ALA C 201 10.63 11.74 -2.31
C ALA C 201 12.01 11.78 -1.67
N LEU C 202 12.17 12.68 -0.67
CA LEU C 202 13.45 12.81 0.00
C LEU C 202 13.77 11.56 0.81
N ALA C 203 12.77 10.95 1.47
CA ALA C 203 12.98 9.70 2.18
C ALA C 203 13.54 8.61 1.26
N GLU C 204 12.96 8.45 0.06
CA GLU C 204 13.50 7.41 -0.82
C GLU C 204 14.83 7.82 -1.44
N LEU C 205 15.04 9.13 -1.66
CA LEU C 205 16.34 9.61 -2.13
C LEU C 205 17.43 9.25 -1.13
N CYS C 206 17.13 9.41 0.16
CA CYS C 206 18.06 9.02 1.21
C CYS C 206 18.46 7.56 1.05
N TYR C 207 17.49 6.66 0.92
CA TYR C 207 17.80 5.24 0.85
C TYR C 207 18.66 4.90 -0.36
N ASN C 208 18.37 5.50 -1.51
CA ASN C 208 19.16 5.13 -2.68
C ASN C 208 20.56 5.71 -2.60
N THR C 209 20.71 6.89 -2.02
CA THR C 209 22.03 7.47 -1.82
C THR C 209 22.88 6.60 -0.89
N LEU C 210 22.29 6.04 0.17
CA LEU C 210 23.05 5.13 1.00
C LEU C 210 23.44 3.87 0.24
N LEU C 211 22.56 3.38 -0.62
CA LEU C 211 22.89 2.18 -1.39
C LEU C 211 24.01 2.44 -2.40
N GLU C 212 24.03 3.61 -3.00
CA GLU C 212 24.93 3.90 -4.10
C GLU C 212 26.22 4.57 -3.66
N GLU C 213 26.21 5.31 -2.54
CA GLU C 213 27.43 5.98 -2.10
C GLU C 213 27.92 5.50 -0.74
N GLY C 214 27.17 4.63 -0.05
CA GLY C 214 27.54 4.25 1.30
C GLY C 214 28.92 3.65 1.42
N GLU C 215 29.19 2.59 0.63
CA GLU C 215 30.50 1.97 0.68
C GLU C 215 31.60 2.91 0.25
N LYS C 216 31.37 3.68 -0.83
CA LYS C 216 32.40 4.63 -1.27
C LYS C 216 32.68 5.71 -0.21
N ALA C 217 31.64 6.17 0.49
CA ALA C 217 31.86 7.25 1.46
C ALA C 217 32.69 6.77 2.64
N MET C 218 32.46 5.53 3.10
CA MET C 218 33.22 5.01 4.22
C MET C 218 34.70 4.85 3.90
N LEU C 219 35.04 4.57 2.62
CA LEU C 219 36.46 4.61 2.25
C LEU C 219 37.05 6.00 2.45
N ALA C 220 36.36 7.03 1.98
CA ALA C 220 36.82 8.39 2.26
C ALA C 220 36.80 8.69 3.75
N ALA C 221 35.83 8.12 4.48
CA ALA C 221 35.72 8.34 5.93
C ALA C 221 36.94 7.81 6.67
N GLU C 222 37.30 6.55 6.43
CA GLU C 222 38.44 5.92 7.07
C GLU C 222 39.78 6.52 6.66
N GLN C 223 39.82 7.34 5.60
CA GLN C 223 41.01 8.08 5.23
C GLN C 223 40.94 9.54 5.63
N HIS C 224 39.83 9.95 6.24
CA HIS C 224 39.64 11.33 6.69
C HIS C 224 39.91 12.32 5.55
N VAL C 225 39.44 11.97 4.36
CA VAL C 225 39.47 12.87 3.22
C VAL C 225 38.04 13.03 2.69
N VAL C 226 37.82 14.12 1.96
CA VAL C 226 36.51 14.44 1.40
C VAL C 226 36.50 14.09 -0.09
N THR C 227 35.56 13.23 -0.48
CA THR C 227 35.21 12.87 -1.85
C THR C 227 33.72 13.09 -2.05
N PRO C 228 33.26 13.20 -3.31
CA PRO C 228 31.83 13.47 -3.54
C PRO C 228 30.91 12.41 -2.95
N ALA C 229 31.31 11.14 -2.90
CA ALA C 229 30.49 10.14 -2.23
C ALA C 229 30.30 10.47 -0.76
N LEU C 230 31.36 10.93 -0.08
CA LEU C 230 31.20 11.35 1.31
C LEU C 230 30.27 12.55 1.42
N GLU C 231 30.40 13.53 0.50
CA GLU C 231 29.52 14.70 0.57
C GLU C 231 28.05 14.32 0.38
N ARG C 232 27.79 13.25 -0.37
CA ARG C 232 26.41 12.82 -0.59
C ARG C 232 25.86 12.06 0.61
N VAL C 233 26.67 11.22 1.24
CA VAL C 233 26.20 10.50 2.42
C VAL C 233 26.01 11.48 3.60
N ILE C 234 26.83 12.53 3.68
CA ILE C 234 26.61 13.54 4.70
C ILE C 234 25.25 14.21 4.50
N GLU C 235 24.97 14.67 3.27
CA GLU C 235 23.64 15.22 2.97
C GLU C 235 22.54 14.22 3.30
N ALA C 236 22.71 12.95 2.92
CA ALA C 236 21.71 11.94 3.23
C ALA C 236 21.58 11.73 4.72
N ASN C 237 22.71 11.76 5.45
CA ASN C 237 22.71 11.56 6.89
C ASN C 237 22.10 12.73 7.67
N THR C 238 22.10 13.94 7.10
CA THR C 238 21.67 15.14 7.80
C THR C 238 20.34 15.66 7.27
N TYR C 239 20.29 16.21 6.04
CA TYR C 239 19.07 16.83 5.54
C TYR C 239 18.01 15.80 5.10
N LEU C 240 18.38 14.87 4.21
CA LEU C 240 17.43 13.87 3.71
C LEU C 240 16.83 13.06 4.85
N SER C 241 17.68 12.49 5.69
CA SER C 241 17.22 11.72 6.84
C SER C 241 16.39 12.57 7.80
N GLY C 242 16.78 13.83 8.00
CA GLY C 242 16.11 14.73 8.92
C GLY C 242 14.70 15.14 8.52
N VAL C 243 14.55 15.71 7.32
CA VAL C 243 13.21 15.96 6.81
C VAL C 243 12.48 14.64 6.59
N GLY C 244 13.21 13.60 6.19
CA GLY C 244 12.59 12.32 5.93
C GLY C 244 11.88 11.75 7.13
N PHE C 245 12.51 11.78 8.30
CA PHE C 245 11.83 11.18 9.45
C PHE C 245 10.77 12.10 10.03
N GLU C 246 11.02 13.41 10.00
CA GLU C 246 10.15 14.35 10.67
C GLU C 246 8.86 14.57 9.90
N SER C 247 8.96 14.66 8.57
CA SER C 247 7.81 14.88 7.70
C SER C 247 7.40 13.61 6.93
N GLY C 248 8.16 12.53 7.07
CA GLY C 248 7.77 11.23 6.53
C GLY C 248 7.22 10.28 7.56
N GLY C 249 7.80 10.24 8.75
CA GLY C 249 7.19 9.44 9.79
C GLY C 249 8.10 8.38 10.36
N LEU C 250 7.91 8.05 11.63
CA LEU C 250 8.67 7.00 12.30
C LEU C 250 7.77 5.79 12.51
N ALA C 251 8.37 4.63 12.66
CA ALA C 251 7.54 3.45 12.83
C ALA C 251 8.25 2.42 13.72
N ALA C 252 8.35 1.18 13.24
CA ALA C 252 8.87 0.10 14.09
C ALA C 252 10.35 0.26 14.39
N ALA C 253 11.16 0.71 13.43
CA ALA C 253 12.60 0.70 13.63
C ALA C 253 13.00 1.56 14.83
N HIS C 254 12.52 2.80 14.88
CA HIS C 254 12.87 3.64 16.03
C HIS C 254 12.19 3.20 17.32
N ALA C 255 10.97 2.66 17.25
CA ALA C 255 10.38 2.02 18.42
C ALA C 255 11.29 0.91 18.97
N VAL C 256 11.68 -0.05 18.11
CA VAL C 256 12.58 -1.13 18.52
C VAL C 256 13.88 -0.57 19.06
N HIS C 257 14.34 0.56 18.51
CA HIS C 257 15.59 1.13 19.00
C HIS C 257 15.45 1.61 20.44
N ASN C 258 14.31 2.23 20.77
CA ASN C 258 14.10 2.66 22.15
C ASN C 258 14.02 1.47 23.09
N GLY C 259 13.39 0.38 22.65
CA GLY C 259 13.38 -0.84 23.44
C GLY C 259 14.76 -1.40 23.69
N LEU C 260 15.68 -1.26 22.71
CA LEU C 260 17.02 -1.77 22.94
C LEU C 260 17.72 -0.96 24.02
N THR C 261 17.34 0.31 24.17
CA THR C 261 17.95 1.15 25.19
C THR C 261 17.61 0.68 26.60
N ALA C 262 16.43 0.08 26.80
CA ALA C 262 16.09 -0.49 28.10
C ALA C 262 17.07 -1.58 28.52
N ILE C 263 17.45 -2.45 27.60
CA ILE C 263 18.49 -3.44 27.88
C ILE C 263 19.82 -2.72 28.10
N PRO C 264 20.55 -3.03 29.17
CA PRO C 264 21.80 -2.28 29.45
C PRO C 264 23.00 -2.80 28.67
N ASP C 265 22.88 -3.93 27.97
CA ASP C 265 24.03 -4.52 27.27
C ASP C 265 24.50 -3.64 26.12
N ALA C 266 23.58 -3.05 25.36
CA ALA C 266 23.96 -2.26 24.21
C ALA C 266 24.20 -0.80 24.56
N HIS C 267 24.51 -0.48 25.81
CA HIS C 267 24.67 0.91 26.21
C HIS C 267 25.85 1.55 25.49
N HIS C 268 26.95 0.81 25.32
CA HIS C 268 28.13 1.42 24.72
C HIS C 268 28.09 1.35 23.20
N TYR C 269 26.88 1.35 22.63
CA TYR C 269 26.66 1.42 21.20
C TYR C 269 25.84 2.66 20.89
N TYR C 270 25.93 3.09 19.63
CA TYR C 270 25.42 4.38 19.18
C TYR C 270 23.95 4.28 18.76
N HIS C 271 23.35 5.46 18.62
CA HIS C 271 21.97 5.57 18.16
C HIS C 271 21.77 4.77 16.88
N GLY C 272 22.50 5.14 15.83
CA GLY C 272 22.32 4.54 14.52
C GLY C 272 22.65 3.06 14.48
N GLU C 273 23.54 2.60 15.36
CA GLU C 273 23.85 1.17 15.40
C GLU C 273 22.67 0.38 15.93
N LYS C 274 21.97 0.91 16.92
CA LYS C 274 20.76 0.24 17.40
C LYS C 274 19.63 0.39 16.39
N VAL C 275 19.49 1.57 15.79
CA VAL C 275 18.47 1.79 14.75
C VAL C 275 18.67 0.85 13.57
N ALA C 276 19.92 0.63 13.14
CA ALA C 276 20.19 -0.34 12.09
C ALA C 276 19.58 -1.70 12.40
N PHE C 277 19.71 -2.20 13.64
CA PHE C 277 19.03 -3.46 13.94
C PHE C 277 17.53 -3.27 14.10
N GLY C 278 17.07 -2.07 14.44
CA GLY C 278 15.64 -1.81 14.37
C GLY C 278 15.08 -1.88 12.97
N THR C 279 15.84 -1.40 11.97
CA THR C 279 15.35 -1.51 10.60
C THR C 279 15.20 -2.97 10.18
N LEU C 280 16.22 -3.80 10.43
CA LEU C 280 16.10 -5.22 10.15
C LEU C 280 14.86 -5.82 10.81
N THR C 281 14.58 -5.42 12.05
CA THR C 281 13.43 -5.97 12.76
C THR C 281 12.13 -5.55 12.09
N GLN C 282 12.03 -4.28 11.66
CA GLN C 282 10.82 -3.82 10.97
C GLN C 282 10.60 -4.61 9.67
N LEU C 283 11.67 -4.83 8.90
CA LEU C 283 11.54 -5.60 7.67
C LEU C 283 11.02 -7.00 7.93
N VAL C 284 11.40 -7.62 9.06
CA VAL C 284 10.82 -8.91 9.39
C VAL C 284 9.37 -8.75 9.83
N LEU C 285 9.09 -7.71 10.62
CA LEU C 285 7.75 -7.45 11.12
C LEU C 285 6.75 -7.21 9.98
N GLU C 286 7.12 -6.37 9.01
CA GLU C 286 6.24 -6.08 7.87
C GLU C 286 6.42 -7.08 6.72
N ASN C 287 7.16 -8.18 6.95
CA ASN C 287 7.32 -9.27 5.99
C ASN C 287 7.84 -8.79 4.64
N ALA C 288 8.71 -7.79 4.66
CA ALA C 288 9.35 -7.32 3.44
C ALA C 288 9.95 -8.50 2.65
N PRO C 289 9.98 -8.38 1.32
CA PRO C 289 10.53 -9.46 0.49
C PRO C 289 11.99 -9.75 0.77
N VAL C 290 12.37 -11.01 0.56
CA VAL C 290 13.73 -11.48 0.86
C VAL C 290 14.80 -10.67 0.16
N GLU C 291 14.51 -10.19 -1.06
CA GLU C 291 15.47 -9.37 -1.81
C GLU C 291 15.69 -8.04 -1.13
N GLU C 292 14.63 -7.47 -0.53
CA GLU C 292 14.75 -6.22 0.20
C GLU C 292 15.54 -6.41 1.49
N ILE C 293 15.17 -7.41 2.28
CA ILE C 293 15.89 -7.70 3.52
C ILE C 293 17.35 -7.96 3.23
N GLU C 294 17.63 -8.74 2.17
CA GLU C 294 19.01 -9.05 1.83
C GLU C 294 19.80 -7.79 1.47
N THR C 295 19.23 -6.93 0.62
CA THR C 295 19.91 -5.68 0.28
C THR C 295 20.23 -4.85 1.52
N VAL C 296 19.27 -4.74 2.46
CA VAL C 296 19.50 -3.91 3.64
C VAL C 296 20.54 -4.53 4.57
N ALA C 297 20.47 -5.85 4.79
CA ALA C 297 21.46 -6.52 5.62
C ALA C 297 22.85 -6.47 4.99
N ALA C 298 22.92 -6.53 3.66
CA ALA C 298 24.19 -6.46 2.97
C ALA C 298 24.83 -5.07 3.09
N LEU C 299 24.05 -4.02 2.88
CA LEU C 299 24.58 -2.67 3.06
C LEU C 299 24.98 -2.43 4.51
N SER C 300 24.19 -2.93 5.46
CA SER C 300 24.53 -2.75 6.86
C SER C 300 25.83 -3.43 7.22
N HIS C 301 26.03 -4.66 6.74
CA HIS C 301 27.27 -5.36 7.01
C HIS C 301 28.46 -4.66 6.34
N ALA C 302 28.27 -4.16 5.12
CA ALA C 302 29.36 -3.49 4.42
C ALA C 302 29.91 -2.29 5.19
N VAL C 303 29.09 -1.60 5.96
CA VAL C 303 29.54 -0.43 6.73
C VAL C 303 29.73 -0.74 8.21
N GLY C 304 29.75 -2.02 8.58
CA GLY C 304 30.05 -2.33 9.97
C GLY C 304 28.91 -2.18 10.93
N LEU C 305 27.70 -1.97 10.44
CA LEU C 305 26.57 -1.85 11.35
C LEU C 305 26.14 -3.23 11.85
N PRO C 306 25.51 -3.30 13.02
CA PRO C 306 25.16 -4.61 13.60
C PRO C 306 23.89 -5.16 12.97
N ILE C 307 23.96 -6.39 12.45
CA ILE C 307 22.77 -7.08 11.94
C ILE C 307 22.42 -8.30 12.76
N THR C 308 23.07 -8.50 13.91
CA THR C 308 22.68 -9.49 14.92
C THR C 308 22.69 -8.83 16.29
N LEU C 309 22.04 -9.50 17.25
CA LEU C 309 22.00 -9.00 18.62
C LEU C 309 23.36 -9.07 19.30
N ALA C 310 24.16 -10.12 19.02
CA ALA C 310 25.48 -10.25 19.62
C ALA C 310 26.43 -9.14 19.17
N GLN C 311 26.19 -8.52 18.01
CA GLN C 311 26.98 -7.36 17.62
C GLN C 311 26.58 -6.12 18.41
N LEU C 312 25.47 -6.19 19.14
CA LEU C 312 25.09 -5.19 20.12
C LEU C 312 25.37 -5.66 21.54
N ASP C 313 26.20 -6.70 21.68
CA ASP C 313 26.65 -7.26 22.95
C ASP C 313 25.51 -7.89 23.74
N ILE C 314 24.43 -8.26 23.07
CA ILE C 314 23.29 -8.91 23.70
C ILE C 314 23.46 -10.40 23.39
N LYS C 315 24.13 -11.11 24.30
CA LYS C 315 24.49 -12.50 24.09
C LYS C 315 23.90 -13.45 25.12
N GLU C 316 23.54 -12.98 26.30
CA GLU C 316 23.05 -13.86 27.35
C GLU C 316 21.64 -13.46 27.74
N ASP C 317 20.85 -14.48 28.07
CA ASP C 317 19.47 -14.27 28.49
C ASP C 317 18.69 -13.57 27.39
N VAL C 318 18.91 -14.00 26.15
CA VAL C 318 18.36 -13.27 25.00
C VAL C 318 16.83 -13.24 25.01
N PRO C 319 16.13 -14.38 25.20
CA PRO C 319 14.66 -14.30 25.20
C PRO C 319 14.08 -13.39 26.26
N ALA C 320 14.68 -13.35 27.46
CA ALA C 320 14.18 -12.43 28.47
C ALA C 320 14.42 -10.98 28.05
N LYS C 321 15.60 -10.67 27.51
CA LYS C 321 15.90 -9.30 27.14
C LYS C 321 15.02 -8.85 25.97
N MET C 322 14.70 -9.75 25.05
CA MET C 322 13.89 -9.35 23.91
C MET C 322 12.46 -9.05 24.34
N ARG C 323 11.93 -9.79 25.32
CA ARG C 323 10.61 -9.47 25.85
C ARG C 323 10.58 -8.07 26.46
N ILE C 324 11.71 -7.59 27.00
CA ILE C 324 11.76 -6.24 27.53
C ILE C 324 11.81 -5.21 26.40
N VAL C 325 12.60 -5.50 25.37
CA VAL C 325 12.69 -4.61 24.21
C VAL C 325 11.33 -4.50 23.53
N ALA C 326 10.67 -5.65 23.34
CA ALA C 326 9.34 -5.70 22.71
C ALA C 326 8.29 -4.93 23.52
N GLU C 327 8.26 -5.13 24.83
CA GLU C 327 7.32 -4.37 25.65
C GLU C 327 7.60 -2.87 25.56
N ALA C 328 8.89 -2.49 25.58
CA ALA C 328 9.24 -1.08 25.56
C ALA C 328 8.90 -0.43 24.23
N ALA C 329 9.00 -1.19 23.13
CA ALA C 329 8.71 -0.66 21.79
C ALA C 329 7.21 -0.48 21.55
N CYS C 330 6.39 -1.34 22.15
CA CYS C 330 4.94 -1.26 22.02
C CYS C 330 4.30 -0.35 23.07
N ALA C 331 5.09 0.34 23.88
CA ALA C 331 4.56 1.19 24.94
C ALA C 331 3.67 2.30 24.36
N GLU C 332 3.02 3.04 25.26
CA GLU C 332 2.13 4.11 24.83
C GLU C 332 2.92 5.23 24.17
N GLY C 333 2.37 5.77 23.07
CA GLY C 333 3.04 6.81 22.33
C GLY C 333 4.16 6.35 21.42
N GLU C 334 4.82 5.25 21.74
CA GLU C 334 5.84 4.71 20.87
C GLU C 334 5.28 4.47 19.47
N THR C 335 6.09 4.81 18.45
CA THR C 335 5.76 4.84 17.03
C THR C 335 5.48 3.43 16.42
N ILE C 336 5.48 2.33 17.15
CA ILE C 336 5.15 1.04 16.53
C ILE C 336 3.70 1.01 16.02
N HIS C 337 2.78 1.77 16.63
CA HIS C 337 1.38 1.78 16.16
C HIS C 337 1.23 2.38 14.77
N ASN C 338 2.26 3.06 14.26
CA ASN C 338 2.24 3.55 12.88
C ASN C 338 2.48 2.45 11.87
N MET C 339 2.70 1.21 12.30
CA MET C 339 2.82 0.13 11.35
C MET C 339 1.45 -0.13 10.72
N PRO C 340 1.40 -0.49 9.46
CA PRO C 340 0.15 -1.05 8.92
C PRO C 340 -0.37 -2.20 9.75
N GLY C 341 -1.50 -1.98 10.40
CA GLY C 341 -2.08 -2.98 11.25
C GLY C 341 -1.59 -2.97 12.66
N GLY C 342 -0.63 -2.10 12.97
CA GLY C 342 -0.03 -2.08 14.28
C GLY C 342 0.83 -3.30 14.50
N ALA C 343 1.26 -3.43 15.75
CA ALA C 343 2.07 -4.58 16.17
C ALA C 343 1.89 -4.76 17.66
N THR C 344 1.65 -5.97 18.04
CA THR C 344 1.59 -6.41 19.42
C THR C 344 2.98 -6.72 19.93
N PRO C 345 3.19 -6.74 21.24
CA PRO C 345 4.52 -7.10 21.74
C PRO C 345 4.94 -8.50 21.33
N ASP C 346 4.02 -9.46 21.28
CA ASP C 346 4.37 -10.80 20.86
C ASP C 346 4.85 -10.84 19.42
N GLN C 347 4.31 -9.95 18.59
CA GLN C 347 4.75 -9.84 17.20
C GLN C 347 6.13 -9.20 17.12
N VAL C 348 6.37 -8.16 17.92
CA VAL C 348 7.68 -7.52 17.95
C VAL C 348 8.73 -8.43 18.56
N TYR C 349 8.32 -9.20 19.57
CA TYR C 349 9.22 -10.20 20.12
C TYR C 349 9.63 -11.20 19.05
N ALA C 350 8.66 -11.71 18.30
CA ALA C 350 8.93 -12.67 17.23
C ALA C 350 9.87 -12.07 16.18
N ALA C 351 9.54 -10.88 15.68
CA ALA C 351 10.41 -10.22 14.70
C ALA C 351 11.84 -10.10 15.21
N LEU C 352 12.01 -9.72 16.50
CA LEU C 352 13.35 -9.55 17.05
C LEU C 352 14.16 -10.85 17.02
N LEU C 353 13.55 -11.97 17.41
CA LEU C 353 14.24 -13.24 17.36
C LEU C 353 14.50 -13.70 15.92
N VAL C 354 13.59 -13.43 14.98
CA VAL C 354 13.80 -13.89 13.61
C VAL C 354 14.79 -13.00 12.85
N ALA C 355 14.72 -11.68 13.05
CA ALA C 355 15.71 -10.81 12.42
C ALA C 355 17.13 -11.18 12.86
N ASP C 356 17.29 -11.54 14.14
CA ASP C 356 18.60 -11.96 14.64
C ASP C 356 19.05 -13.27 13.98
N GLN C 357 18.15 -14.23 13.83
CA GLN C 357 18.44 -15.47 13.14
C GLN C 357 18.83 -15.23 11.68
N TYR C 358 18.19 -14.25 11.03
CA TYR C 358 18.49 -13.93 9.63
C TYR C 358 19.89 -13.37 9.50
N GLY C 359 20.24 -12.38 10.32
CA GLY C 359 21.56 -11.79 10.25
C GLY C 359 22.66 -12.80 10.57
N GLN C 360 22.40 -13.70 11.53
CA GLN C 360 23.33 -14.77 11.84
C GLN C 360 23.60 -15.62 10.60
N ARG C 361 22.55 -16.03 9.89
CA ARG C 361 22.77 -16.82 8.68
C ARG C 361 23.41 -15.98 7.57
N PHE C 362 23.10 -14.69 7.50
CA PHE C 362 23.73 -13.87 6.47
C PHE C 362 25.21 -13.75 6.73
N LEU C 363 25.58 -13.55 7.99
CA LEU C 363 27.00 -13.49 8.35
C LEU C 363 27.69 -14.81 8.03
N GLN C 364 27.02 -15.93 8.33
CA GLN C 364 27.62 -17.23 8.13
C GLN C 364 27.85 -17.55 6.65
N GLU C 365 26.86 -17.28 5.79
CA GLU C 365 27.01 -17.64 4.39
C GLU C 365 27.80 -16.60 3.59
N TRP C 366 27.86 -15.34 4.03
CA TRP C 366 28.73 -14.36 3.38
C TRP C 366 30.20 -14.72 3.55
N GLU C 367 30.55 -15.47 4.61
CA GLU C 367 31.90 -15.98 4.85
C GLU C 367 32.09 -17.44 4.38
N MET D 1 -16.60 -32.05 -20.03
CA MET D 1 -17.03 -32.25 -18.64
C MET D 1 -17.33 -30.96 -17.90
N ASP D 2 -17.96 -31.08 -16.74
CA ASP D 2 -18.19 -29.91 -15.92
C ASP D 2 -16.90 -29.50 -15.23
N ARG D 3 -16.86 -28.25 -14.80
CA ARG D 3 -15.76 -27.73 -14.00
C ARG D 3 -16.29 -27.52 -12.60
N ILE D 4 -15.55 -28.03 -11.63
CA ILE D 4 -16.00 -28.13 -10.25
C ILE D 4 -14.88 -27.69 -9.33
N ILE D 5 -15.20 -26.86 -8.34
CA ILE D 5 -14.30 -26.57 -7.24
C ILE D 5 -15.02 -26.85 -5.93
N GLN D 6 -14.31 -27.49 -4.99
CA GLN D 6 -14.81 -27.76 -3.65
C GLN D 6 -13.96 -27.02 -2.63
N SER D 7 -14.57 -26.68 -1.50
CA SER D 7 -13.85 -25.97 -0.45
C SER D 7 -14.58 -26.19 0.87
N PRO D 8 -13.87 -26.17 2.00
CA PRO D 8 -14.54 -26.02 3.29
C PRO D 8 -15.40 -24.77 3.30
N GLY D 9 -16.46 -24.80 4.11
CA GLY D 9 -17.37 -23.66 4.15
C GLY D 9 -16.71 -22.39 4.67
N LYS D 10 -15.77 -22.53 5.60
CA LYS D 10 -15.16 -21.39 6.24
C LYS D 10 -13.76 -21.80 6.67
N TYR D 11 -12.75 -20.98 6.38
CA TYR D 11 -11.39 -21.24 6.81
C TYR D 11 -10.92 -20.03 7.60
N ILE D 12 -10.52 -20.27 8.84
CA ILE D 12 -10.12 -19.21 9.77
C ILE D 12 -8.72 -19.53 10.27
N GLN D 13 -7.86 -18.52 10.31
CA GLN D 13 -6.56 -18.73 10.90
C GLN D 13 -6.10 -17.44 11.53
N GLY D 14 -5.31 -17.58 12.58
CA GLY D 14 -4.92 -16.45 13.41
C GLY D 14 -4.29 -16.95 14.68
N ALA D 15 -3.63 -16.04 15.37
CA ALA D 15 -2.91 -16.37 16.60
C ALA D 15 -3.86 -16.45 17.78
N ASP D 16 -3.75 -17.52 18.57
CA ASP D 16 -4.59 -17.73 19.76
C ASP D 16 -6.06 -17.77 19.40
N VAL D 17 -6.37 -18.31 18.23
CA VAL D 17 -7.75 -18.39 17.79
C VAL D 17 -8.57 -19.45 18.55
N ILE D 18 -7.91 -20.39 19.25
CA ILE D 18 -8.68 -21.37 20.04
C ILE D 18 -9.54 -20.66 21.07
N ASN D 19 -9.08 -19.52 21.58
CA ASN D 19 -9.89 -18.73 22.51
C ASN D 19 -11.21 -18.31 21.90
N ARG D 20 -11.32 -18.24 20.58
CA ARG D 20 -12.54 -17.83 19.90
C ARG D 20 -13.25 -18.99 19.23
N LEU D 21 -12.87 -20.23 19.57
CA LEU D 21 -13.60 -21.39 19.06
C LEU D 21 -15.08 -21.35 19.43
N GLY D 22 -15.41 -20.76 20.57
CA GLY D 22 -16.79 -20.74 20.99
C GLY D 22 -17.67 -19.92 20.08
N GLU D 23 -17.25 -18.68 19.81
CA GLU D 23 -18.06 -17.80 18.98
C GLU D 23 -18.06 -18.22 17.51
N TYR D 24 -16.97 -18.80 17.01
CA TYR D 24 -16.98 -19.22 15.61
C TYR D 24 -17.87 -20.44 15.41
N LEU D 25 -17.81 -21.39 16.35
CA LEU D 25 -18.50 -22.65 16.17
C LEU D 25 -19.97 -22.60 16.58
N LYS D 26 -20.38 -21.57 17.35
CA LYS D 26 -21.75 -21.52 17.88
C LYS D 26 -22.82 -21.57 16.80
N PRO D 27 -22.72 -20.83 15.66
CA PRO D 27 -23.84 -20.85 14.71
C PRO D 27 -24.00 -22.20 14.04
N LEU D 28 -23.14 -23.15 14.38
CA LEU D 28 -23.20 -24.46 13.76
C LEU D 28 -23.96 -25.46 14.61
N ALA D 29 -23.88 -25.33 15.94
CA ALA D 29 -24.53 -26.23 16.88
C ALA D 29 -24.32 -25.65 18.28
N GLU D 30 -24.86 -26.33 19.28
CA GLU D 30 -24.68 -25.91 20.66
C GLU D 30 -24.00 -26.96 21.50
N ARG D 31 -24.37 -28.22 21.33
CA ARG D 31 -23.76 -29.34 22.04
C ARG D 31 -22.71 -29.98 21.12
N TRP D 32 -21.46 -29.95 21.57
CA TRP D 32 -20.31 -30.36 20.75
C TRP D 32 -19.59 -31.55 21.36
N LEU D 33 -18.98 -32.35 20.49
CA LEU D 33 -18.09 -33.43 20.90
C LEU D 33 -16.67 -33.03 20.50
N VAL D 34 -15.80 -32.83 21.49
CA VAL D 34 -14.41 -32.47 21.23
C VAL D 34 -13.58 -33.74 21.25
N VAL D 35 -12.92 -34.04 20.13
CA VAL D 35 -12.11 -35.24 19.97
C VAL D 35 -10.65 -34.82 19.88
N GLY D 36 -9.82 -35.31 20.82
CA GLY D 36 -8.41 -35.02 20.82
C GLY D 36 -7.64 -36.10 21.57
N ASP D 37 -6.34 -36.18 21.30
CA ASP D 37 -5.46 -37.11 21.98
C ASP D 37 -4.88 -36.47 23.24
N LYS D 38 -4.42 -37.30 24.19
CA LYS D 38 -3.96 -36.86 25.51
C LYS D 38 -3.08 -35.61 25.43
N PHE D 39 -2.06 -35.60 24.55
CA PHE D 39 -1.19 -34.44 24.43
C PHE D 39 -1.98 -33.19 24.05
N VAL D 40 -2.83 -33.29 23.02
CA VAL D 40 -3.54 -32.12 22.50
C VAL D 40 -4.39 -31.47 23.59
N LEU D 41 -5.18 -32.28 24.32
CA LEU D 41 -5.99 -31.70 25.40
C LEU D 41 -5.15 -31.29 26.61
N GLY D 42 -3.91 -31.78 26.71
CA GLY D 42 -3.01 -31.28 27.74
C GLY D 42 -2.85 -29.77 27.76
N PHE D 43 -2.82 -29.12 26.59
CA PHE D 43 -2.65 -27.68 26.52
C PHE D 43 -3.87 -26.95 25.97
N ALA D 44 -4.94 -27.65 25.62
CA ALA D 44 -6.05 -27.02 24.93
C ALA D 44 -7.36 -27.19 25.67
N GLN D 45 -7.48 -28.28 26.43
CA GLN D 45 -8.77 -28.61 27.04
C GLN D 45 -9.27 -27.47 27.91
N SER D 46 -8.38 -26.83 28.66
CA SER D 46 -8.79 -25.75 29.55
C SER D 46 -9.36 -24.56 28.76
N THR D 47 -8.63 -24.10 27.73
CA THR D 47 -9.11 -22.96 26.94
C THR D 47 -10.33 -23.32 26.08
N VAL D 48 -10.39 -24.56 25.56
CA VAL D 48 -11.56 -24.98 24.79
C VAL D 48 -12.81 -24.99 25.67
N GLU D 49 -12.72 -25.60 26.86
CA GLU D 49 -13.85 -25.60 27.77
C GLU D 49 -14.31 -24.19 28.09
N LYS D 50 -13.36 -23.27 28.30
CA LYS D 50 -13.71 -21.91 28.67
C LYS D 50 -14.34 -21.17 27.50
N SER D 51 -13.82 -21.36 26.28
CA SER D 51 -14.38 -20.64 25.14
C SER D 51 -15.82 -21.08 24.88
N PHE D 52 -16.08 -22.39 24.94
CA PHE D 52 -17.43 -22.91 24.74
C PHE D 52 -18.35 -22.50 25.88
N LYS D 53 -17.82 -22.38 27.09
CA LYS D 53 -18.63 -22.00 28.25
C LYS D 53 -19.13 -20.56 28.12
N ASP D 54 -18.23 -19.62 27.84
CA ASP D 54 -18.62 -18.22 27.73
C ASP D 54 -19.58 -17.97 26.57
N ALA D 55 -19.61 -18.87 25.59
CA ALA D 55 -20.49 -18.75 24.42
C ALA D 55 -21.81 -19.46 24.62
N GLY D 56 -22.03 -20.10 25.76
CA GLY D 56 -23.28 -20.79 25.99
C GLY D 56 -23.37 -22.12 25.28
N LEU D 57 -22.25 -22.81 25.13
CA LEU D 57 -22.20 -24.06 24.40
C LEU D 57 -21.92 -25.20 25.37
N VAL D 58 -22.50 -26.36 25.08
CA VAL D 58 -22.26 -27.57 25.85
C VAL D 58 -21.16 -28.36 25.16
N VAL D 59 -20.11 -28.70 25.92
CA VAL D 59 -18.94 -29.37 25.37
C VAL D 59 -18.79 -30.72 26.07
N GLU D 60 -18.49 -31.75 25.29
CA GLU D 60 -18.34 -33.12 25.78
C GLU D 60 -16.96 -33.63 25.38
N ILE D 61 -16.07 -33.77 26.36
CA ILE D 61 -14.69 -34.17 26.07
C ILE D 61 -14.62 -35.68 25.85
N ALA D 62 -13.82 -36.10 24.90
CA ALA D 62 -13.75 -37.52 24.52
C ALA D 62 -12.35 -37.78 24.01
N PRO D 63 -11.44 -38.28 24.86
CA PRO D 63 -10.08 -38.55 24.37
C PRO D 63 -10.07 -39.57 23.24
N PHE D 64 -9.01 -39.51 22.46
CA PHE D 64 -8.88 -40.20 21.19
C PHE D 64 -7.93 -41.39 21.32
N GLY D 65 -8.29 -42.50 20.68
CA GLY D 65 -7.54 -43.74 20.72
C GLY D 65 -6.24 -43.76 19.96
N GLY D 66 -5.96 -42.73 19.17
CA GLY D 66 -4.72 -42.63 18.44
C GLY D 66 -4.78 -43.12 17.01
N GLU D 67 -5.79 -43.90 16.64
CA GLU D 67 -5.88 -44.40 15.28
C GLU D 67 -7.29 -44.22 14.74
N CYS D 68 -7.38 -44.12 13.40
CA CYS D 68 -8.64 -43.89 12.73
C CYS D 68 -9.22 -45.24 12.29
N SER D 69 -9.59 -46.02 13.30
CA SER D 69 -10.21 -47.34 13.12
C SER D 69 -11.72 -47.23 13.25
N GLN D 70 -12.42 -48.20 12.66
CA GLN D 70 -13.87 -48.20 12.76
C GLN D 70 -14.32 -48.35 14.21
N ASN D 71 -13.58 -49.12 15.02
CA ASN D 71 -13.94 -49.30 16.42
C ASN D 71 -13.92 -47.96 17.15
N GLU D 72 -12.94 -47.10 16.83
CA GLU D 72 -12.85 -45.80 17.48
C GLU D 72 -14.00 -44.90 17.08
N ILE D 73 -14.49 -45.00 15.85
CA ILE D 73 -15.59 -44.16 15.40
C ILE D 73 -16.88 -44.56 16.10
N ASP D 74 -17.20 -45.86 16.14
CA ASP D 74 -18.40 -46.31 16.84
C ASP D 74 -18.34 -45.94 18.32
N ARG D 75 -17.18 -46.14 18.94
CA ARG D 75 -17.02 -45.79 20.36
C ARG D 75 -17.32 -44.31 20.56
N LEU D 76 -16.74 -43.45 19.72
CA LEU D 76 -16.98 -42.01 19.83
C LEU D 76 -18.40 -41.66 19.43
N ARG D 77 -18.98 -42.39 18.46
CA ARG D 77 -20.38 -42.16 18.11
C ARG D 77 -21.30 -42.47 19.28
N GLY D 78 -20.96 -43.48 20.08
CA GLY D 78 -21.73 -43.77 21.27
C GLY D 78 -21.69 -42.65 22.28
N ILE D 79 -20.48 -42.19 22.62
CA ILE D 79 -20.35 -41.07 23.56
C ILE D 79 -21.09 -39.85 23.03
N ALA D 80 -21.08 -39.65 21.71
CA ALA D 80 -21.72 -38.48 21.13
C ALA D 80 -23.24 -38.62 21.10
N GLU D 81 -23.74 -39.81 20.76
CA GLU D 81 -25.19 -40.04 20.77
C GLU D 81 -25.74 -39.95 22.20
N THR D 82 -24.95 -40.37 23.19
CA THR D 82 -25.39 -40.29 24.59
C THR D 82 -25.47 -38.83 25.06
N ALA D 83 -24.47 -38.01 24.73
CA ALA D 83 -24.43 -36.62 25.16
C ALA D 83 -25.23 -35.70 24.26
N GLN D 84 -26.00 -36.24 23.30
CA GLN D 84 -26.81 -35.47 22.36
C GLN D 84 -25.98 -34.36 21.70
N CYS D 85 -24.84 -34.77 21.15
CA CYS D 85 -23.94 -33.84 20.46
C CYS D 85 -24.50 -33.47 19.09
N GLY D 86 -24.45 -32.19 18.76
CA GLY D 86 -24.91 -31.70 17.47
C GLY D 86 -23.85 -31.57 16.40
N ALA D 87 -22.58 -31.56 16.79
CA ALA D 87 -21.47 -31.38 15.88
C ALA D 87 -20.20 -31.94 16.51
N ILE D 88 -19.28 -32.40 15.66
CA ILE D 88 -18.02 -32.99 16.10
C ILE D 88 -16.90 -31.98 15.80
N LEU D 89 -16.06 -31.72 16.81
CA LEU D 89 -14.86 -30.87 16.67
C LEU D 89 -13.61 -31.70 16.89
N GLY D 90 -12.82 -31.91 15.83
CA GLY D 90 -11.54 -32.59 15.94
C GLY D 90 -10.37 -31.61 16.03
N ILE D 91 -9.50 -31.85 17.01
CA ILE D 91 -8.39 -30.95 17.30
C ILE D 91 -7.11 -31.77 17.47
N GLY D 92 -6.09 -31.47 16.67
CA GLY D 92 -4.83 -32.21 16.69
C GLY D 92 -4.21 -32.52 15.33
N GLY D 93 -3.75 -33.77 15.15
CA GLY D 93 -3.08 -34.18 13.93
C GLY D 93 -4.00 -34.91 12.97
N GLY D 94 -3.38 -35.48 11.93
CA GLY D 94 -4.15 -36.10 10.86
C GLY D 94 -5.13 -37.16 11.33
N LYS D 95 -4.68 -38.06 12.20
CA LYS D 95 -5.57 -39.14 12.63
C LYS D 95 -6.80 -38.59 13.34
N THR D 96 -6.59 -37.65 14.26
CA THR D 96 -7.72 -37.03 14.97
C THR D 96 -8.69 -36.37 13.98
N LEU D 97 -8.16 -35.57 13.05
CA LEU D 97 -9.01 -34.82 12.11
C LEU D 97 -9.74 -35.76 11.14
N ASP D 98 -9.04 -36.77 10.61
CA ASP D 98 -9.70 -37.74 9.76
C ASP D 98 -10.79 -38.48 10.51
N THR D 99 -10.55 -38.78 11.80
CA THR D 99 -11.57 -39.42 12.62
C THR D 99 -12.78 -38.50 12.80
N ALA D 100 -12.54 -37.24 13.13
CA ALA D 100 -13.65 -36.31 13.33
C ALA D 100 -14.44 -36.11 12.04
N LYS D 101 -13.78 -36.06 10.89
CA LYS D 101 -14.51 -35.90 9.63
C LYS D 101 -15.28 -37.16 9.27
N ALA D 102 -14.72 -38.34 9.59
CA ALA D 102 -15.40 -39.60 9.32
C ALA D 102 -16.57 -39.82 10.26
N LEU D 103 -16.38 -39.48 11.54
CA LEU D 103 -17.45 -39.63 12.52
C LEU D 103 -18.66 -38.75 12.17
N ALA D 104 -18.44 -37.45 11.95
CA ALA D 104 -19.54 -36.56 11.67
C ALA D 104 -20.25 -36.89 10.35
N HIS D 105 -19.61 -37.69 9.50
CA HIS D 105 -20.28 -38.15 8.29
C HIS D 105 -21.35 -39.18 8.62
N PHE D 106 -21.00 -40.18 9.44
CA PHE D 106 -21.94 -41.23 9.83
C PHE D 106 -23.07 -40.68 10.68
N MET D 107 -22.76 -39.76 11.60
CA MET D 107 -23.79 -39.13 12.39
C MET D 107 -24.58 -38.07 11.61
N GLY D 108 -24.14 -37.70 10.41
CA GLY D 108 -24.84 -36.70 9.63
C GLY D 108 -24.92 -35.33 10.28
N VAL D 109 -23.84 -34.89 10.92
CA VAL D 109 -23.77 -33.61 11.63
C VAL D 109 -22.60 -32.80 11.08
N PRO D 110 -22.59 -31.48 11.30
CA PRO D 110 -21.43 -30.66 10.92
C PRO D 110 -20.15 -31.06 11.64
N VAL D 111 -19.02 -30.65 11.07
CA VAL D 111 -17.71 -30.91 11.67
C VAL D 111 -16.87 -29.64 11.63
N ALA D 112 -16.03 -29.47 12.63
CA ALA D 112 -15.04 -28.41 12.70
C ALA D 112 -13.68 -29.03 12.91
N ILE D 113 -12.69 -28.56 12.16
CA ILE D 113 -11.35 -29.14 12.15
C ILE D 113 -10.39 -28.08 12.67
N ALA D 114 -9.66 -28.40 13.75
CA ALA D 114 -8.69 -27.48 14.37
C ALA D 114 -7.30 -28.09 14.33
N PRO D 115 -6.60 -28.00 13.19
CA PRO D 115 -5.28 -28.65 13.09
C PRO D 115 -4.28 -27.94 13.98
N THR D 116 -3.50 -28.71 14.71
CA THR D 116 -2.46 -28.13 15.55
C THR D 116 -1.09 -28.22 14.90
N ILE D 117 -1.06 -28.55 13.61
CA ILE D 117 0.17 -28.60 12.81
C ILE D 117 -0.23 -28.37 11.36
N ALA D 118 0.70 -27.83 10.58
CA ALA D 118 0.49 -27.65 9.15
C ALA D 118 1.45 -28.57 8.38
N SER D 119 1.16 -29.87 8.39
CA SER D 119 2.07 -30.86 7.83
C SER D 119 1.53 -31.64 6.62
N THR D 120 0.22 -31.60 6.37
CA THR D 120 -0.35 -32.15 5.15
C THR D 120 -1.47 -31.23 4.69
N ASP D 121 -1.98 -31.49 3.49
CA ASP D 121 -3.11 -30.73 2.96
C ASP D 121 -4.43 -31.43 3.22
N ALA D 122 -4.41 -32.51 3.98
CA ALA D 122 -5.58 -33.27 4.36
C ALA D 122 -6.68 -32.48 5.09
N PRO D 123 -6.36 -31.54 6.03
CA PRO D 123 -7.47 -30.95 6.82
C PRO D 123 -8.63 -30.42 5.99
N CYS D 124 -8.36 -29.65 4.94
CA CYS D 124 -9.46 -29.03 4.22
C CYS D 124 -10.22 -29.99 3.31
N SER D 125 -9.65 -31.15 2.99
CA SER D 125 -10.22 -31.97 1.93
C SER D 125 -11.43 -32.76 2.44
N ALA D 126 -12.21 -33.28 1.49
CA ALA D 126 -13.26 -34.25 1.80
C ALA D 126 -12.78 -35.66 1.48
N LEU D 127 -11.80 -36.10 2.30
CA LEU D 127 -11.04 -37.29 1.97
C LEU D 127 -10.33 -37.79 3.22
N SER D 128 -10.40 -39.10 3.44
CA SER D 128 -9.49 -39.79 4.34
C SER D 128 -8.41 -40.50 3.51
N VAL D 129 -7.49 -41.20 4.17
CA VAL D 129 -6.46 -41.96 3.47
C VAL D 129 -6.42 -43.36 4.08
N ILE D 130 -6.81 -44.38 3.30
CA ILE D 130 -6.92 -45.76 3.77
C ILE D 130 -5.60 -46.49 3.46
N TYR D 131 -5.04 -47.14 4.48
CA TYR D 131 -3.71 -47.74 4.38
C TYR D 131 -3.74 -49.22 4.77
N THR D 132 -2.56 -49.82 4.84
CA THR D 132 -2.36 -51.21 5.26
C THR D 132 -1.66 -51.18 6.61
N ASP D 133 -1.24 -52.35 7.06
CA ASP D 133 -0.44 -52.49 8.27
C ASP D 133 0.98 -52.89 7.86
N GLU D 134 1.98 -52.24 8.48
CA GLU D 134 3.39 -52.31 8.10
C GLU D 134 3.62 -51.67 6.73
N GLY D 135 2.79 -52.03 5.73
CA GLY D 135 2.73 -51.28 4.49
C GLY D 135 1.93 -50.00 4.64
N GLU D 136 1.93 -49.20 3.58
CA GLU D 136 1.33 -47.87 3.69
C GLU D 136 0.65 -47.45 2.37
N PHE D 137 -0.22 -48.30 1.82
CA PHE D 137 -1.21 -47.78 0.89
C PHE D 137 -2.33 -48.78 0.68
N ASP D 138 -3.56 -48.27 0.56
CA ASP D 138 -4.69 -49.05 0.08
C ASP D 138 -5.50 -48.25 -0.96
N ARG D 139 -6.13 -47.15 -0.55
CA ARG D 139 -6.98 -46.38 -1.45
C ARG D 139 -7.23 -44.97 -0.88
N TYR D 140 -8.03 -44.20 -1.61
CA TYR D 140 -8.54 -42.89 -1.21
C TYR D 140 -10.02 -43.03 -0.87
N LEU D 141 -10.37 -43.03 0.42
CA LEU D 141 -11.78 -43.09 0.84
C LEU D 141 -12.42 -41.69 0.77
N LEU D 142 -13.44 -41.53 -0.09
CA LEU D 142 -14.05 -40.22 -0.32
C LEU D 142 -15.15 -39.91 0.71
N LEU D 143 -15.52 -38.62 0.77
CA LEU D 143 -16.52 -38.07 1.68
C LEU D 143 -17.45 -37.15 0.90
N PRO D 144 -18.69 -36.96 1.37
CA PRO D 144 -19.66 -36.20 0.57
C PRO D 144 -19.45 -34.70 0.62
N ASN D 145 -18.99 -34.17 1.76
CA ASN D 145 -18.82 -32.75 2.00
C ASN D 145 -17.44 -32.46 2.53
N ASN D 146 -16.98 -31.24 2.29
CA ASN D 146 -15.78 -30.74 2.93
C ASN D 146 -16.10 -30.32 4.36
N PRO D 147 -15.10 -30.20 5.22
CA PRO D 147 -15.37 -29.74 6.59
C PRO D 147 -16.17 -28.45 6.61
N ASN D 148 -17.09 -28.36 7.56
CA ASN D 148 -17.87 -27.13 7.68
C ASN D 148 -17.00 -25.93 8.06
N MET D 149 -15.98 -26.16 8.89
CA MET D 149 -15.14 -25.10 9.41
C MET D 149 -13.76 -25.65 9.71
N VAL D 150 -12.73 -24.89 9.33
CA VAL D 150 -11.34 -25.21 9.62
C VAL D 150 -10.75 -24.00 10.33
N ILE D 151 -10.20 -24.22 11.53
CA ILE D 151 -9.73 -23.16 12.39
C ILE D 151 -8.30 -23.51 12.76
N VAL D 152 -7.34 -22.74 12.26
CA VAL D 152 -5.91 -23.03 12.44
C VAL D 152 -5.31 -21.99 13.38
N ASP D 153 -4.80 -22.43 14.53
CA ASP D 153 -4.15 -21.53 15.49
C ASP D 153 -2.66 -21.43 15.16
N THR D 154 -2.25 -20.26 14.66
CA THR D 154 -0.88 -20.11 14.19
C THR D 154 0.12 -20.13 15.35
N LYS D 155 -0.29 -19.71 16.55
CA LYS D 155 0.61 -19.80 17.70
C LYS D 155 0.82 -21.24 18.14
N ILE D 156 -0.23 -22.06 18.06
CA ILE D 156 -0.06 -23.48 18.32
C ILE D 156 0.86 -24.09 17.27
N VAL D 157 0.61 -23.81 15.99
CA VAL D 157 1.46 -24.41 14.96
C VAL D 157 2.92 -23.96 15.11
N ALA D 158 3.15 -22.73 15.58
CA ALA D 158 4.52 -22.26 15.73
C ALA D 158 5.26 -23.02 16.84
N GLY D 159 4.52 -23.57 17.80
CA GLY D 159 5.12 -24.34 18.88
C GLY D 159 5.47 -25.78 18.52
N ALA D 160 4.93 -26.28 17.41
CA ALA D 160 5.24 -27.62 16.95
C ALA D 160 6.68 -27.70 16.43
N PRO D 161 7.21 -28.91 16.27
CA PRO D 161 8.56 -29.06 15.70
C PRO D 161 8.63 -28.58 14.26
N ALA D 162 9.61 -27.71 14.00
CA ALA D 162 9.80 -27.15 12.66
C ALA D 162 9.84 -28.22 11.57
N ARG D 163 10.35 -29.42 11.86
CA ARG D 163 10.39 -30.44 10.82
C ARG D 163 9.00 -30.71 10.27
N LEU D 164 7.96 -30.49 11.07
CA LEU D 164 6.61 -30.76 10.59
C LEU D 164 6.14 -29.70 9.60
N LEU D 165 6.60 -28.45 9.76
CA LEU D 165 6.30 -27.42 8.78
C LEU D 165 7.00 -27.68 7.45
N ALA D 166 8.25 -28.19 7.47
CA ALA D 166 8.89 -28.58 6.22
C ALA D 166 8.12 -29.69 5.53
N ALA D 167 7.60 -30.65 6.30
CA ALA D 167 6.77 -31.66 5.68
C ALA D 167 5.58 -31.01 4.96
N GLY D 168 4.97 -30.01 5.60
CA GLY D 168 3.86 -29.31 4.95
C GLY D 168 4.28 -28.60 3.67
N ILE D 169 5.45 -27.97 3.68
CA ILE D 169 6.00 -27.32 2.49
C ILE D 169 6.26 -28.34 1.39
N GLY D 170 6.69 -29.55 1.77
CA GLY D 170 6.84 -30.61 0.79
C GLY D 170 5.53 -31.04 0.18
N ASP D 171 4.50 -31.23 0.99
CA ASP D 171 3.22 -31.65 0.43
C ASP D 171 2.62 -30.55 -0.43
N ALA D 172 2.92 -29.29 -0.09
CA ALA D 172 2.30 -28.16 -0.79
C ALA D 172 3.09 -27.80 -2.04
N LEU D 173 4.41 -28.01 -2.04
CA LEU D 173 5.21 -27.74 -3.22
C LEU D 173 4.75 -28.58 -4.41
N ALA D 174 4.16 -29.75 -4.17
CA ALA D 174 3.70 -30.58 -5.27
C ALA D 174 2.43 -30.05 -5.91
N THR D 175 1.69 -29.17 -5.23
CA THR D 175 0.33 -28.82 -5.63
C THR D 175 0.30 -28.22 -7.04
N TRP D 176 1.16 -27.22 -7.28
CA TRP D 176 1.12 -26.52 -8.56
C TRP D 176 1.50 -27.44 -9.71
N PHE D 177 2.55 -28.27 -9.54
CA PHE D 177 2.99 -29.12 -10.65
C PHE D 177 2.00 -30.23 -10.93
N GLU D 178 1.30 -30.71 -9.92
CA GLU D 178 0.32 -31.76 -10.18
C GLU D 178 -0.94 -31.20 -10.81
N ALA D 179 -1.41 -30.04 -10.33
CA ALA D 179 -2.60 -29.43 -10.93
C ALA D 179 -2.30 -28.89 -12.33
N ARG D 180 -1.10 -28.35 -12.53
CA ARG D 180 -0.70 -27.94 -13.88
C ARG D 180 -0.70 -29.11 -14.85
N ALA D 181 -0.15 -30.24 -14.43
CA ALA D 181 -0.12 -31.44 -15.26
C ALA D 181 -1.53 -31.94 -15.58
N CYS D 182 -2.45 -31.83 -14.62
CA CYS D 182 -3.83 -32.24 -14.87
C CYS D 182 -4.52 -31.27 -15.82
N SER D 183 -4.15 -29.98 -15.74
CA SER D 183 -4.70 -29.02 -16.68
C SER D 183 -4.20 -29.28 -18.09
N ARG D 184 -2.93 -29.69 -18.23
CA ARG D 184 -2.35 -29.94 -19.55
C ARG D 184 -2.95 -31.18 -20.20
N SER D 185 -3.42 -32.13 -19.41
CA SER D 185 -3.86 -33.43 -19.91
C SER D 185 -5.38 -33.56 -19.98
N GLY D 186 -6.14 -32.60 -19.46
CA GLY D 186 -7.57 -32.77 -19.35
C GLY D 186 -8.01 -33.75 -18.29
N ALA D 187 -7.19 -33.94 -17.25
CA ALA D 187 -7.52 -34.93 -16.24
C ALA D 187 -8.67 -34.46 -15.38
N THR D 188 -9.52 -35.41 -15.00
CA THR D 188 -10.55 -35.15 -14.02
C THR D 188 -9.89 -35.02 -12.64
N THR D 189 -10.26 -33.95 -11.92
CA THR D 189 -9.82 -33.74 -10.54
C THR D 189 -10.68 -34.56 -9.58
N MET D 190 -10.22 -34.62 -8.32
CA MET D 190 -10.93 -35.34 -7.28
C MET D 190 -12.23 -34.67 -6.86
N ALA D 191 -12.47 -33.43 -7.30
CA ALA D 191 -13.77 -32.82 -7.14
C ALA D 191 -14.76 -33.33 -8.17
N GLY D 192 -14.27 -34.10 -9.17
CA GLY D 192 -15.10 -34.80 -10.12
C GLY D 192 -15.16 -34.17 -11.50
N GLY D 193 -14.63 -32.97 -11.70
CA GLY D 193 -14.68 -32.37 -13.01
C GLY D 193 -13.33 -31.93 -13.52
N LYS D 194 -13.33 -31.02 -14.48
CA LYS D 194 -12.11 -30.42 -15.00
C LYS D 194 -11.69 -29.29 -14.04
N CYS D 195 -10.49 -28.72 -14.28
CA CYS D 195 -9.99 -27.61 -13.46
C CYS D 195 -10.83 -26.36 -13.65
N THR D 196 -11.09 -25.63 -12.54
CA THR D 196 -11.62 -24.28 -12.65
C THR D 196 -10.45 -23.30 -12.74
N GLN D 197 -10.68 -22.15 -13.39
CA GLN D 197 -9.63 -21.13 -13.37
C GLN D 197 -9.20 -20.83 -11.94
N ALA D 198 -10.16 -20.89 -11.00
CA ALA D 198 -9.89 -20.56 -9.60
C ALA D 198 -8.97 -21.59 -8.95
N ALA D 199 -9.21 -22.88 -9.19
CA ALA D 199 -8.36 -23.91 -8.60
C ALA D 199 -6.91 -23.76 -9.04
N LEU D 200 -6.68 -23.48 -10.33
CA LEU D 200 -5.32 -23.32 -10.81
C LEU D 200 -4.67 -22.08 -10.24
N ALA D 201 -5.45 -21.04 -9.91
CA ALA D 201 -4.82 -19.83 -9.38
C ALA D 201 -4.37 -20.02 -7.94
N LEU D 202 -5.14 -20.79 -7.15
CA LEU D 202 -4.73 -21.07 -5.79
C LEU D 202 -3.56 -22.06 -5.77
N ALA D 203 -3.51 -23.00 -6.71
CA ALA D 203 -2.38 -23.93 -6.80
C ALA D 203 -1.09 -23.18 -7.14
N GLU D 204 -1.14 -22.30 -8.14
CA GLU D 204 0.03 -21.48 -8.44
C GLU D 204 0.38 -20.55 -7.28
N LEU D 205 -0.63 -19.91 -6.66
CA LEU D 205 -0.36 -19.06 -5.50
C LEU D 205 0.35 -19.85 -4.39
N CYS D 206 -0.05 -21.10 -4.19
CA CYS D 206 0.63 -21.99 -3.25
C CYS D 206 2.12 -22.09 -3.57
N TYR D 207 2.45 -22.41 -4.83
CA TYR D 207 3.86 -22.53 -5.22
C TYR D 207 4.63 -21.23 -4.99
N ASN D 208 4.09 -20.10 -5.43
CA ASN D 208 4.82 -18.85 -5.26
C ASN D 208 4.93 -18.45 -3.80
N THR D 209 3.93 -18.77 -2.96
CA THR D 209 4.05 -18.47 -1.54
C THR D 209 5.19 -19.25 -0.89
N LEU D 210 5.32 -20.53 -1.22
CA LEU D 210 6.44 -21.29 -0.67
C LEU D 210 7.77 -20.75 -1.16
N LEU D 211 7.85 -20.35 -2.43
CA LEU D 211 9.08 -19.80 -2.98
C LEU D 211 9.53 -18.54 -2.26
N GLU D 212 8.60 -17.60 -2.00
CA GLU D 212 8.93 -16.28 -1.48
C GLU D 212 8.98 -16.23 0.03
N GLU D 213 8.19 -17.07 0.71
CA GLU D 213 8.12 -17.05 2.15
C GLU D 213 8.65 -18.31 2.82
N GLY D 214 9.02 -19.34 2.06
CA GLY D 214 9.36 -20.61 2.66
C GLY D 214 10.47 -20.53 3.69
N GLU D 215 11.63 -20.01 3.28
CA GLU D 215 12.75 -19.92 4.20
C GLU D 215 12.48 -18.92 5.33
N LYS D 216 11.80 -17.81 5.03
CA LYS D 216 11.48 -16.88 6.11
C LYS D 216 10.58 -17.53 7.15
N ALA D 217 9.65 -18.38 6.71
CA ALA D 217 8.76 -19.05 7.66
C ALA D 217 9.53 -20.05 8.51
N MET D 218 10.57 -20.64 7.96
CA MET D 218 11.39 -21.59 8.68
C MET D 218 12.17 -20.93 9.80
N LEU D 219 12.73 -19.73 9.56
CA LEU D 219 13.36 -19.00 10.64
C LEU D 219 12.42 -18.88 11.84
N ALA D 220 11.19 -18.45 11.61
CA ALA D 220 10.21 -18.35 12.69
C ALA D 220 9.85 -19.70 13.29
N ALA D 221 9.68 -20.73 12.46
CA ALA D 221 9.25 -22.04 12.96
C ALA D 221 10.25 -22.62 13.95
N GLU D 222 11.55 -22.50 13.67
CA GLU D 222 12.58 -23.01 14.57
C GLU D 222 12.72 -22.18 15.85
N GLN D 223 12.35 -20.89 15.84
CA GLN D 223 12.25 -20.10 17.07
C GLN D 223 10.87 -20.19 17.73
N HIS D 224 9.94 -20.89 17.10
CA HIS D 224 8.58 -21.08 17.64
C HIS D 224 7.89 -19.75 17.91
N VAL D 225 7.91 -18.87 16.91
CA VAL D 225 7.28 -17.57 17.00
C VAL D 225 6.46 -17.37 15.72
N VAL D 226 5.50 -16.47 15.77
CA VAL D 226 4.63 -16.20 14.63
C VAL D 226 5.05 -14.87 14.03
N THR D 227 5.37 -14.90 12.74
CA THR D 227 5.66 -13.77 11.85
C THR D 227 4.72 -13.88 10.65
N PRO D 228 4.50 -12.78 9.93
CA PRO D 228 3.65 -12.85 8.73
C PRO D 228 4.08 -13.93 7.72
N ALA D 229 5.38 -14.13 7.51
CA ALA D 229 5.83 -15.18 6.61
C ALA D 229 5.34 -16.54 7.07
N LEU D 230 5.39 -16.79 8.39
CA LEU D 230 4.88 -18.06 8.89
C LEU D 230 3.39 -18.21 8.62
N GLU D 231 2.59 -17.14 8.82
CA GLU D 231 1.16 -17.23 8.57
C GLU D 231 0.87 -17.53 7.10
N ARG D 232 1.66 -16.95 6.19
CA ARG D 232 1.42 -17.18 4.78
C ARG D 232 1.71 -18.63 4.41
N VAL D 233 2.77 -19.22 4.96
CA VAL D 233 3.09 -20.60 4.63
C VAL D 233 2.06 -21.55 5.24
N ILE D 234 1.56 -21.21 6.43
CA ILE D 234 0.51 -22.02 7.04
C ILE D 234 -0.72 -22.04 6.14
N GLU D 235 -1.09 -20.88 5.59
CA GLU D 235 -2.23 -20.83 4.69
C GLU D 235 -1.96 -21.62 3.41
N ALA D 236 -0.73 -21.55 2.90
CA ALA D 236 -0.39 -22.32 1.71
C ALA D 236 -0.36 -23.82 2.00
N ASN D 237 0.12 -24.20 3.19
CA ASN D 237 0.19 -25.60 3.59
C ASN D 237 -1.20 -26.19 3.82
N THR D 238 -2.13 -25.37 4.31
CA THR D 238 -3.46 -25.85 4.67
C THR D 238 -4.52 -25.58 3.60
N TYR D 239 -4.84 -24.30 3.35
CA TYR D 239 -5.99 -23.98 2.49
C TYR D 239 -5.64 -24.05 1.00
N LEU D 240 -4.57 -23.35 0.59
CA LEU D 240 -4.16 -23.34 -0.81
C LEU D 240 -3.76 -24.72 -1.30
N SER D 241 -3.04 -25.49 -0.47
CA SER D 241 -2.66 -26.84 -0.83
C SER D 241 -3.86 -27.78 -0.85
N GLY D 242 -4.77 -27.63 0.12
CA GLY D 242 -5.91 -28.53 0.21
C GLY D 242 -6.88 -28.34 -0.92
N VAL D 243 -7.22 -27.09 -1.23
CA VAL D 243 -8.12 -26.86 -2.36
C VAL D 243 -7.40 -27.12 -3.68
N GLY D 244 -6.14 -26.69 -3.78
CA GLY D 244 -5.43 -26.85 -5.04
C GLY D 244 -5.24 -28.30 -5.42
N PHE D 245 -4.92 -29.16 -4.46
CA PHE D 245 -4.76 -30.56 -4.79
C PHE D 245 -6.10 -31.25 -5.11
N GLU D 246 -7.15 -30.91 -4.38
CA GLU D 246 -8.38 -31.66 -4.53
C GLU D 246 -9.16 -31.19 -5.76
N SER D 247 -9.15 -29.88 -6.05
CA SER D 247 -9.85 -29.34 -7.21
C SER D 247 -8.92 -28.98 -8.35
N GLY D 248 -7.60 -29.06 -8.15
CA GLY D 248 -6.68 -28.84 -9.24
C GLY D 248 -6.20 -30.14 -9.87
N GLY D 249 -6.09 -31.18 -9.07
CA GLY D 249 -5.68 -32.47 -9.59
C GLY D 249 -4.43 -33.04 -8.96
N LEU D 250 -4.35 -34.37 -8.94
CA LEU D 250 -3.18 -35.10 -8.50
C LEU D 250 -2.48 -35.72 -9.72
N ALA D 251 -1.17 -35.88 -9.64
CA ALA D 251 -0.48 -36.52 -10.76
C ALA D 251 0.63 -37.45 -10.32
N ALA D 252 1.84 -37.25 -10.85
CA ALA D 252 2.87 -38.23 -10.60
C ALA D 252 3.52 -38.04 -9.23
N ALA D 253 3.49 -36.82 -8.69
CA ALA D 253 4.22 -36.58 -7.44
C ALA D 253 3.64 -37.41 -6.29
N HIS D 254 2.31 -37.53 -6.22
CA HIS D 254 1.70 -38.36 -5.17
C HIS D 254 1.68 -39.84 -5.50
N ALA D 255 1.64 -40.20 -6.79
CA ALA D 255 1.78 -41.60 -7.16
C ALA D 255 3.16 -42.13 -6.76
N VAL D 256 4.21 -41.34 -6.99
CA VAL D 256 5.55 -41.74 -6.58
C VAL D 256 5.68 -41.75 -5.05
N HIS D 257 4.96 -40.84 -4.36
CA HIS D 257 4.92 -40.92 -2.90
C HIS D 257 4.29 -42.22 -2.46
N ASN D 258 3.23 -42.62 -3.14
CA ASN D 258 2.49 -43.82 -2.79
C ASN D 258 3.31 -45.06 -3.07
N GLY D 259 4.12 -45.03 -4.12
CA GLY D 259 5.04 -46.13 -4.35
C GLY D 259 6.15 -46.17 -3.33
N LEU D 260 6.65 -45.01 -2.91
CA LEU D 260 7.68 -44.99 -1.88
C LEU D 260 7.23 -45.65 -0.58
N THR D 261 5.94 -45.91 -0.41
CA THR D 261 5.44 -46.59 0.76
C THR D 261 5.36 -48.11 0.58
N ALA D 262 5.49 -48.60 -0.66
CA ALA D 262 5.52 -50.04 -0.92
C ALA D 262 6.83 -50.69 -0.48
N ILE D 263 7.84 -49.89 -0.18
CA ILE D 263 9.10 -50.40 0.36
C ILE D 263 9.23 -49.92 1.80
N PRO D 264 9.94 -50.64 2.67
CA PRO D 264 9.98 -50.27 4.09
C PRO D 264 11.03 -49.24 4.46
N ASP D 265 11.93 -48.83 3.57
CA ASP D 265 13.12 -48.09 4.01
C ASP D 265 12.78 -46.72 4.60
N ALA D 266 11.72 -46.08 4.10
CA ALA D 266 11.42 -44.70 4.43
C ALA D 266 10.18 -44.56 5.31
N HIS D 267 9.88 -45.57 6.12
CA HIS D 267 8.71 -45.50 6.98
C HIS D 267 8.87 -44.47 8.08
N HIS D 268 10.10 -44.11 8.45
CA HIS D 268 10.37 -43.16 9.51
C HIS D 268 10.42 -41.73 9.02
N TYR D 269 9.94 -41.48 7.80
CA TYR D 269 9.87 -40.14 7.22
C TYR D 269 8.42 -39.76 7.01
N TYR D 270 8.16 -38.46 7.10
CA TYR D 270 6.79 -37.97 7.07
C TYR D 270 6.23 -37.99 5.66
N HIS D 271 4.91 -37.80 5.56
CA HIS D 271 4.22 -37.78 4.28
C HIS D 271 4.84 -36.79 3.31
N GLY D 272 4.84 -35.50 3.64
CA GLY D 272 5.38 -34.48 2.76
C GLY D 272 6.88 -34.59 2.53
N GLU D 273 7.59 -35.34 3.38
CA GLU D 273 9.00 -35.58 3.10
C GLU D 273 9.19 -36.53 1.91
N LYS D 274 8.26 -37.45 1.71
CA LYS D 274 8.36 -38.33 0.55
C LYS D 274 7.74 -37.70 -0.68
N VAL D 275 6.70 -36.88 -0.51
CA VAL D 275 6.17 -36.12 -1.64
C VAL D 275 7.26 -35.24 -2.22
N ALA D 276 8.09 -34.62 -1.37
CA ALA D 276 9.19 -33.79 -1.87
C ALA D 276 9.99 -34.52 -2.95
N PHE D 277 10.28 -35.81 -2.75
CA PHE D 277 11.01 -36.53 -3.77
C PHE D 277 10.13 -36.93 -4.96
N GLY D 278 8.83 -37.15 -4.75
CA GLY D 278 7.92 -37.40 -5.86
C GLY D 278 7.73 -36.19 -6.77
N THR D 279 7.79 -34.96 -6.22
CA THR D 279 7.76 -33.79 -7.07
C THR D 279 8.96 -33.77 -8.02
N LEU D 280 10.19 -33.90 -7.49
CA LEU D 280 11.37 -33.95 -8.36
C LEU D 280 11.25 -35.07 -9.40
N THR D 281 10.80 -36.25 -8.98
CA THR D 281 10.58 -37.33 -9.94
C THR D 281 9.66 -36.86 -11.07
N GLN D 282 8.54 -36.21 -10.74
CA GLN D 282 7.60 -35.78 -11.78
C GLN D 282 8.24 -34.74 -12.70
N LEU D 283 9.05 -33.84 -12.14
CA LEU D 283 9.71 -32.86 -12.98
C LEU D 283 10.70 -33.53 -13.94
N VAL D 284 11.33 -34.64 -13.54
CA VAL D 284 12.13 -35.38 -14.51
C VAL D 284 11.22 -36.09 -15.50
N LEU D 285 10.17 -36.73 -15.00
CA LEU D 285 9.24 -37.49 -15.83
C LEU D 285 8.66 -36.64 -16.97
N GLU D 286 8.16 -35.45 -16.63
CA GLU D 286 7.62 -34.50 -17.60
C GLU D 286 8.67 -33.61 -18.24
N ASN D 287 9.95 -33.80 -17.94
CA ASN D 287 11.01 -33.02 -18.56
C ASN D 287 10.75 -31.53 -18.38
N ALA D 288 10.66 -31.13 -17.12
CA ALA D 288 10.58 -29.72 -16.78
C ALA D 288 11.91 -29.04 -17.11
N PRO D 289 11.87 -27.77 -17.48
CA PRO D 289 13.12 -27.03 -17.74
C PRO D 289 14.06 -27.05 -16.55
N VAL D 290 15.36 -26.89 -16.84
CA VAL D 290 16.36 -27.01 -15.77
C VAL D 290 16.17 -25.91 -14.72
N GLU D 291 15.84 -24.69 -15.14
CA GLU D 291 15.64 -23.63 -14.16
C GLU D 291 14.49 -23.94 -13.23
N GLU D 292 13.47 -24.64 -13.71
CA GLU D 292 12.35 -25.04 -12.86
C GLU D 292 12.76 -26.14 -11.88
N ILE D 293 13.48 -27.17 -12.34
CA ILE D 293 13.93 -28.24 -11.45
C ILE D 293 14.87 -27.67 -10.38
N GLU D 294 15.85 -26.87 -10.79
CA GLU D 294 16.79 -26.33 -9.81
C GLU D 294 16.07 -25.50 -8.74
N THR D 295 15.11 -24.67 -9.17
CA THR D 295 14.35 -23.85 -8.22
C THR D 295 13.62 -24.72 -7.20
N VAL D 296 13.00 -25.80 -7.66
CA VAL D 296 12.30 -26.70 -6.73
C VAL D 296 13.28 -27.48 -5.87
N ALA D 297 14.37 -27.98 -6.47
CA ALA D 297 15.41 -28.67 -5.72
C ALA D 297 16.06 -27.77 -4.66
N ALA D 298 16.29 -26.49 -4.99
CA ALA D 298 16.99 -25.60 -4.04
C ALA D 298 16.09 -25.24 -2.86
N LEU D 299 14.83 -24.84 -3.14
CA LEU D 299 13.91 -24.58 -2.05
C LEU D 299 13.76 -25.80 -1.14
N SER D 300 13.65 -27.00 -1.75
CA SER D 300 13.45 -28.21 -0.97
C SER D 300 14.62 -28.47 -0.03
N HIS D 301 15.85 -28.33 -0.54
CA HIS D 301 17.03 -28.45 0.30
C HIS D 301 17.11 -27.32 1.34
N ALA D 302 16.61 -26.13 1.02
CA ALA D 302 16.68 -25.02 1.99
C ALA D 302 15.83 -25.29 3.22
N VAL D 303 14.72 -26.00 3.09
CA VAL D 303 13.85 -26.27 4.24
C VAL D 303 14.09 -27.67 4.81
N GLY D 304 15.12 -28.37 4.33
CA GLY D 304 15.49 -29.64 4.90
C GLY D 304 14.79 -30.85 4.32
N LEU D 305 14.15 -30.72 3.18
CA LEU D 305 13.46 -31.83 2.56
C LEU D 305 14.45 -32.68 1.74
N PRO D 306 14.17 -33.97 1.59
CA PRO D 306 15.09 -34.82 0.80
C PRO D 306 14.96 -34.57 -0.70
N ILE D 307 16.12 -34.47 -1.37
CA ILE D 307 16.18 -34.42 -2.82
C ILE D 307 16.95 -35.59 -3.43
N THR D 308 17.27 -36.60 -2.60
CA THR D 308 17.92 -37.85 -3.02
C THR D 308 17.25 -39.00 -2.29
N LEU D 309 17.49 -40.22 -2.79
CA LEU D 309 16.94 -41.43 -2.17
C LEU D 309 17.65 -41.80 -0.87
N ALA D 310 18.93 -41.46 -0.70
CA ALA D 310 19.61 -41.74 0.56
C ALA D 310 19.07 -40.88 1.70
N GLN D 311 18.54 -39.68 1.40
CA GLN D 311 17.93 -38.86 2.44
C GLN D 311 16.58 -39.43 2.90
N LEU D 312 16.04 -40.43 2.21
CA LEU D 312 14.90 -41.19 2.68
C LEU D 312 15.33 -42.56 3.19
N ASP D 313 16.63 -42.76 3.44
CA ASP D 313 17.21 -44.00 3.96
C ASP D 313 17.04 -45.17 3.01
N ILE D 314 17.10 -44.90 1.71
CA ILE D 314 17.15 -45.92 0.67
C ILE D 314 18.57 -45.90 0.12
N LYS D 315 19.43 -46.80 0.63
CA LYS D 315 20.83 -46.82 0.27
C LYS D 315 21.30 -48.16 -0.29
N GLU D 316 20.45 -49.19 -0.29
CA GLU D 316 20.85 -50.52 -0.75
C GLU D 316 19.73 -51.16 -1.55
N ASP D 317 20.13 -51.90 -2.59
CA ASP D 317 19.21 -52.57 -3.50
C ASP D 317 18.28 -51.57 -4.18
N VAL D 318 18.89 -50.45 -4.57
CA VAL D 318 18.11 -49.33 -5.10
C VAL D 318 17.36 -49.69 -6.38
N PRO D 319 17.97 -50.31 -7.40
CA PRO D 319 17.18 -50.60 -8.60
C PRO D 319 16.02 -51.53 -8.31
N ALA D 320 16.25 -52.59 -7.54
CA ALA D 320 15.18 -53.54 -7.26
C ALA D 320 14.05 -52.87 -6.49
N LYS D 321 14.41 -52.00 -5.53
CA LYS D 321 13.41 -51.24 -4.79
C LYS D 321 12.70 -50.22 -5.68
N MET D 322 13.46 -49.50 -6.53
CA MET D 322 12.82 -48.53 -7.41
C MET D 322 11.90 -49.20 -8.41
N ARG D 323 12.19 -50.44 -8.80
CA ARG D 323 11.23 -51.13 -9.64
C ARG D 323 9.92 -51.38 -8.90
N ILE D 324 9.97 -51.60 -7.57
CA ILE D 324 8.74 -51.80 -6.82
C ILE D 324 7.95 -50.51 -6.74
N VAL D 325 8.62 -49.42 -6.35
CA VAL D 325 8.03 -48.09 -6.32
C VAL D 325 7.39 -47.75 -7.66
N ALA D 326 8.13 -47.96 -8.76
CA ALA D 326 7.59 -47.63 -10.07
C ALA D 326 6.34 -48.43 -10.38
N GLU D 327 6.36 -49.74 -10.09
CA GLU D 327 5.21 -50.57 -10.41
C GLU D 327 4.00 -50.20 -9.56
N ALA D 328 4.24 -49.87 -8.29
CA ALA D 328 3.18 -49.39 -7.41
C ALA D 328 2.62 -48.06 -7.91
N ALA D 329 3.51 -47.17 -8.37
CA ALA D 329 3.07 -45.83 -8.76
C ALA D 329 2.18 -45.88 -10.00
N CYS D 330 2.34 -46.90 -10.86
CA CYS D 330 1.56 -47.05 -12.07
C CYS D 330 0.38 -47.99 -11.90
N ALA D 331 0.09 -48.42 -10.67
CA ALA D 331 -1.00 -49.35 -10.42
C ALA D 331 -2.33 -48.76 -10.90
N GLU D 332 -3.30 -49.64 -11.15
CA GLU D 332 -4.60 -49.16 -11.61
C GLU D 332 -5.24 -48.28 -10.53
N GLY D 333 -5.82 -47.16 -10.98
CA GLY D 333 -6.42 -46.20 -10.08
C GLY D 333 -5.47 -45.15 -9.54
N GLU D 334 -4.18 -45.30 -9.78
CA GLU D 334 -3.24 -44.28 -9.35
C GLU D 334 -3.32 -43.09 -10.29
N THR D 335 -2.89 -41.94 -9.77
CA THR D 335 -3.01 -40.65 -10.43
C THR D 335 -1.90 -40.37 -11.42
N ILE D 336 -0.90 -41.25 -11.55
CA ILE D 336 0.14 -41.01 -12.53
C ILE D 336 -0.41 -41.03 -13.95
N HIS D 337 -1.56 -41.66 -14.17
CA HIS D 337 -2.12 -41.70 -15.52
C HIS D 337 -2.70 -40.37 -15.95
N ASN D 338 -2.70 -39.37 -15.07
CA ASN D 338 -3.07 -38.00 -15.37
C ASN D 338 -1.95 -37.19 -15.99
N MET D 339 -0.74 -37.74 -16.10
CA MET D 339 0.31 -37.02 -16.77
C MET D 339 0.00 -36.96 -18.26
N PRO D 340 0.35 -35.86 -18.93
CA PRO D 340 0.20 -35.83 -20.39
C PRO D 340 0.92 -37.02 -21.03
N GLY D 341 0.16 -37.79 -21.80
CA GLY D 341 0.69 -38.96 -22.45
C GLY D 341 0.80 -40.17 -21.55
N GLY D 342 0.49 -40.04 -20.27
CA GLY D 342 0.56 -41.14 -19.34
C GLY D 342 1.98 -41.40 -18.88
N ALA D 343 2.16 -42.56 -18.28
CA ALA D 343 3.49 -42.95 -17.78
C ALA D 343 3.53 -44.46 -17.65
N THR D 344 4.50 -45.08 -18.32
CA THR D 344 4.76 -46.51 -18.13
C THR D 344 5.67 -46.71 -16.94
N PRO D 345 5.63 -47.89 -16.30
CA PRO D 345 6.54 -48.10 -15.15
C PRO D 345 7.99 -48.05 -15.57
N ASP D 346 8.32 -48.44 -16.79
CA ASP D 346 9.69 -48.23 -17.27
C ASP D 346 10.08 -46.75 -17.19
N GLN D 347 9.13 -45.84 -17.50
CA GLN D 347 9.46 -44.41 -17.53
C GLN D 347 9.52 -43.81 -16.13
N VAL D 348 8.68 -44.32 -15.21
CA VAL D 348 8.75 -43.88 -13.82
C VAL D 348 10.02 -44.41 -13.18
N TYR D 349 10.39 -45.67 -13.49
CA TYR D 349 11.67 -46.20 -13.03
C TYR D 349 12.80 -45.27 -13.47
N ALA D 350 12.85 -44.97 -14.78
CA ALA D 350 13.83 -44.03 -15.32
C ALA D 350 13.86 -42.74 -14.51
N ALA D 351 12.69 -42.14 -14.30
CA ALA D 351 12.60 -40.84 -13.64
C ALA D 351 13.10 -40.90 -12.21
N LEU D 352 12.88 -42.02 -11.51
CA LEU D 352 13.37 -42.16 -10.14
C LEU D 352 14.89 -42.15 -10.10
N LEU D 353 15.53 -42.95 -10.96
CA LEU D 353 16.98 -43.00 -10.94
C LEU D 353 17.59 -41.67 -11.37
N VAL D 354 17.02 -41.03 -12.39
CA VAL D 354 17.59 -39.77 -12.86
C VAL D 354 17.34 -38.65 -11.85
N ALA D 355 16.15 -38.63 -11.24
CA ALA D 355 15.91 -37.60 -10.22
C ALA D 355 16.91 -37.74 -9.08
N ASP D 356 17.12 -38.98 -8.59
CA ASP D 356 18.09 -39.20 -7.52
C ASP D 356 19.49 -38.74 -7.93
N GLN D 357 19.89 -39.01 -9.18
CA GLN D 357 21.17 -38.50 -9.66
C GLN D 357 21.23 -36.97 -9.60
N TYR D 358 20.16 -36.30 -10.06
CA TYR D 358 20.12 -34.84 -10.06
C TYR D 358 20.36 -34.28 -8.65
N GLY D 359 19.65 -34.82 -7.66
CA GLY D 359 19.81 -34.35 -6.30
C GLY D 359 21.21 -34.57 -5.75
N GLN D 360 21.80 -35.73 -6.06
CA GLN D 360 23.18 -35.97 -5.62
C GLN D 360 24.10 -34.90 -6.18
N ARG D 361 23.90 -34.51 -7.44
CA ARG D 361 24.76 -33.48 -8.01
C ARG D 361 24.42 -32.12 -7.46
N PHE D 362 23.14 -31.85 -7.17
CA PHE D 362 22.78 -30.56 -6.60
C PHE D 362 23.44 -30.36 -5.24
N LEU D 363 23.44 -31.40 -4.41
CA LEU D 363 24.09 -31.33 -3.10
C LEU D 363 25.61 -31.17 -3.23
N GLN D 364 26.17 -31.54 -4.36
CA GLN D 364 27.61 -31.44 -4.59
C GLN D 364 27.94 -30.13 -5.32
N GLU D 365 27.70 -30.10 -6.63
CA GLU D 365 28.18 -29.04 -7.51
C GLU D 365 27.31 -27.79 -7.58
N TRP D 366 26.05 -27.85 -7.19
CA TRP D 366 25.10 -26.77 -7.47
C TRP D 366 24.60 -26.04 -6.22
N GLU D 367 25.17 -26.31 -5.05
CA GLU D 367 24.83 -25.56 -3.85
C GLU D 367 26.00 -24.64 -3.51
#